data_8JD6
#
_entry.id   8JD6
#
_cell.length_a   1.00
_cell.length_b   1.00
_cell.length_c   1.00
_cell.angle_alpha   90.00
_cell.angle_beta   90.00
_cell.angle_gamma   90.00
#
_symmetry.space_group_name_H-M   'P 1'
#
loop_
_entity.id
_entity.type
_entity.pdbx_description
1 polymer 'Metabotropic glutamate receptor 4'
2 polymer scFv
3 polymer 'Guanine nucleotide-binding protein G(I)/G(S)/G(O) subunit gamma-2'
4 polymer 'Guanine nucleotide-binding protein G(I)/G(S)/G(T) subunit beta-1'
5 polymer 'Guanine nucleotide-binding protein G(i) subunit alpha-3'
6 non-polymer N-(3-chlorophenyl)pyridine-2-carboxamide
7 non-polymer PHOSPHOSERINE
#
loop_
_entity_poly.entity_id
_entity_poly.type
_entity_poly.pdbx_seq_one_letter_code
_entity_poly.pdbx_strand_id
1 'polypeptide(L)'
;DYKDDDDGAPKPKGHPHMNSIRIDGDITLGGLFPVHGRGSEGKPCGELKKEKGIHRLEAMLFALDRINNDPDLLPNITLG
ARILDTCSRDTHALEQSLTFVQALIEKDGTEVRCGSGGPPIITKPERVVGVIGASGSSVSIMVANILRLFKIPQISYAST
APDLSDNSRYDFFSRVVPSDTYQAQAMVDIVRALKWNYVSTVASEGSYGESGVEAFIQKSREDGGVCIAQSVKIPREPKA
GEFDKIIRRLLETSNARAVIIFANEDDIRRVLEAARRANQTGHFFWMGSDSWGSKIAPVLHLEEVAEGAVTILPKRMSVR
GFDRYFSSRTLDNNRRNIWFAEFWEDNFHCKLSRHALKKGSHVKKCTNRERIGQDSAYEQEGKVQFVIDAVYAMGHALHA
MHRDLCPGRVGLCPRMDPVDGTQLLKYIRNVNFSGIAGNPVTFNENGDAPGRYDIYQYQLRNDSAEYKVIGSWTDHLHLR
IERMHWPGSGQQLPRSICSLPCQPGERKKTVKGMPCCWHCEPCTGYQYQVDRYTCKTCPYDMRPTENRTGCRPIPIIKLE
WGSPWAVLPLFLAVVGIAATLFVVITFVRYNDTPIVKASGRELSYVLLAGIFLCYATTFLMIAEPDLGTCSLRRIFLGLG
MSISYAALLTKTNRIYRIFEQGKRSVSAPRFISPASQLAITFSLISLQLLGICVWFVVDPSHSVVDFQDQRTLDPRFARG
VLKCDISDLSLICLLGYSMLLMVTCTVYAIKTRGVPETFNEAKPIGFTMYTTCIVWLAFIPIFFGTSQSADKLYIQTTTL
TVSVSLSASVSLGMLYMPKVYIILFHPEQNVPKRKRSLKAVVTAATMSNKFTQKGNFRPNGEAKSELCENLEAPALATKQ
TYVTYTNHAI
;
S,R
2 'polypeptide(L)'
;DVQLVESGGGLVQPGGSRKLSCSASGFAFSSFGMHWVRQAPEKGLEWVAYISSGSGTIYYADTVKGRFTISRDDPKNTLF
LQMTSLRSEDTAMYYCVRSIYYYGSSPFDFWGQGTTLTVSSGGGGSGGGGSGGGGSDIVMTQATSSVPVTPGESVSISCR
SSKSLLHSNGNTYLYWFLQRPGQSPQLLIYRMSNLASGVPDRFSGSGSGTAFTLTISRLEAEDVGVYYCMQHLEYPLTFG
AGTKLELKAAALEVLFQ
;
D
3 'polypeptide(L)' MASNNTASIAQARKLVEQLKMEANIDRIKVSKAAADLMAYCEAHAKEDPLLTPVPASENPFREKKFFCAIL C
4 'polypeptide(L)'
;MHHHHHHGSLLQSELDQLRQEAEQLKNQIRDARKACADATLSQITNNIDPVGRIQMRTRRTLRGHLAKIYAMHWGTDSRL
LVSASQDGKLIIWDSYTTNKVHAIPLRSSWVMTCAYAPSGNYVACGGLDNICSIYNLKTREGNVRVSRELAGHTGYLSCC
RFLDDNQIVTSSGDTTCALWDIETGQQTTTFTGHTGDVMSLSLAPDTRLFVSGACDASAKLWDVREGMCRQTFTGHESDI
NAICFFPNGNAFATGSDDATCRLFDLRADQELMTYSHDNIICGITSVSFSKSGRLLLAGYDDFNCNVWDALKADRAGVLA
GHDNRVSCLGVTDDGMAVATGSWDSFLKIWN
;
B
5 'polypeptide(L)'
;MGCTLSAEDKAAVERSKMIDRNLREDGEKAAKEVKLLLLGAGESGKNTIVKQMKIIHEDGYSEDECKQYKVVVYSNTIQS
IIAIIRAMGRLKIDFGEAARADDARQLFVLAGSAEEGVMTPELAGVIKRLWRDGGVQACFSRSREYQLNDSASYYLNDLD
RISQSNYIPTQQDVLRTRVKTTGIVETHFTDKDLYFKMFDVGAQRSERKKWIHCFEGVTAIIFCVALSDYDLVLAEDEEM
NRMHASMKLFDSICNNKWFTETSIILFLNKKDLFEEKIKRSPLTICYPEYTGSNTYEEAAAYIQCQFEDLNRRKDTKEIY
THFTCSTDTKNVQFVFDAVTDVIIKNNLKECGLY
;
A
#
loop_
_chem_comp.id
_chem_comp.type
_chem_comp.name
_chem_comp.formula
BK0 non-polymer N-(3-chlorophenyl)pyridine-2-carboxamide 'C12 H9 Cl N2 O'
#
# COMPACT_ATOMS: atom_id res chain seq x y z
N ASN A 19 53.48 -69.67 -30.31
CA ASN A 19 54.38 -69.96 -31.43
C ASN A 19 53.70 -69.68 -32.77
N SER A 20 53.44 -70.75 -33.52
CA SER A 20 52.81 -70.62 -34.83
C SER A 20 52.08 -71.92 -35.15
N ILE A 21 51.18 -71.85 -36.13
CA ILE A 21 50.41 -73.00 -36.59
C ILE A 21 50.84 -73.29 -38.02
N ARG A 22 51.30 -74.52 -38.26
CA ARG A 22 51.75 -74.95 -39.58
C ARG A 22 51.02 -76.22 -39.98
N ILE A 23 50.40 -76.19 -41.15
CA ILE A 23 49.72 -77.36 -41.71
C ILE A 23 50.22 -77.54 -43.14
N ASP A 24 50.78 -78.71 -43.42
CA ASP A 24 51.27 -79.02 -44.76
C ASP A 24 50.11 -79.25 -45.71
N GLY A 25 50.25 -78.77 -46.95
CA GLY A 25 49.22 -78.94 -47.94
C GLY A 25 49.71 -78.50 -49.30
N ASP A 26 48.91 -78.84 -50.31
CA ASP A 26 49.23 -78.49 -51.68
C ASP A 26 49.01 -76.99 -51.85
N ILE A 27 47.79 -76.53 -51.61
CA ILE A 27 47.45 -75.11 -51.71
C ILE A 27 47.34 -74.60 -50.27
N THR A 28 48.40 -73.96 -49.81
CA THR A 28 48.48 -73.47 -48.44
C THR A 28 47.84 -72.10 -48.32
N LEU A 29 47.16 -71.87 -47.20
CA LEU A 29 46.58 -70.57 -46.88
C LEU A 29 47.12 -70.10 -45.54
N GLY A 30 46.79 -68.86 -45.19
CA GLY A 30 47.24 -68.27 -43.93
C GLY A 30 46.31 -67.19 -43.41
N GLY A 31 46.70 -66.56 -42.32
CA GLY A 31 45.88 -65.51 -41.73
C GLY A 31 46.56 -64.91 -40.52
N LEU A 32 46.01 -63.80 -40.08
CA LEU A 32 46.48 -63.09 -38.90
C LEU A 32 45.34 -63.01 -37.89
N PHE A 33 45.62 -63.38 -36.64
CA PHE A 33 44.59 -63.36 -35.62
C PHE A 33 45.11 -62.69 -34.35
N PRO A 34 44.28 -61.88 -33.68
CA PRO A 34 44.70 -61.24 -32.43
C PRO A 34 44.55 -62.18 -31.24
N VAL A 35 45.42 -63.18 -31.18
CA VAL A 35 45.37 -64.15 -30.09
C VAL A 35 45.66 -63.47 -28.75
N HIS A 36 46.68 -62.62 -28.72
CA HIS A 36 47.03 -61.89 -27.52
C HIS A 36 46.52 -60.45 -27.61
N GLY A 37 46.90 -59.63 -26.63
CA GLY A 37 46.50 -58.24 -26.58
C GLY A 37 47.70 -57.31 -26.50
N ARG A 38 47.39 -56.01 -26.47
CA ARG A 38 48.43 -55.00 -26.40
C ARG A 38 49.11 -55.03 -25.03
N GLY A 39 50.45 -55.07 -25.04
CA GLY A 39 51.19 -55.06 -23.80
C GLY A 39 51.38 -53.67 -23.24
N SER A 40 51.76 -53.62 -21.96
CA SER A 40 52.00 -52.34 -21.31
C SER A 40 53.24 -51.66 -21.88
N GLU A 41 54.34 -52.39 -21.98
CA GLU A 41 55.59 -51.84 -22.52
C GLU A 41 56.47 -52.98 -22.98
N GLY A 42 57.45 -52.63 -23.81
CA GLY A 42 58.36 -53.65 -24.32
C GLY A 42 57.64 -54.68 -25.16
N LYS A 43 57.86 -55.95 -24.84
CA LYS A 43 57.18 -57.02 -25.54
C LYS A 43 55.68 -56.95 -25.28
N PRO A 44 54.85 -57.10 -26.32
CA PRO A 44 53.39 -57.03 -26.11
C PRO A 44 52.86 -58.23 -25.35
N CYS A 45 53.14 -58.28 -24.05
CA CYS A 45 52.68 -59.37 -23.20
C CYS A 45 51.31 -59.03 -22.61
N GLY A 46 50.36 -58.83 -23.52
CA GLY A 46 49.01 -58.54 -23.13
C GLY A 46 48.25 -59.78 -22.70
N GLU A 47 47.12 -59.56 -22.04
CA GLU A 47 46.28 -60.66 -21.59
C GLU A 47 45.72 -61.41 -22.80
N LEU A 48 45.61 -62.73 -22.66
CA LEU A 48 45.07 -63.56 -23.73
C LEU A 48 43.61 -63.21 -23.98
N LYS A 49 43.25 -63.08 -25.25
CA LYS A 49 41.90 -62.76 -25.66
C LYS A 49 41.29 -64.03 -26.27
N LYS A 50 40.24 -64.53 -25.64
CA LYS A 50 39.62 -65.78 -26.09
C LYS A 50 38.44 -65.53 -27.01
N GLU A 51 37.71 -64.44 -26.79
CA GLU A 51 36.46 -64.21 -27.53
C GLU A 51 36.71 -64.01 -29.02
N LYS A 52 37.71 -63.22 -29.39
CA LYS A 52 37.93 -62.88 -30.79
C LYS A 52 39.03 -63.72 -31.43
N GLY A 53 40.24 -63.72 -30.85
CA GLY A 53 41.34 -64.43 -31.49
C GLY A 53 41.10 -65.94 -31.56
N ILE A 54 40.84 -66.56 -30.41
CA ILE A 54 40.72 -68.01 -30.36
C ILE A 54 39.50 -68.49 -31.15
N HIS A 55 38.36 -67.81 -30.99
CA HIS A 55 37.14 -68.25 -31.64
C HIS A 55 37.26 -68.19 -33.16
N ARG A 56 37.76 -67.06 -33.69
CA ARG A 56 37.94 -66.95 -35.13
C ARG A 56 39.00 -67.89 -35.65
N LEU A 57 40.08 -68.10 -34.88
CA LEU A 57 41.11 -69.05 -35.30
C LEU A 57 40.53 -70.46 -35.45
N GLU A 58 39.79 -70.90 -34.43
CA GLU A 58 39.19 -72.23 -34.50
C GLU A 58 38.12 -72.31 -35.58
N ALA A 59 37.38 -71.23 -35.81
CA ALA A 59 36.40 -71.22 -36.89
C ALA A 59 37.07 -71.37 -38.25
N MET A 60 38.18 -70.67 -38.47
CA MET A 60 38.90 -70.80 -39.73
C MET A 60 39.48 -72.20 -39.89
N LEU A 61 40.02 -72.77 -38.81
CA LEU A 61 40.53 -74.13 -38.87
C LEU A 61 39.43 -75.12 -39.20
N PHE A 62 38.26 -74.98 -38.57
CA PHE A 62 37.14 -75.87 -38.85
C PHE A 62 36.67 -75.72 -40.29
N ALA A 63 36.60 -74.49 -40.79
CA ALA A 63 36.19 -74.27 -42.17
C ALA A 63 37.18 -74.91 -43.14
N LEU A 64 38.48 -74.75 -42.86
CA LEU A 64 39.49 -75.38 -43.73
C LEU A 64 39.37 -76.89 -43.71
N ASP A 65 39.16 -77.48 -42.53
CA ASP A 65 38.98 -78.93 -42.45
C ASP A 65 37.73 -79.38 -43.20
N ARG A 66 36.65 -78.62 -43.07
CA ARG A 66 35.40 -78.99 -43.73
C ARG A 66 35.53 -78.93 -45.24
N ILE A 67 36.17 -77.88 -45.77
CA ILE A 67 36.35 -77.79 -47.22
C ILE A 67 37.38 -78.82 -47.68
N ASN A 68 38.30 -79.24 -46.82
CA ASN A 68 39.18 -80.35 -47.16
C ASN A 68 38.38 -81.65 -47.29
N ASN A 69 37.44 -81.87 -46.38
CA ASN A 69 36.57 -83.04 -46.48
C ASN A 69 35.44 -82.85 -47.48
N ASP A 70 35.20 -81.63 -47.94
CA ASP A 70 34.14 -81.38 -48.91
C ASP A 70 34.59 -81.89 -50.27
N PRO A 71 33.88 -82.82 -50.89
CA PRO A 71 34.31 -83.31 -52.21
C PRO A 71 34.12 -82.29 -53.31
N ASP A 72 33.10 -81.44 -53.25
CA ASP A 72 32.84 -80.45 -54.29
C ASP A 72 33.51 -79.12 -53.98
N LEU A 73 34.80 -79.17 -53.66
CA LEU A 73 35.61 -77.97 -53.46
C LEU A 73 37.08 -78.38 -53.54
N LEU A 74 37.77 -77.90 -54.58
CA LEU A 74 39.17 -78.25 -54.84
C LEU A 74 39.34 -79.76 -54.79
N PRO A 75 38.86 -80.50 -55.79
CA PRO A 75 38.93 -81.97 -55.73
C PRO A 75 40.36 -82.47 -55.61
N ASN A 76 40.58 -83.34 -54.62
CA ASN A 76 41.90 -83.94 -54.36
C ASN A 76 42.96 -82.89 -54.08
N ILE A 77 42.56 -81.75 -53.54
CA ILE A 77 43.47 -80.67 -53.17
C ILE A 77 43.22 -80.33 -51.70
N THR A 78 44.29 -80.38 -50.90
CA THR A 78 44.21 -80.06 -49.49
C THR A 78 44.68 -78.63 -49.25
N LEU A 79 44.14 -78.01 -48.20
CA LEU A 79 44.43 -76.63 -47.86
C LEU A 79 45.27 -76.57 -46.59
N GLY A 80 46.40 -75.86 -46.66
CA GLY A 80 47.27 -75.72 -45.52
C GLY A 80 46.86 -74.56 -44.63
N ALA A 81 47.67 -74.33 -43.58
CA ALA A 81 47.41 -73.27 -42.63
C ALA A 81 48.72 -72.58 -42.27
N ARG A 82 48.68 -71.25 -42.22
CA ARG A 82 49.83 -70.43 -41.87
C ARG A 82 49.37 -69.32 -40.93
N ILE A 83 48.56 -69.68 -39.93
CA ILE A 83 48.00 -68.70 -39.01
C ILE A 83 49.10 -68.13 -38.13
N LEU A 84 49.13 -66.82 -38.00
CA LEU A 84 50.06 -66.14 -37.10
C LEU A 84 49.28 -65.21 -36.17
N ASP A 85 49.94 -64.81 -35.09
CA ASP A 85 49.32 -64.01 -34.05
C ASP A 85 49.52 -62.52 -34.33
N THR A 86 48.41 -61.80 -34.46
CA THR A 86 48.49 -60.34 -34.60
C THR A 86 49.00 -59.70 -33.32
N CYS A 87 48.58 -60.22 -32.17
CA CYS A 87 48.96 -59.71 -30.84
C CYS A 87 48.47 -58.29 -30.60
N SER A 88 47.47 -57.86 -31.35
CA SER A 88 46.84 -56.54 -31.24
C SER A 88 47.84 -55.40 -31.47
N ARG A 89 49.04 -55.71 -31.94
CA ARG A 89 50.06 -54.70 -32.22
C ARG A 89 50.33 -54.66 -33.72
N ASP A 90 50.33 -53.46 -34.29
CA ASP A 90 50.51 -53.32 -35.73
C ASP A 90 51.91 -53.75 -36.15
N THR A 91 52.92 -53.46 -35.34
CA THR A 91 54.29 -53.89 -35.65
C THR A 91 54.39 -55.41 -35.66
N HIS A 92 53.75 -56.08 -34.70
CA HIS A 92 53.77 -57.54 -34.68
C HIS A 92 53.09 -58.11 -35.92
N ALA A 93 51.96 -57.50 -36.34
CA ALA A 93 51.30 -57.94 -37.56
C ALA A 93 52.17 -57.73 -38.78
N LEU A 94 52.93 -56.64 -38.81
CA LEU A 94 53.87 -56.42 -39.91
C LEU A 94 54.97 -57.47 -39.91
N GLU A 95 55.43 -57.86 -38.71
CA GLU A 95 56.40 -58.95 -38.62
C GLU A 95 55.82 -60.25 -39.16
N GLN A 96 54.56 -60.53 -38.85
CA GLN A 96 53.92 -61.73 -39.38
C GLN A 96 53.79 -61.65 -40.90
N SER A 97 53.48 -60.47 -41.43
CA SER A 97 53.41 -60.30 -42.88
C SER A 97 54.78 -60.51 -43.52
N LEU A 98 55.84 -60.04 -42.87
CA LEU A 98 57.19 -60.29 -43.37
C LEU A 98 57.52 -61.77 -43.35
N THR A 99 57.07 -62.48 -42.30
CA THR A 99 57.23 -63.93 -42.27
C THR A 99 56.48 -64.57 -43.44
N PHE A 100 55.31 -64.02 -43.77
CA PHE A 100 54.57 -64.51 -44.93
C PHE A 100 55.35 -64.32 -46.22
N VAL A 101 55.94 -63.14 -46.40
CA VAL A 101 56.48 -62.73 -47.69
C VAL A 101 57.98 -62.96 -47.80
N GLN A 102 58.61 -63.57 -46.79
CA GLN A 102 60.03 -63.85 -46.88
C GLN A 102 60.37 -64.80 -48.01
N ALA A 103 59.40 -65.54 -48.53
CA ALA A 103 59.67 -66.41 -49.67
C ALA A 103 60.08 -65.62 -50.90
N LEU A 104 59.42 -64.49 -51.14
CA LEU A 104 59.76 -63.64 -52.29
C LEU A 104 60.40 -62.33 -51.82
N GLU A 126 52.99 -75.24 -49.69
CA GLU A 126 53.54 -74.32 -48.70
C GLU A 126 53.31 -72.87 -49.10
N ARG A 127 53.21 -72.63 -50.40
CA ARG A 127 52.96 -71.29 -50.90
C ARG A 127 51.54 -70.86 -50.54
N VAL A 128 51.38 -69.60 -50.12
CA VAL A 128 50.08 -69.06 -49.74
C VAL A 128 49.47 -68.40 -50.97
N VAL A 129 48.27 -68.85 -51.35
CA VAL A 129 47.55 -68.22 -52.44
C VAL A 129 46.78 -67.00 -51.92
N GLY A 130 46.22 -67.11 -50.73
CA GLY A 130 45.48 -66.03 -50.11
C GLY A 130 45.57 -66.08 -48.61
N VAL A 131 45.50 -64.93 -47.96
CA VAL A 131 45.67 -64.81 -46.52
C VAL A 131 44.45 -64.11 -45.94
N ILE A 132 43.91 -64.66 -44.85
CA ILE A 132 42.76 -64.07 -44.20
C ILE A 132 43.19 -62.80 -43.48
N GLY A 133 42.48 -61.70 -43.75
CA GLY A 133 42.84 -60.43 -43.15
C GLY A 133 42.57 -60.39 -41.67
N ALA A 134 43.31 -59.52 -40.98
CA ALA A 134 43.17 -59.38 -39.54
C ALA A 134 41.91 -58.58 -39.19
N SER A 135 41.62 -58.52 -37.89
CA SER A 135 40.42 -57.83 -37.43
C SER A 135 40.63 -56.32 -37.39
N GLY A 136 41.68 -55.87 -36.70
CA GLY A 136 41.94 -54.45 -36.55
C GLY A 136 42.17 -53.73 -37.85
N SER A 137 41.46 -52.62 -38.06
CA SER A 137 41.60 -51.87 -39.30
C SER A 137 42.99 -51.23 -39.41
N SER A 138 43.51 -50.71 -38.30
CA SER A 138 44.86 -50.14 -38.32
C SER A 138 45.89 -51.22 -38.65
N VAL A 139 45.75 -52.40 -38.06
CA VAL A 139 46.61 -53.53 -38.41
C VAL A 139 46.39 -53.93 -39.87
N SER A 140 45.13 -53.96 -40.30
CA SER A 140 44.81 -54.40 -41.65
C SER A 140 45.38 -53.48 -42.71
N ILE A 141 45.52 -52.18 -42.40
CA ILE A 141 46.07 -51.25 -43.38
C ILE A 141 47.52 -51.61 -43.70
N MET A 142 48.34 -51.78 -42.66
CA MET A 142 49.74 -52.11 -42.89
C MET A 142 49.93 -53.55 -43.35
N VAL A 143 48.97 -54.43 -43.08
CA VAL A 143 49.00 -55.75 -43.70
C VAL A 143 48.73 -55.65 -45.20
N ALA A 144 47.69 -54.90 -45.57
CA ALA A 144 47.20 -54.91 -46.94
C ALA A 144 48.11 -54.14 -47.87
N ASN A 145 48.65 -52.99 -47.43
CA ASN A 145 49.54 -52.25 -48.31
C ASN A 145 50.80 -53.05 -48.61
N ILE A 146 51.32 -53.76 -47.61
CA ILE A 146 52.51 -54.59 -47.82
C ILE A 146 52.17 -55.75 -48.75
N LEU A 147 51.05 -56.43 -48.51
CA LEU A 147 50.71 -57.60 -49.31
C LEU A 147 50.30 -57.23 -50.74
N ARG A 148 49.91 -55.97 -50.97
CA ARG A 148 49.61 -55.53 -52.33
C ARG A 148 50.85 -55.52 -53.21
N LEU A 149 52.02 -55.27 -52.62
CA LEU A 149 53.27 -55.27 -53.39
C LEU A 149 53.54 -56.66 -53.95
N PHE A 150 53.30 -57.70 -53.17
CA PHE A 150 53.54 -59.08 -53.59
C PHE A 150 52.36 -59.68 -54.34
N LYS A 151 51.28 -58.92 -54.52
CA LYS A 151 50.13 -59.31 -55.33
C LYS A 151 49.51 -60.61 -54.81
N ILE A 152 48.99 -60.52 -53.58
CA ILE A 152 48.20 -61.60 -53.00
C ILE A 152 46.91 -61.01 -52.42
N PRO A 153 45.75 -61.53 -52.81
CA PRO A 153 44.50 -61.00 -52.27
C PRO A 153 44.37 -61.30 -50.78
N GLN A 154 43.71 -60.39 -50.06
CA GLN A 154 43.47 -60.53 -48.64
C GLN A 154 41.99 -60.33 -48.35
N ILE A 155 41.41 -61.26 -47.59
CA ILE A 155 40.00 -61.20 -47.21
C ILE A 155 39.92 -61.08 -45.69
N SER A 156 39.24 -60.05 -45.22
CA SER A 156 39.13 -59.79 -43.79
C SER A 156 37.73 -60.18 -43.29
N TYR A 157 37.60 -60.19 -41.96
CA TYR A 157 36.34 -60.53 -41.31
C TYR A 157 35.82 -59.48 -40.35
N ALA A 158 36.65 -58.56 -39.88
CA ALA A 158 36.21 -57.53 -38.95
C ALA A 158 36.72 -56.13 -39.27
N SER A 159 37.55 -55.98 -40.30
CA SER A 159 38.07 -54.67 -40.68
C SER A 159 37.06 -54.01 -41.61
N THR A 160 36.25 -53.11 -41.05
CA THR A 160 35.17 -52.47 -41.78
C THR A 160 35.42 -50.98 -42.02
N ALA A 161 36.65 -50.53 -41.88
CA ALA A 161 36.96 -49.11 -42.07
C ALA A 161 36.75 -48.72 -43.53
N PRO A 162 36.05 -47.61 -43.80
CA PRO A 162 35.81 -47.23 -45.20
C PRO A 162 37.06 -46.85 -45.97
N ASP A 163 38.14 -46.46 -45.29
CA ASP A 163 39.34 -46.04 -46.00
C ASP A 163 40.06 -47.21 -46.65
N LEU A 164 39.68 -48.45 -46.35
CA LEU A 164 40.18 -49.63 -47.04
C LEU A 164 39.25 -50.08 -48.16
N SER A 165 38.14 -49.38 -48.39
CA SER A 165 37.17 -49.76 -49.40
C SER A 165 37.45 -49.15 -50.77
N ASP A 166 38.43 -48.26 -50.87
CA ASP A 166 38.74 -47.62 -52.15
C ASP A 166 39.64 -48.55 -52.98
N ASN A 167 39.28 -48.75 -54.24
CA ASN A 167 40.09 -49.58 -55.13
C ASN A 167 41.19 -48.77 -55.81
N SER A 168 41.91 -47.99 -55.00
CA SER A 168 43.11 -47.29 -55.45
C SER A 168 44.25 -47.37 -54.45
N ARG A 169 43.99 -47.62 -53.17
CA ARG A 169 45.02 -47.74 -52.15
C ARG A 169 45.27 -49.17 -51.70
N TYR A 170 44.21 -50.00 -51.64
CA TYR A 170 44.33 -51.41 -51.28
C TYR A 170 43.43 -52.18 -52.24
N ASP A 171 44.00 -52.60 -53.37
CA ASP A 171 43.22 -53.35 -54.34
C ASP A 171 42.99 -54.79 -53.89
N PHE A 172 43.93 -55.37 -53.17
CA PHE A 172 43.83 -56.75 -52.69
C PHE A 172 43.20 -56.81 -51.29
N PHE A 173 42.05 -56.19 -51.13
CA PHE A 173 41.32 -56.20 -49.87
C PHE A 173 39.84 -56.48 -50.10
N SER A 174 39.55 -57.55 -50.85
CA SER A 174 38.16 -57.96 -51.04
C SER A 174 37.62 -58.56 -49.75
N ARG A 175 36.98 -57.74 -48.92
CA ARG A 175 36.51 -58.17 -47.61
C ARG A 175 35.05 -58.61 -47.68
N VAL A 176 34.69 -59.54 -46.80
CA VAL A 176 33.36 -60.15 -46.79
C VAL A 176 32.41 -59.44 -45.84
N VAL A 177 32.79 -58.27 -45.33
CA VAL A 177 31.95 -57.52 -44.40
C VAL A 177 31.70 -56.13 -44.95
N PRO A 178 30.55 -55.51 -44.67
CA PRO A 178 30.29 -54.17 -45.18
C PRO A 178 31.15 -53.12 -44.51
N SER A 179 31.28 -51.98 -45.17
CA SER A 179 32.09 -50.88 -44.67
C SER A 179 31.40 -50.20 -43.49
N ASP A 180 32.13 -49.25 -42.88
CA ASP A 180 31.61 -48.51 -41.75
C ASP A 180 30.66 -47.38 -42.14
N THR A 181 30.56 -47.06 -43.44
CA THR A 181 29.58 -46.07 -43.87
C THR A 181 28.16 -46.55 -43.60
N TYR A 182 27.90 -47.84 -43.86
CA TYR A 182 26.59 -48.40 -43.55
C TYR A 182 26.34 -48.40 -42.04
N GLN A 183 27.38 -48.65 -41.24
CA GLN A 183 27.24 -48.58 -39.80
C GLN A 183 26.89 -47.16 -39.35
N ALA A 184 27.53 -46.17 -39.96
CA ALA A 184 27.23 -44.78 -39.62
C ALA A 184 25.81 -44.41 -40.01
N GLN A 185 25.37 -44.87 -41.18
CA GLN A 185 23.98 -44.62 -41.61
C GLN A 185 22.99 -45.28 -40.65
N ALA A 186 23.27 -46.51 -40.24
CA ALA A 186 22.40 -47.19 -39.28
C ALA A 186 22.37 -46.44 -37.95
N MET A 187 23.53 -45.95 -37.50
CA MET A 187 23.59 -45.23 -36.23
C MET A 187 22.80 -43.92 -36.30
N VAL A 188 22.94 -43.17 -37.39
CA VAL A 188 22.21 -41.91 -37.51
C VAL A 188 20.71 -42.18 -37.63
N ASP A 189 20.33 -43.26 -38.33
CA ASP A 189 18.92 -43.64 -38.37
C ASP A 189 18.42 -44.01 -36.97
N ILE A 190 19.26 -44.68 -36.18
CA ILE A 190 18.87 -45.06 -34.82
C ILE A 190 18.63 -43.83 -33.96
N VAL A 191 19.56 -42.87 -34.01
CA VAL A 191 19.38 -41.69 -33.16
C VAL A 191 18.21 -40.84 -33.66
N ARG A 192 17.96 -40.81 -34.98
CA ARG A 192 16.79 -40.12 -35.49
C ARG A 192 15.50 -40.78 -35.01
N ALA A 193 15.45 -42.11 -35.01
CA ALA A 193 14.26 -42.81 -34.53
C ALA A 193 14.11 -42.68 -33.03
N LEU A 194 15.21 -42.53 -32.30
CA LEU A 194 15.18 -42.36 -30.86
C LEU A 194 15.05 -40.90 -30.43
N LYS A 195 14.89 -39.99 -31.39
CA LYS A 195 14.78 -38.56 -31.11
C LYS A 195 16.01 -38.05 -30.35
N TRP A 196 17.19 -38.50 -30.78
CA TRP A 196 18.45 -38.08 -30.19
C TRP A 196 19.15 -37.11 -31.13
N ASN A 197 19.52 -35.94 -30.61
CA ASN A 197 20.20 -34.92 -31.40
C ASN A 197 21.49 -34.43 -30.78
N TYR A 198 21.73 -34.64 -29.49
CA TYR A 198 22.94 -34.21 -28.79
C TYR A 198 23.63 -35.47 -28.26
N VAL A 199 24.50 -36.05 -29.09
CA VAL A 199 25.20 -37.28 -28.77
C VAL A 199 26.71 -37.01 -28.79
N SER A 200 27.40 -37.44 -27.73
CA SER A 200 28.84 -37.29 -27.66
C SER A 200 29.53 -38.38 -28.45
N THR A 201 30.78 -38.11 -28.83
CA THR A 201 31.57 -39.03 -29.64
C THR A 201 32.89 -39.31 -28.94
N VAL A 202 33.19 -40.60 -28.76
CA VAL A 202 34.45 -41.05 -28.17
C VAL A 202 35.07 -42.09 -29.10
N ALA A 203 36.33 -41.87 -29.46
CA ALA A 203 37.04 -42.76 -30.36
C ALA A 203 38.44 -43.02 -29.83
N SER A 204 38.92 -44.24 -30.07
CA SER A 204 40.28 -44.59 -29.71
C SER A 204 41.22 -44.33 -30.89
N GLU A 205 42.53 -44.38 -30.61
CA GLU A 205 43.50 -44.23 -31.67
C GLU A 205 43.44 -45.42 -32.63
N GLY A 206 43.92 -45.20 -33.84
CA GLY A 206 43.83 -46.17 -34.90
C GLY A 206 42.83 -45.74 -35.97
N SER A 207 42.93 -46.41 -37.12
CA SER A 207 42.14 -46.01 -38.28
C SER A 207 40.67 -46.34 -38.09
N TYR A 208 40.36 -47.45 -37.41
CA TYR A 208 38.97 -47.90 -37.31
C TYR A 208 38.10 -46.87 -36.61
N GLY A 209 38.50 -46.44 -35.43
CA GLY A 209 37.70 -45.48 -34.68
C GLY A 209 37.58 -44.14 -35.37
N GLU A 210 38.69 -43.64 -35.92
CA GLU A 210 38.67 -42.35 -36.59
C GLU A 210 37.77 -42.38 -37.81
N SER A 211 37.88 -43.43 -38.63
CA SER A 211 37.03 -43.55 -39.81
C SER A 211 35.57 -43.71 -39.42
N GLY A 212 35.29 -44.50 -38.39
CA GLY A 212 33.91 -44.67 -37.96
C GLY A 212 33.28 -43.38 -37.49
N VAL A 213 34.00 -42.63 -36.65
CA VAL A 213 33.44 -41.38 -36.13
C VAL A 213 33.35 -40.33 -37.24
N GLU A 214 34.30 -40.31 -38.17
CA GLU A 214 34.21 -39.38 -39.29
C GLU A 214 33.00 -39.68 -40.16
N ALA A 215 32.76 -40.97 -40.45
CA ALA A 215 31.59 -41.35 -41.22
C ALA A 215 30.30 -41.01 -40.48
N PHE A 216 30.27 -41.25 -39.16
CA PHE A 216 29.10 -40.91 -38.38
C PHE A 216 28.81 -39.41 -38.42
N ILE A 217 29.85 -38.60 -38.26
CA ILE A 217 29.68 -37.15 -38.29
C ILE A 217 29.19 -36.70 -39.67
N GLN A 218 29.78 -37.24 -40.73
CA GLN A 218 29.39 -36.85 -42.09
C GLN A 218 27.94 -37.23 -42.37
N LYS A 219 27.54 -38.45 -42.01
CA LYS A 219 26.18 -38.88 -42.28
C LYS A 219 25.16 -38.16 -41.42
N SER A 220 25.54 -37.77 -40.19
CA SER A 220 24.63 -37.00 -39.36
C SER A 220 24.52 -35.56 -39.82
N ARG A 221 25.60 -35.00 -40.37
CA ARG A 221 25.54 -33.62 -40.88
C ARG A 221 24.80 -33.54 -42.20
N GLU A 222 24.91 -34.58 -43.04
CA GLU A 222 24.21 -34.56 -44.32
C GLU A 222 22.70 -34.52 -44.14
N ASP A 223 22.18 -35.29 -43.19
CA ASP A 223 20.76 -35.30 -42.91
C ASP A 223 20.53 -35.74 -41.47
N GLY A 224 19.41 -35.28 -40.89
CA GLY A 224 19.01 -35.61 -39.54
C GLY A 224 19.33 -34.52 -38.53
N GLY A 225 20.32 -33.69 -38.81
CA GLY A 225 20.68 -32.60 -37.90
C GLY A 225 21.11 -33.06 -36.52
N VAL A 226 21.82 -34.18 -36.44
CA VAL A 226 22.30 -34.72 -35.18
C VAL A 226 23.78 -34.34 -35.08
N CYS A 227 24.04 -33.20 -34.46
CA CYS A 227 25.41 -32.72 -34.32
C CYS A 227 26.12 -33.47 -33.18
N ILE A 228 27.41 -33.20 -33.03
CA ILE A 228 28.25 -33.86 -32.04
C ILE A 228 28.66 -32.83 -31.01
N ALA A 229 28.46 -33.16 -29.73
CA ALA A 229 28.82 -32.25 -28.65
C ALA A 229 30.33 -32.12 -28.51
N GLN A 230 31.00 -33.24 -28.20
CA GLN A 230 32.44 -33.26 -28.04
C GLN A 230 33.01 -34.52 -28.68
N SER A 231 34.27 -34.43 -29.12
CA SER A 231 35.01 -35.55 -29.69
C SER A 231 36.17 -35.86 -28.76
N VAL A 232 36.15 -37.04 -28.16
CA VAL A 232 37.16 -37.46 -27.20
C VAL A 232 38.04 -38.53 -27.84
N LYS A 233 39.34 -38.49 -27.52
CA LYS A 233 40.33 -39.36 -28.13
C LYS A 233 40.99 -40.19 -27.04
N ILE A 234 41.12 -41.50 -27.29
CA ILE A 234 41.76 -42.44 -26.39
C ILE A 234 43.11 -42.81 -26.98
N PRO A 235 44.23 -42.48 -26.34
CA PRO A 235 45.54 -42.82 -26.90
C PRO A 235 45.83 -44.30 -26.84
N ARG A 236 46.74 -44.74 -27.72
CA ARG A 236 47.16 -46.14 -27.75
C ARG A 236 47.94 -46.54 -26.50
N GLU A 237 48.47 -45.57 -25.75
CA GLU A 237 49.29 -45.84 -24.57
C GLU A 237 48.65 -45.14 -23.38
N PRO A 238 47.65 -45.74 -22.74
CA PRO A 238 47.02 -45.12 -21.58
C PRO A 238 48.00 -44.96 -20.43
N LYS A 239 47.82 -43.88 -19.68
CA LYS A 239 48.66 -43.56 -18.53
C LYS A 239 47.82 -43.48 -17.26
N ALA A 240 46.90 -44.43 -17.10
CA ALA A 240 46.01 -44.51 -15.93
C ALA A 240 45.13 -43.27 -15.80
N GLY A 241 45.75 -42.11 -15.64
CA GLY A 241 45.01 -40.86 -15.50
C GLY A 241 44.28 -40.42 -16.75
N GLU A 242 44.56 -41.04 -17.90
CA GLU A 242 43.93 -40.61 -19.14
C GLU A 242 42.47 -41.06 -19.23
N PHE A 243 42.18 -42.27 -18.76
CA PHE A 243 40.82 -42.81 -18.93
C PHE A 243 39.82 -42.08 -18.06
N ASP A 244 40.18 -41.76 -16.81
CA ASP A 244 39.29 -40.95 -15.98
C ASP A 244 39.24 -39.50 -16.45
N LYS A 245 40.13 -39.09 -17.35
CA LYS A 245 39.99 -37.78 -17.98
C LYS A 245 38.84 -37.78 -18.97
N ILE A 246 38.61 -38.92 -19.63
CA ILE A 246 37.51 -39.02 -20.59
C ILE A 246 36.18 -38.83 -19.89
N ILE A 247 36.02 -39.43 -18.71
CA ILE A 247 34.72 -39.39 -18.04
C ILE A 247 34.42 -38.00 -17.51
N ARG A 248 35.41 -37.29 -16.96
CA ARG A 248 35.12 -35.94 -16.47
C ARG A 248 35.10 -34.92 -17.60
N ARG A 249 35.68 -35.24 -18.76
CA ARG A 249 35.48 -34.39 -19.92
C ARG A 249 34.09 -34.58 -20.51
N LEU A 250 33.55 -35.80 -20.43
CA LEU A 250 32.17 -36.03 -20.83
C LEU A 250 31.18 -35.39 -19.86
N LEU A 251 31.52 -35.42 -18.56
CA LEU A 251 30.62 -34.88 -17.54
C LEU A 251 30.54 -33.37 -17.55
N GLU A 252 31.47 -32.68 -18.22
CA GLU A 252 31.41 -31.22 -18.26
C GLU A 252 30.22 -30.70 -19.07
N THR A 253 29.62 -31.54 -19.90
CA THR A 253 28.43 -31.20 -20.68
C THR A 253 27.35 -32.21 -20.30
N SER A 254 26.57 -31.89 -19.26
CA SER A 254 25.54 -32.80 -18.79
C SER A 254 24.40 -32.96 -19.79
N ASN A 255 24.25 -32.03 -20.73
CA ASN A 255 23.20 -32.15 -21.75
C ASN A 255 23.43 -33.37 -22.63
N ALA A 256 24.68 -33.61 -23.02
CA ALA A 256 25.02 -34.75 -23.87
C ALA A 256 25.01 -36.01 -23.02
N ARG A 257 23.92 -36.78 -23.13
CA ARG A 257 23.78 -38.02 -22.37
C ARG A 257 24.30 -39.22 -23.16
N ALA A 258 23.73 -39.46 -24.33
CA ALA A 258 24.16 -40.59 -25.15
C ALA A 258 25.57 -40.34 -25.69
N VAL A 259 26.42 -41.36 -25.60
CA VAL A 259 27.81 -41.28 -26.05
C VAL A 259 28.05 -42.38 -27.07
N ILE A 260 28.60 -42.02 -28.21
CA ILE A 260 28.94 -42.97 -29.26
C ILE A 260 30.35 -43.48 -29.01
N ILE A 261 30.49 -44.81 -28.96
CA ILE A 261 31.76 -45.45 -28.69
C ILE A 261 32.17 -46.23 -29.93
N PHE A 262 33.40 -45.98 -30.40
CA PHE A 262 33.94 -46.68 -31.56
C PHE A 262 35.26 -47.39 -31.24
N ALA A 263 35.58 -47.53 -29.96
CA ALA A 263 36.80 -48.21 -29.55
C ALA A 263 36.57 -49.71 -29.48
N ASN A 264 37.63 -50.46 -29.18
CA ASN A 264 37.52 -51.91 -29.02
C ASN A 264 37.29 -52.24 -27.55
N GLU A 265 37.23 -53.55 -27.25
CA GLU A 265 36.88 -53.99 -25.91
C GLU A 265 37.90 -53.55 -24.87
N ASP A 266 39.17 -53.44 -25.26
CA ASP A 266 40.22 -53.09 -24.30
C ASP A 266 39.96 -51.71 -23.69
N ASP A 267 39.72 -50.71 -24.54
CA ASP A 267 39.41 -49.37 -24.02
C ASP A 267 37.98 -49.29 -23.49
N ILE A 268 37.06 -50.08 -24.03
CA ILE A 268 35.68 -50.03 -23.58
C ILE A 268 35.56 -50.47 -22.13
N ARG A 269 36.26 -51.54 -21.76
CA ARG A 269 36.21 -52.03 -20.39
C ARG A 269 36.76 -51.00 -19.41
N ARG A 270 37.89 -50.36 -19.78
CA ARG A 270 38.47 -49.36 -18.89
C ARG A 270 37.61 -48.12 -18.80
N VAL A 271 36.97 -47.72 -19.91
CA VAL A 271 36.05 -46.59 -19.88
C VAL A 271 34.86 -46.89 -18.97
N LEU A 272 34.32 -48.10 -19.06
CA LEU A 272 33.20 -48.49 -18.20
C LEU A 272 33.64 -48.50 -16.73
N GLU A 273 34.84 -49.01 -16.45
CA GLU A 273 35.34 -49.03 -15.08
C GLU A 273 35.51 -47.61 -14.55
N ALA A 274 36.06 -46.71 -15.35
CA ALA A 274 36.23 -45.32 -14.93
C ALA A 274 34.89 -44.64 -14.69
N ALA A 275 33.91 -44.90 -15.57
CA ALA A 275 32.59 -44.31 -15.39
C ALA A 275 31.88 -44.87 -14.16
N ARG A 276 32.14 -46.13 -13.81
CA ARG A 276 31.55 -46.70 -12.61
C ARG A 276 32.02 -45.98 -11.36
N ARG A 277 33.30 -45.62 -11.30
CA ARG A 277 33.82 -44.89 -10.15
C ARG A 277 33.29 -43.46 -10.08
N ALA A 278 32.70 -42.96 -11.17
CA ALA A 278 32.15 -41.60 -11.19
C ALA A 278 30.75 -41.52 -10.60
N ASN A 279 30.15 -42.66 -10.23
CA ASN A 279 28.80 -42.70 -9.65
C ASN A 279 27.79 -42.02 -10.57
N GLN A 280 27.84 -42.37 -11.84
CA GLN A 280 26.96 -41.82 -12.87
C GLN A 280 26.25 -42.93 -13.62
N THR A 281 25.68 -43.87 -12.86
CA THR A 281 24.97 -44.98 -13.47
C THR A 281 23.68 -44.50 -14.12
N GLY A 282 23.50 -44.85 -15.40
CA GLY A 282 22.32 -44.48 -16.14
C GLY A 282 22.36 -43.10 -16.78
N HIS A 283 23.38 -42.31 -16.51
CA HIS A 283 23.47 -40.98 -17.11
C HIS A 283 23.91 -41.04 -18.57
N PHE A 284 24.78 -41.98 -18.92
CA PHE A 284 25.33 -42.08 -20.27
C PHE A 284 24.69 -43.25 -21.00
N PHE A 285 24.16 -42.98 -22.19
CA PHE A 285 23.55 -44.00 -23.04
C PHE A 285 24.61 -44.46 -24.04
N TRP A 286 25.40 -45.44 -23.64
CA TRP A 286 26.49 -45.92 -24.48
C TRP A 286 25.95 -46.60 -25.73
N MET A 287 26.58 -46.32 -26.86
CA MET A 287 26.24 -46.93 -28.14
C MET A 287 27.39 -47.82 -28.59
N GLY A 288 27.08 -49.06 -28.94
CA GLY A 288 28.10 -50.02 -29.33
C GLY A 288 28.40 -49.96 -30.82
N SER A 289 29.69 -50.06 -31.13
CA SER A 289 30.15 -50.08 -32.51
C SER A 289 30.26 -51.54 -32.98
N ASP A 290 30.92 -51.74 -34.13
CA ASP A 290 31.14 -53.09 -34.62
C ASP A 290 32.01 -53.89 -33.66
N SER A 291 33.04 -53.26 -33.09
CA SER A 291 33.92 -53.93 -32.14
C SER A 291 33.25 -54.17 -30.78
N TRP A 292 32.07 -53.59 -30.56
CA TRP A 292 31.32 -53.77 -29.32
C TRP A 292 30.02 -54.52 -29.57
N GLY A 293 30.08 -55.58 -30.37
CA GLY A 293 28.91 -56.34 -30.72
C GLY A 293 28.41 -57.25 -29.61
N SER A 294 27.82 -58.39 -29.98
CA SER A 294 27.30 -59.34 -29.02
C SER A 294 28.48 -60.09 -28.40
N LYS A 295 29.15 -59.42 -27.46
CA LYS A 295 30.32 -59.95 -26.80
C LYS A 295 30.14 -59.84 -25.28
N ILE A 296 30.83 -60.71 -24.56
CA ILE A 296 30.70 -60.80 -23.12
C ILE A 296 31.77 -59.98 -22.39
N ALA A 297 33.00 -59.99 -22.92
CA ALA A 297 34.09 -59.27 -22.25
C ALA A 297 33.84 -57.77 -22.12
N PRO A 298 33.43 -57.04 -23.16
CA PRO A 298 33.16 -55.60 -22.95
C PRO A 298 32.02 -55.33 -21.97
N VAL A 299 31.02 -56.22 -21.90
CA VAL A 299 29.90 -56.03 -20.99
C VAL A 299 30.08 -56.79 -19.69
N LEU A 300 31.31 -57.24 -19.40
CA LEU A 300 31.58 -57.93 -18.15
C LEU A 300 31.29 -57.08 -16.93
N HIS A 301 31.22 -55.75 -17.09
CA HIS A 301 30.87 -54.84 -16.00
C HIS A 301 29.39 -54.89 -15.63
N LEU A 302 28.64 -55.81 -16.22
CA LEU A 302 27.21 -55.98 -15.97
C LEU A 302 26.49 -54.68 -16.33
N GLU A 303 25.36 -54.40 -15.68
CA GLU A 303 24.59 -53.18 -15.93
C GLU A 303 24.81 -52.12 -14.88
N GLU A 304 25.82 -52.28 -14.01
CA GLU A 304 26.09 -51.29 -12.99
C GLU A 304 26.49 -49.96 -13.61
N VAL A 305 27.13 -49.97 -14.77
CA VAL A 305 27.51 -48.74 -15.47
C VAL A 305 27.10 -48.83 -16.93
N ALA A 306 26.75 -50.03 -17.38
CA ALA A 306 26.42 -50.25 -18.79
C ALA A 306 25.00 -50.80 -18.94
N GLU A 307 24.04 -50.21 -18.22
CA GLU A 307 22.67 -50.67 -18.26
C GLU A 307 22.00 -50.23 -19.56
N GLY A 308 21.48 -51.21 -20.31
CA GLY A 308 20.74 -50.93 -21.52
C GLY A 308 21.54 -50.26 -22.61
N ALA A 309 22.75 -50.76 -22.87
CA ALA A 309 23.61 -50.17 -23.90
C ALA A 309 23.22 -50.65 -25.28
N VAL A 310 23.15 -49.72 -26.23
CA VAL A 310 22.80 -50.06 -27.60
C VAL A 310 24.01 -50.67 -28.30
N THR A 311 23.76 -51.54 -29.28
CA THR A 311 24.82 -52.26 -29.96
C THR A 311 24.41 -52.53 -31.40
N ILE A 312 25.34 -52.38 -32.32
CA ILE A 312 25.14 -52.72 -33.72
C ILE A 312 26.15 -53.78 -34.12
N LEU A 313 25.69 -54.77 -34.90
CA LEU A 313 26.57 -55.84 -35.36
C LEU A 313 26.09 -56.31 -36.72
N PRO A 314 27.00 -56.62 -37.65
CA PRO A 314 26.56 -57.16 -38.94
C PRO A 314 25.75 -58.44 -38.75
N LYS A 315 25.04 -58.82 -39.82
CA LYS A 315 24.08 -59.92 -39.72
C LYS A 315 24.79 -61.25 -39.54
N ARG A 316 24.94 -61.68 -38.29
CA ARG A 316 25.62 -62.91 -37.95
C ARG A 316 24.61 -64.05 -37.84
N MET A 317 25.13 -65.26 -37.61
CA MET A 317 24.29 -66.44 -37.42
C MET A 317 25.12 -67.49 -36.69
N SER A 318 24.52 -68.09 -35.67
CA SER A 318 25.22 -69.15 -34.93
C SER A 318 25.52 -70.32 -35.85
N VAL A 319 26.77 -70.79 -35.80
CA VAL A 319 27.22 -71.87 -36.67
C VAL A 319 27.09 -73.18 -35.90
N ARG A 320 26.18 -74.05 -36.35
CA ARG A 320 26.02 -75.35 -35.72
C ARG A 320 27.23 -76.23 -35.95
N GLY A 321 27.81 -76.17 -37.15
CA GLY A 321 29.00 -76.96 -37.43
C GLY A 321 30.19 -76.52 -36.58
N PHE A 322 30.37 -75.22 -36.41
CA PHE A 322 31.46 -74.73 -35.56
C PHE A 322 31.23 -75.14 -34.11
N ASP A 323 29.98 -75.09 -33.65
CA ASP A 323 29.68 -75.54 -32.28
C ASP A 323 29.99 -77.02 -32.10
N ARG A 324 29.61 -77.84 -33.08
CA ARG A 324 29.92 -79.27 -33.02
C ARG A 324 31.43 -79.50 -33.02
N TYR A 325 32.17 -78.75 -33.84
CA TYR A 325 33.62 -78.87 -33.87
C TYR A 325 34.23 -78.49 -32.52
N PHE A 326 33.74 -77.40 -31.92
CA PHE A 326 34.25 -76.96 -30.63
C PHE A 326 33.90 -77.95 -29.52
N SER A 327 32.76 -78.63 -29.62
CA SER A 327 32.34 -79.56 -28.58
C SER A 327 33.26 -80.75 -28.44
N SER A 328 34.12 -81.00 -29.42
CA SER A 328 35.03 -82.14 -29.41
C SER A 328 36.48 -81.68 -29.43
N ARG A 329 36.80 -80.63 -28.67
CA ARG A 329 38.15 -80.11 -28.57
C ARG A 329 38.61 -80.20 -27.12
N THR A 330 39.76 -80.85 -26.90
CA THR A 330 40.40 -80.95 -25.60
C THR A 330 41.81 -80.40 -25.70
N LEU A 331 42.52 -80.42 -24.56
CA LEU A 331 43.88 -79.90 -24.54
C LEU A 331 44.81 -80.73 -25.42
N ASP A 332 44.69 -82.06 -25.37
CA ASP A 332 45.53 -82.95 -26.13
C ASP A 332 44.89 -83.42 -27.44
N ASN A 333 43.70 -82.93 -27.77
CA ASN A 333 43.04 -83.38 -29.00
C ASN A 333 43.79 -82.93 -30.24
N ASN A 334 44.22 -81.67 -30.26
CA ASN A 334 44.95 -81.13 -31.40
C ASN A 334 46.23 -80.48 -30.92
N ARG A 335 47.35 -80.83 -31.55
CA ARG A 335 48.65 -80.26 -31.23
C ARG A 335 49.03 -79.10 -32.13
N ARG A 336 48.26 -78.85 -33.20
CA ARG A 336 48.59 -77.74 -34.10
C ARG A 336 48.40 -76.40 -33.40
N ASN A 337 47.35 -76.26 -32.60
CA ASN A 337 47.06 -75.00 -31.91
C ASN A 337 48.00 -74.88 -30.72
N ILE A 338 49.09 -74.14 -30.91
CA ILE A 338 50.04 -73.93 -29.82
C ILE A 338 49.43 -73.03 -28.75
N TRP A 339 48.54 -72.11 -29.13
CA TRP A 339 47.91 -71.20 -28.18
C TRP A 339 46.84 -71.86 -27.34
N PHE A 340 46.44 -73.09 -27.67
CA PHE A 340 45.38 -73.76 -26.93
C PHE A 340 45.79 -74.05 -25.49
N ALA A 341 47.08 -74.25 -25.23
CA ALA A 341 47.53 -74.51 -23.86
C ALA A 341 47.24 -73.32 -22.96
N GLU A 342 47.68 -72.12 -23.37
CA GLU A 342 47.37 -70.95 -22.56
C GLU A 342 45.90 -70.56 -22.65
N PHE A 343 45.20 -70.95 -23.72
CA PHE A 343 43.75 -70.75 -23.75
C PHE A 343 43.07 -71.53 -22.63
N TRP A 344 43.45 -72.80 -22.48
CA TRP A 344 42.91 -73.61 -21.38
C TRP A 344 43.36 -73.09 -20.03
N GLU A 345 44.61 -72.60 -19.94
CA GLU A 345 45.10 -72.04 -18.68
C GLU A 345 44.30 -70.81 -18.28
N ASP A 346 43.96 -69.95 -19.25
CA ASP A 346 43.15 -68.78 -18.96
C ASP A 346 41.72 -69.18 -18.61
N ASN A 347 41.17 -70.16 -19.32
CA ASN A 347 39.81 -70.61 -19.04
C ASN A 347 39.68 -71.17 -17.62
N PHE A 348 40.65 -71.98 -17.20
CA PHE A 348 40.71 -72.52 -15.84
C PHE A 348 42.11 -72.28 -15.30
N HIS A 349 42.20 -71.45 -14.25
CA HIS A 349 43.48 -71.03 -13.72
C HIS A 349 44.25 -72.21 -13.13
N CYS A 350 45.30 -72.62 -13.82
CA CYS A 350 46.14 -73.74 -13.39
C CYS A 350 47.48 -73.63 -14.10
N LYS A 351 48.29 -74.67 -13.98
CA LYS A 351 49.60 -74.71 -14.61
C LYS A 351 49.76 -75.96 -15.47
N LYS A 364 46.26 -74.55 -7.19
CA LYS A 364 45.12 -74.41 -8.08
C LYS A 364 45.30 -75.29 -9.32
N LYS A 365 45.75 -76.53 -9.11
CA LYS A 365 45.96 -77.45 -10.22
C LYS A 365 44.63 -77.83 -10.87
N CYS A 366 44.66 -78.00 -12.19
CA CYS A 366 43.48 -78.34 -12.96
C CYS A 366 43.66 -79.72 -13.59
N THR A 367 42.53 -80.40 -13.78
CA THR A 367 42.53 -81.73 -14.37
C THR A 367 42.37 -81.65 -15.89
N ASN A 368 42.80 -82.72 -16.56
CA ASN A 368 42.71 -82.79 -18.01
C ASN A 368 41.37 -83.33 -18.51
N ARG A 369 40.50 -83.78 -17.60
CA ARG A 369 39.20 -84.31 -17.96
C ARG A 369 38.09 -83.28 -17.92
N GLU A 370 38.40 -82.02 -17.58
CA GLU A 370 37.39 -80.99 -17.50
C GLU A 370 36.86 -80.65 -18.89
N ARG A 371 35.58 -80.33 -18.97
CA ARG A 371 34.90 -80.00 -20.22
C ARG A 371 34.57 -78.52 -20.23
N ILE A 372 34.92 -77.84 -21.33
CA ILE A 372 34.66 -76.41 -21.44
C ILE A 372 33.24 -76.10 -21.92
N GLY A 373 32.52 -77.10 -22.42
CA GLY A 373 31.18 -76.85 -22.93
C GLY A 373 30.20 -76.45 -21.84
N GLN A 374 30.26 -77.11 -20.68
CA GLN A 374 29.31 -76.89 -19.60
C GLN A 374 29.97 -76.38 -18.33
N ASP A 375 31.15 -75.78 -18.44
CA ASP A 375 31.85 -75.22 -17.29
C ASP A 375 32.37 -73.81 -17.50
N SER A 376 32.50 -73.34 -18.74
CA SER A 376 33.01 -72.02 -19.02
C SER A 376 31.93 -71.02 -19.45
N ALA A 377 30.73 -71.49 -19.75
CA ALA A 377 29.64 -70.64 -20.24
C ALA A 377 30.08 -69.82 -21.45
N TYR A 378 30.73 -70.50 -22.39
CA TYR A 378 31.30 -69.84 -23.55
C TYR A 378 30.19 -69.40 -24.52
N GLU A 379 30.57 -68.51 -25.44
CA GLU A 379 29.69 -68.05 -26.49
C GLU A 379 30.53 -67.67 -27.70
N GLN A 380 30.22 -68.25 -28.85
CA GLN A 380 30.99 -68.00 -30.06
C GLN A 380 30.89 -66.53 -30.45
N GLU A 381 31.99 -66.01 -31.00
CA GLU A 381 32.04 -64.62 -31.40
C GLU A 381 31.13 -64.38 -32.62
N GLY A 382 30.72 -63.12 -32.78
CA GLY A 382 29.81 -62.77 -33.86
C GLY A 382 30.43 -62.81 -35.23
N LYS A 383 31.75 -62.64 -35.33
CA LYS A 383 32.42 -62.57 -36.62
C LYS A 383 33.00 -63.91 -37.08
N VAL A 384 32.87 -64.97 -36.28
CA VAL A 384 33.38 -66.27 -36.70
C VAL A 384 32.63 -66.78 -37.92
N GLN A 385 31.32 -66.50 -38.00
CA GLN A 385 30.55 -66.85 -39.18
C GLN A 385 31.11 -66.14 -40.41
N PHE A 386 31.56 -64.90 -40.25
CA PHE A 386 32.19 -64.17 -41.35
C PHE A 386 33.54 -64.79 -41.71
N VAL A 387 34.27 -65.32 -40.72
CA VAL A 387 35.53 -66.02 -41.02
C VAL A 387 35.24 -67.25 -41.87
N ILE A 388 34.22 -68.03 -41.49
CA ILE A 388 33.85 -69.21 -42.27
C ILE A 388 33.38 -68.81 -43.67
N ASP A 389 32.64 -67.70 -43.77
CA ASP A 389 32.16 -67.24 -45.06
C ASP A 389 33.34 -66.83 -45.95
N ALA A 390 34.33 -66.15 -45.38
CA ALA A 390 35.51 -65.76 -46.14
C ALA A 390 36.29 -66.98 -46.61
N VAL A 391 36.45 -67.97 -45.73
CA VAL A 391 37.15 -69.19 -46.12
C VAL A 391 36.40 -69.91 -47.24
N TYR A 392 35.07 -69.97 -47.13
CA TYR A 392 34.27 -70.59 -48.18
C TYR A 392 34.41 -69.85 -49.50
N ALA A 393 34.41 -68.52 -49.46
CA ALA A 393 34.56 -67.74 -50.68
C ALA A 393 35.93 -67.96 -51.31
N MET A 394 36.98 -68.02 -50.49
CA MET A 394 38.31 -68.29 -51.01
C MET A 394 38.38 -69.68 -51.63
N GLY A 395 37.78 -70.68 -50.97
CA GLY A 395 37.75 -72.02 -51.54
C GLY A 395 36.97 -72.09 -52.84
N HIS A 396 35.86 -71.36 -52.92
CA HIS A 396 35.09 -71.31 -54.16
C HIS A 396 35.89 -70.65 -55.28
N ALA A 397 36.62 -69.59 -54.97
CA ALA A 397 37.46 -68.95 -55.97
C ALA A 397 38.55 -69.90 -56.46
N LEU A 398 39.17 -70.64 -55.53
CA LEU A 398 40.18 -71.62 -55.92
C LEU A 398 39.58 -72.72 -56.78
N HIS A 399 38.38 -73.18 -56.43
CA HIS A 399 37.71 -74.19 -57.24
C HIS A 399 37.40 -73.68 -58.64
N ALA A 400 36.96 -72.42 -58.74
CA ALA A 400 36.71 -71.83 -60.05
C ALA A 400 38.00 -71.72 -60.86
N MET A 401 39.10 -71.34 -60.21
CA MET A 401 40.38 -71.28 -60.90
C MET A 401 40.79 -72.65 -61.41
N HIS A 402 40.64 -73.69 -60.57
CA HIS A 402 40.98 -75.04 -61.00
C HIS A 402 40.08 -75.53 -62.12
N ARG A 403 38.81 -75.12 -62.12
CA ARG A 403 37.89 -75.55 -63.17
C ARG A 403 38.18 -74.85 -64.49
N ASP A 404 38.57 -73.57 -64.45
CA ASP A 404 38.74 -72.80 -65.67
C ASP A 404 40.18 -72.87 -66.20
N LEU A 405 41.15 -72.42 -65.41
CA LEU A 405 42.52 -72.33 -65.90
C LEU A 405 43.13 -73.73 -66.07
N CYS A 406 42.97 -74.58 -65.06
CA CYS A 406 43.45 -75.95 -65.15
C CYS A 406 42.52 -76.79 -66.01
N PRO A 407 43.03 -77.87 -66.61
CA PRO A 407 42.16 -78.76 -67.38
C PRO A 407 41.24 -79.60 -66.50
N GLY A 408 40.50 -80.51 -67.11
CA GLY A 408 39.53 -81.32 -66.37
C GLY A 408 40.14 -82.39 -65.49
N ARG A 409 41.43 -82.25 -65.14
CA ARG A 409 42.09 -83.20 -64.27
C ARG A 409 41.61 -83.01 -62.84
N VAL A 410 42.11 -83.87 -61.94
CA VAL A 410 41.72 -83.82 -60.53
C VAL A 410 42.93 -83.45 -59.69
N GLY A 411 43.85 -82.68 -60.27
CA GLY A 411 45.03 -82.24 -59.55
C GLY A 411 45.42 -80.84 -59.96
N LEU A 412 46.42 -80.30 -59.25
CA LEU A 412 46.91 -78.96 -59.51
C LEU A 412 47.73 -78.96 -60.80
N CYS A 413 47.21 -78.32 -61.84
CA CYS A 413 47.93 -78.23 -63.09
C CYS A 413 49.16 -77.32 -62.93
N PRO A 414 50.21 -77.53 -63.72
CA PRO A 414 51.42 -76.70 -63.56
C PRO A 414 51.18 -75.22 -63.77
N ARG A 415 50.17 -74.85 -64.57
CA ARG A 415 49.89 -73.43 -64.78
C ARG A 415 49.41 -72.76 -63.49
N MET A 416 48.70 -73.49 -62.64
CA MET A 416 48.18 -72.92 -61.40
C MET A 416 49.21 -72.88 -60.28
N ASP A 417 50.37 -73.52 -60.45
CA ASP A 417 51.40 -73.44 -59.42
C ASP A 417 51.87 -72.01 -59.18
N PRO A 418 52.19 -71.19 -60.22
CA PRO A 418 52.44 -69.76 -59.96
C PRO A 418 51.16 -68.95 -60.01
N VAL A 419 50.40 -68.98 -58.91
CA VAL A 419 49.12 -68.27 -58.86
C VAL A 419 49.34 -66.77 -59.05
N ASP A 420 48.58 -66.19 -59.97
CA ASP A 420 48.65 -64.76 -60.23
C ASP A 420 47.71 -64.02 -59.28
N GLY A 421 48.20 -62.93 -58.70
CA GLY A 421 47.40 -62.19 -57.73
C GLY A 421 46.17 -61.54 -58.34
N THR A 422 46.33 -60.93 -59.51
CA THR A 422 45.21 -60.25 -60.16
C THR A 422 44.11 -61.24 -60.55
N GLN A 423 44.50 -62.38 -61.12
CA GLN A 423 43.52 -63.39 -61.52
C GLN A 423 42.75 -63.92 -60.32
N LEU A 424 43.46 -64.25 -59.24
CA LEU A 424 42.80 -64.76 -58.05
C LEU A 424 41.91 -63.71 -57.41
N LEU A 425 42.35 -62.45 -57.41
CA LEU A 425 41.52 -61.37 -56.88
C LEU A 425 40.24 -61.21 -57.69
N LYS A 426 40.35 -61.27 -59.02
CA LYS A 426 39.17 -61.18 -59.86
C LYS A 426 38.23 -62.36 -59.62
N TYR A 427 38.78 -63.57 -59.47
CA TYR A 427 37.96 -64.73 -59.22
C TYR A 427 37.24 -64.63 -57.87
N ILE A 428 37.93 -64.09 -56.86
CA ILE A 428 37.30 -63.85 -55.57
C ILE A 428 36.17 -62.84 -55.71
N ARG A 429 36.41 -61.77 -56.49
CA ARG A 429 35.38 -60.77 -56.72
C ARG A 429 34.19 -61.33 -57.50
N ASN A 430 34.41 -62.40 -58.26
CA ASN A 430 33.35 -62.99 -59.09
C ASN A 430 32.82 -64.30 -58.51
N VAL A 431 32.69 -64.39 -57.19
CA VAL A 431 32.14 -65.59 -56.56
C VAL A 431 30.64 -65.41 -56.40
N ASN A 432 29.92 -66.53 -56.37
CA ASN A 432 28.47 -66.52 -56.15
C ASN A 432 28.08 -67.88 -55.57
N PHE A 433 27.76 -67.90 -54.28
CA PHE A 433 27.40 -69.14 -53.62
C PHE A 433 26.56 -68.82 -52.39
N SER A 434 25.89 -69.86 -51.88
CA SER A 434 25.07 -69.72 -50.69
C SER A 434 25.87 -70.06 -49.44
N GLY A 435 25.72 -69.25 -48.41
CA GLY A 435 26.45 -69.43 -47.17
C GLY A 435 25.80 -70.48 -46.29
N ILE A 436 26.38 -70.63 -45.09
CA ILE A 436 25.86 -71.60 -44.13
C ILE A 436 24.47 -71.20 -43.65
N ALA A 437 24.24 -69.91 -43.46
CA ALA A 437 22.94 -69.40 -43.03
C ALA A 437 21.99 -69.13 -44.18
N GLY A 438 22.42 -69.36 -45.42
CA GLY A 438 21.60 -69.10 -46.59
C GLY A 438 21.72 -67.71 -47.16
N ASN A 439 22.43 -66.81 -46.49
CA ASN A 439 22.61 -65.47 -47.02
C ASN A 439 23.53 -65.49 -48.22
N PRO A 440 23.16 -64.83 -49.32
CA PRO A 440 24.03 -64.81 -50.50
C PRO A 440 25.33 -64.07 -50.22
N VAL A 441 26.39 -64.51 -50.90
CA VAL A 441 27.72 -63.90 -50.78
C VAL A 441 28.06 -63.29 -52.13
N THR A 442 28.21 -61.98 -52.17
CA THR A 442 28.52 -61.25 -53.39
C THR A 442 29.64 -60.25 -53.12
N PHE A 443 30.40 -59.94 -54.18
CA PHE A 443 31.49 -58.99 -54.11
C PHE A 443 31.27 -57.92 -55.17
N ASN A 444 31.39 -56.65 -54.76
CA ASN A 444 31.22 -55.54 -55.67
C ASN A 444 32.58 -55.15 -56.25
N GLU A 445 32.64 -54.02 -56.95
CA GLU A 445 33.90 -53.54 -57.50
C GLU A 445 34.89 -53.17 -56.40
N ASN A 446 34.39 -52.69 -55.26
CA ASN A 446 35.23 -52.30 -54.14
C ASN A 446 35.50 -53.46 -53.18
N GLY A 447 34.95 -54.64 -53.45
CA GLY A 447 35.16 -55.79 -52.58
C GLY A 447 34.55 -55.64 -51.20
N ASP A 448 33.32 -55.14 -51.12
CA ASP A 448 32.62 -54.96 -49.85
C ASP A 448 31.28 -55.66 -49.90
N ALA A 449 30.93 -56.32 -48.79
CA ALA A 449 29.66 -57.02 -48.72
C ALA A 449 28.50 -56.03 -48.66
N PRO A 450 27.32 -56.42 -49.16
CA PRO A 450 26.16 -55.53 -49.07
C PRO A 450 25.76 -55.27 -47.63
N GLY A 451 25.23 -54.08 -47.37
CA GLY A 451 24.85 -53.66 -46.04
C GLY A 451 23.80 -54.54 -45.39
N ARG A 452 24.11 -55.03 -44.18
CA ARG A 452 23.17 -55.86 -43.42
C ARG A 452 23.61 -55.81 -41.96
N TYR A 453 22.77 -55.24 -41.10
CA TYR A 453 23.13 -55.04 -39.71
C TYR A 453 21.92 -55.30 -38.82
N ASP A 454 22.21 -55.63 -37.56
CA ASP A 454 21.20 -55.84 -36.53
C ASP A 454 21.58 -55.03 -35.30
N ILE A 455 20.56 -54.45 -34.67
CA ILE A 455 20.72 -53.60 -33.49
C ILE A 455 20.12 -54.33 -32.30
N TYR A 456 20.94 -54.53 -31.27
CA TYR A 456 20.54 -55.15 -30.02
C TYR A 456 20.72 -54.15 -28.88
N GLN A 457 20.21 -54.52 -27.71
CA GLN A 457 20.38 -53.73 -26.50
C GLN A 457 20.74 -54.66 -25.34
N TYR A 458 21.70 -54.23 -24.53
CA TYR A 458 22.17 -55.02 -23.40
C TYR A 458 21.54 -54.46 -22.12
N GLN A 459 20.78 -55.31 -21.44
CA GLN A 459 20.12 -54.94 -20.19
C GLN A 459 19.76 -56.21 -19.45
N LEU A 460 19.41 -56.06 -18.16
CA LEU A 460 19.03 -57.18 -17.32
C LEU A 460 17.51 -57.31 -17.28
N ARG A 461 17.02 -58.51 -17.53
CA ARG A 461 15.60 -58.82 -17.47
C ARG A 461 15.21 -59.52 -16.19
N ASN A 462 16.09 -59.53 -15.18
CA ASN A 462 15.92 -60.17 -13.87
C ASN A 462 15.91 -61.69 -13.94
N ASP A 463 16.02 -62.27 -15.13
CA ASP A 463 16.08 -63.72 -15.28
C ASP A 463 17.39 -64.19 -15.89
N SER A 464 17.78 -63.62 -17.03
CA SER A 464 19.03 -63.99 -17.69
C SER A 464 19.45 -62.86 -18.62
N ALA A 465 20.67 -62.37 -18.44
CA ALA A 465 21.18 -61.28 -19.27
C ALA A 465 21.71 -61.87 -20.58
N GLU A 466 21.03 -61.57 -21.68
CA GLU A 466 21.43 -62.06 -22.99
C GLU A 466 20.99 -61.07 -24.06
N TYR A 467 21.65 -61.14 -25.21
CA TYR A 467 21.33 -60.27 -26.33
C TYR A 467 20.15 -60.82 -27.11
N LYS A 468 19.25 -59.92 -27.50
CA LYS A 468 18.06 -60.27 -28.28
C LYS A 468 17.99 -59.41 -29.53
N VAL A 469 17.59 -60.04 -30.64
CA VAL A 469 17.46 -59.33 -31.90
C VAL A 469 16.32 -58.33 -31.79
N ILE A 470 16.63 -57.04 -31.82
CA ILE A 470 15.66 -55.98 -31.64
C ILE A 470 15.32 -55.30 -32.96
N GLY A 471 16.33 -54.83 -33.69
CA GLY A 471 16.10 -54.16 -34.95
C GLY A 471 16.98 -54.72 -36.06
N SER A 472 16.49 -54.57 -37.28
CA SER A 472 17.22 -55.00 -38.48
C SER A 472 17.54 -53.79 -39.34
N TRP A 473 18.66 -53.86 -40.05
CA TRP A 473 19.10 -52.76 -40.89
C TRP A 473 19.85 -53.32 -42.10
N THR A 474 19.22 -53.25 -43.26
CA THR A 474 19.86 -53.57 -44.53
C THR A 474 19.98 -52.35 -45.43
N ASP A 475 18.86 -51.66 -45.69
CA ASP A 475 18.88 -50.38 -46.37
C ASP A 475 18.06 -49.31 -45.65
N HIS A 476 17.10 -49.70 -44.82
CA HIS A 476 16.33 -48.76 -44.01
C HIS A 476 16.15 -49.35 -42.62
N LEU A 477 15.96 -48.47 -41.64
CA LEU A 477 15.87 -48.92 -40.25
C LEU A 477 14.58 -49.68 -40.00
N HIS A 478 14.70 -50.75 -39.21
CA HIS A 478 13.58 -51.58 -38.79
C HIS A 478 13.61 -51.83 -37.29
N LEU A 479 14.05 -50.84 -36.53
CA LEU A 479 14.19 -50.99 -35.09
C LEU A 479 12.82 -51.12 -34.43
N ARG A 480 12.73 -52.00 -33.44
CA ARG A 480 11.50 -52.22 -32.68
C ARG A 480 11.54 -51.37 -31.41
N ILE A 481 10.70 -50.34 -31.36
CA ILE A 481 10.69 -49.44 -30.22
C ILE A 481 10.19 -50.15 -28.96
N GLU A 482 9.24 -51.08 -29.12
CA GLU A 482 8.59 -51.72 -27.98
C GLU A 482 9.54 -52.58 -27.16
N ARG A 483 10.73 -52.90 -27.67
CA ARG A 483 11.70 -53.74 -26.97
C ARG A 483 12.95 -52.96 -26.64
N MET A 484 12.80 -51.71 -26.19
CA MET A 484 13.93 -50.87 -25.84
C MET A 484 13.79 -50.38 -24.40
N HIS A 485 14.92 -50.38 -23.69
CA HIS A 485 15.00 -49.88 -22.31
C HIS A 485 14.02 -50.62 -21.40
N TRP A 486 14.24 -51.93 -21.27
CA TRP A 486 13.44 -52.80 -20.42
C TRP A 486 11.95 -52.75 -20.80
N LEU A 493 11.02 -44.36 -22.77
CA LEU A 493 11.90 -43.98 -23.87
C LEU A 493 12.55 -42.64 -23.62
N PRO A 494 13.83 -42.65 -23.24
CA PRO A 494 14.54 -41.39 -22.97
C PRO A 494 15.13 -40.78 -24.21
N ARG A 495 15.20 -39.45 -24.20
CA ARG A 495 15.73 -38.68 -25.32
C ARG A 495 16.89 -37.82 -24.84
N SER A 496 17.98 -37.81 -25.61
CA SER A 496 19.16 -37.02 -25.29
C SER A 496 19.10 -35.65 -25.98
N ILE A 497 18.09 -34.88 -25.60
CA ILE A 497 17.88 -33.55 -26.17
C ILE A 497 18.87 -32.58 -25.54
N CYS A 498 19.46 -31.72 -26.37
CA CYS A 498 20.44 -30.76 -25.89
C CYS A 498 19.81 -29.80 -24.88
N SER A 499 18.62 -29.28 -25.20
CA SER A 499 17.93 -28.34 -24.32
C SER A 499 16.45 -28.70 -24.27
N LEU A 500 15.87 -28.60 -23.08
CA LEU A 500 14.45 -28.86 -22.90
C LEU A 500 13.64 -27.82 -23.67
N PRO A 501 12.41 -28.15 -24.04
CA PRO A 501 11.57 -27.19 -24.78
C PRO A 501 11.46 -25.87 -24.04
N CYS A 502 11.66 -24.78 -24.78
CA CYS A 502 11.69 -23.45 -24.17
C CYS A 502 10.36 -23.09 -23.54
N GLN A 503 9.31 -22.99 -24.37
CA GLN A 503 7.98 -22.64 -23.88
C GLN A 503 6.93 -22.96 -24.95
N PRO A 504 5.73 -23.35 -24.56
CA PRO A 504 4.65 -23.60 -25.54
C PRO A 504 4.03 -22.30 -26.06
N GLY A 505 4.85 -21.49 -26.73
CA GLY A 505 4.41 -20.21 -27.24
C GLY A 505 4.69 -19.03 -26.34
N GLU A 506 5.00 -19.27 -25.06
CA GLU A 506 5.29 -18.16 -24.15
C GLU A 506 6.57 -17.43 -24.55
N ARG A 507 7.59 -18.18 -24.97
CA ARG A 507 8.88 -17.61 -25.35
C ARG A 507 9.37 -18.27 -26.63
N LYS A 508 10.19 -17.54 -27.38
CA LYS A 508 10.68 -18.03 -28.65
C LYS A 508 11.88 -18.95 -28.48
N LYS A 509 12.22 -19.65 -29.56
CA LYS A 509 13.39 -20.53 -29.58
C LYS A 509 14.29 -20.11 -30.73
N THR A 510 15.59 -20.01 -30.43
CA THR A 510 16.60 -19.64 -31.42
C THR A 510 17.57 -20.79 -31.61
N VAL A 511 18.36 -20.69 -32.68
CA VAL A 511 19.34 -21.73 -33.03
C VAL A 511 20.74 -21.16 -32.95
N LYS A 512 21.73 -22.00 -33.21
CA LYS A 512 23.14 -21.60 -33.13
C LYS A 512 23.86 -22.24 -34.32
N GLY A 513 25.20 -22.26 -34.26
CA GLY A 513 25.96 -22.91 -35.32
C GLY A 513 25.61 -24.37 -35.48
N MET A 514 25.36 -25.06 -34.37
CA MET A 514 24.92 -26.45 -34.42
C MET A 514 23.42 -26.49 -34.19
N PRO A 515 22.61 -26.84 -35.19
CA PRO A 515 21.14 -26.84 -35.01
C PRO A 515 20.64 -28.05 -34.24
N CYS A 516 20.98 -28.10 -32.95
CA CYS A 516 20.54 -29.20 -32.09
C CYS A 516 19.89 -28.66 -30.83
N CYS A 517 20.33 -27.49 -30.38
CA CYS A 517 19.87 -26.90 -29.13
C CYS A 517 18.94 -25.73 -29.42
N TRP A 518 17.74 -25.79 -28.84
CA TRP A 518 16.75 -24.72 -28.97
C TRP A 518 16.95 -23.74 -27.82
N HIS A 519 17.70 -22.66 -28.08
CA HIS A 519 17.97 -21.68 -27.03
C HIS A 519 16.71 -20.88 -26.73
N CYS A 520 16.24 -20.97 -25.48
CA CYS A 520 15.04 -20.26 -25.07
C CYS A 520 15.31 -18.76 -24.98
N GLU A 521 14.38 -17.96 -25.48
CA GLU A 521 14.49 -16.51 -25.43
C GLU A 521 13.13 -15.92 -25.08
N PRO A 522 12.99 -15.27 -23.92
CA PRO A 522 11.68 -14.75 -23.51
C PRO A 522 11.28 -13.50 -24.29
N CYS A 523 10.31 -13.64 -25.19
CA CYS A 523 9.73 -12.47 -25.83
C CYS A 523 8.96 -11.65 -24.81
N THR A 524 9.02 -10.33 -24.95
CA THR A 524 8.38 -9.44 -23.99
C THR A 524 6.86 -9.58 -24.07
N GLY A 525 6.18 -8.98 -23.09
CA GLY A 525 4.73 -9.06 -23.01
C GLY A 525 4.02 -8.45 -24.21
N TYR A 526 4.67 -7.52 -24.91
CA TYR A 526 4.10 -6.95 -26.12
C TYR A 526 4.09 -7.92 -27.29
N GLN A 527 4.80 -9.05 -27.19
CA GLN A 527 4.92 -10.01 -28.27
C GLN A 527 3.98 -11.19 -28.06
N TYR A 528 3.55 -11.79 -29.16
CA TYR A 528 2.76 -13.00 -29.14
C TYR A 528 3.34 -14.00 -30.15
N GLN A 529 3.17 -15.28 -29.85
CA GLN A 529 3.73 -16.32 -30.70
C GLN A 529 2.85 -16.50 -31.94
N VAL A 530 3.45 -16.33 -33.12
CA VAL A 530 2.74 -16.55 -34.37
C VAL A 530 3.30 -17.74 -35.15
N ASP A 531 4.55 -18.12 -34.93
CA ASP A 531 5.15 -19.27 -35.61
C ASP A 531 6.02 -20.01 -34.60
N ARG A 532 6.84 -20.93 -35.09
CA ARG A 532 7.66 -21.75 -34.22
C ARG A 532 8.73 -20.91 -33.51
N TYR A 533 9.35 -19.97 -34.21
CA TYR A 533 10.49 -19.23 -33.66
C TYR A 533 10.36 -17.73 -33.84
N THR A 534 9.17 -17.22 -34.16
CA THR A 534 8.97 -15.80 -34.36
C THR A 534 7.83 -15.31 -33.47
N CYS A 535 8.07 -14.21 -32.76
CA CYS A 535 7.04 -13.54 -31.97
C CYS A 535 6.86 -12.13 -32.50
N LYS A 536 5.61 -11.74 -32.73
CA LYS A 536 5.32 -10.44 -33.33
C LYS A 536 4.35 -9.63 -32.48
N THR A 537 3.90 -8.49 -33.01
CA THR A 537 3.01 -7.58 -32.29
C THR A 537 1.69 -7.45 -33.04
N CYS A 538 0.59 -7.51 -32.30
CA CYS A 538 -0.75 -7.30 -32.86
C CYS A 538 -1.39 -6.11 -32.16
N PRO A 539 -1.37 -4.92 -32.78
CA PRO A 539 -1.91 -3.73 -32.13
C PRO A 539 -3.42 -3.58 -32.31
N TYR A 540 -3.94 -2.42 -31.90
CA TYR A 540 -5.35 -2.06 -32.07
C TYR A 540 -6.27 -3.02 -31.32
N ASP A 541 -6.11 -3.02 -29.99
CA ASP A 541 -7.03 -3.68 -29.07
C ASP A 541 -7.05 -5.20 -29.29
N MET A 542 -5.86 -5.80 -29.39
CA MET A 542 -5.71 -7.25 -29.49
C MET A 542 -4.50 -7.62 -28.64
N ARG A 543 -4.74 -7.96 -27.35
CA ARG A 543 -3.70 -8.26 -26.39
C ARG A 543 -3.33 -9.74 -26.43
N PRO A 544 -2.10 -10.08 -26.06
CA PRO A 544 -1.72 -11.50 -25.97
C PRO A 544 -2.51 -12.22 -24.89
N THR A 545 -2.73 -13.51 -25.10
CA THR A 545 -3.43 -14.34 -24.12
C THR A 545 -2.48 -14.71 -23.00
N GLU A 546 -2.90 -15.65 -22.14
CA GLU A 546 -2.09 -16.02 -20.98
C GLU A 546 -0.75 -16.61 -21.40
N ASN A 547 -0.79 -17.64 -22.24
CA ASN A 547 0.45 -18.28 -22.71
C ASN A 547 0.91 -17.72 -24.05
N ARG A 548 0.93 -16.40 -24.17
CA ARG A 548 1.48 -15.67 -25.32
C ARG A 548 1.20 -16.38 -26.65
N THR A 549 -0.06 -16.77 -26.83
CA THR A 549 -0.44 -17.59 -27.97
C THR A 549 -1.39 -16.91 -28.94
N GLY A 550 -2.33 -16.09 -28.46
CA GLY A 550 -3.32 -15.47 -29.31
C GLY A 550 -3.35 -13.96 -29.13
N CYS A 551 -4.21 -13.33 -29.94
CA CYS A 551 -4.38 -11.88 -29.90
C CYS A 551 -5.83 -11.53 -29.59
N ARG A 552 -6.39 -12.15 -28.55
CA ARG A 552 -7.79 -11.94 -28.21
C ARG A 552 -8.04 -10.46 -27.92
N PRO A 553 -9.20 -9.93 -28.31
CA PRO A 553 -9.45 -8.50 -28.16
C PRO A 553 -9.49 -8.08 -26.69
N ILE A 554 -9.05 -6.85 -26.44
CA ILE A 554 -9.07 -6.29 -25.09
C ILE A 554 -10.49 -5.85 -24.76
N PRO A 555 -11.07 -6.28 -23.64
CA PRO A 555 -12.41 -5.83 -23.28
C PRO A 555 -12.46 -4.32 -23.08
N ILE A 556 -13.58 -3.73 -23.48
CA ILE A 556 -13.79 -2.28 -23.39
C ILE A 556 -14.56 -1.98 -22.12
N ILE A 557 -14.00 -1.11 -21.28
CA ILE A 557 -14.61 -0.75 -20.01
C ILE A 557 -15.58 0.41 -20.23
N LYS A 558 -16.82 0.23 -19.77
CA LYS A 558 -17.84 1.26 -19.90
C LYS A 558 -18.89 1.02 -18.82
N LEU A 559 -19.19 2.06 -18.03
CA LEU A 559 -20.10 1.94 -16.91
C LEU A 559 -21.19 3.00 -17.02
N GLU A 560 -22.40 2.63 -16.61
CA GLU A 560 -23.54 3.52 -16.62
C GLU A 560 -23.72 4.24 -15.28
N TRP A 561 -23.54 3.53 -14.18
CA TRP A 561 -23.69 4.13 -12.85
C TRP A 561 -22.90 3.28 -11.86
N GLY A 562 -22.77 3.82 -10.64
CA GLY A 562 -22.06 3.14 -9.58
C GLY A 562 -20.59 3.47 -9.46
N SER A 563 -20.04 4.20 -10.41
CA SER A 563 -18.63 4.57 -10.35
C SER A 563 -18.39 5.56 -9.22
N PRO A 564 -17.19 5.54 -8.62
CA PRO A 564 -16.89 6.54 -7.58
C PRO A 564 -16.95 7.97 -8.08
N TRP A 565 -16.68 8.20 -9.37
CA TRP A 565 -16.78 9.50 -9.98
C TRP A 565 -18.18 9.82 -10.48
N ALA A 566 -19.15 8.91 -10.28
CA ALA A 566 -20.50 9.12 -10.77
C ALA A 566 -21.54 9.26 -9.67
N VAL A 567 -21.24 8.85 -8.44
CA VAL A 567 -22.25 8.90 -7.38
C VAL A 567 -22.71 10.32 -7.12
N LEU A 568 -21.75 11.25 -7.02
CA LEU A 568 -22.10 12.66 -6.85
C LEU A 568 -22.86 13.22 -8.05
N PRO A 569 -22.42 12.98 -9.30
CA PRO A 569 -23.24 13.45 -10.44
C PRO A 569 -24.66 12.92 -10.46
N LEU A 570 -24.89 11.62 -10.23
CA LEU A 570 -26.27 11.13 -10.21
C LEU A 570 -27.05 11.67 -9.01
N PHE A 571 -26.40 11.86 -7.85
CA PHE A 571 -27.11 12.46 -6.72
C PHE A 571 -27.57 13.86 -7.06
N LEU A 572 -26.68 14.67 -7.64
CA LEU A 572 -27.05 16.02 -8.06
C LEU A 572 -28.15 15.97 -9.11
N ALA A 573 -28.04 15.03 -10.06
CA ALA A 573 -29.04 14.92 -11.12
C ALA A 573 -30.42 14.62 -10.55
N VAL A 574 -30.50 13.66 -9.63
CA VAL A 574 -31.81 13.25 -9.12
C VAL A 574 -32.40 14.36 -8.24
N VAL A 575 -31.58 14.99 -7.39
CA VAL A 575 -32.13 16.04 -6.54
C VAL A 575 -32.56 17.24 -7.38
N GLY A 576 -31.77 17.59 -8.40
CA GLY A 576 -32.16 18.70 -9.26
C GLY A 576 -33.39 18.41 -10.09
N ILE A 577 -33.51 17.18 -10.59
CA ILE A 577 -34.69 16.80 -11.36
C ILE A 577 -35.93 16.85 -10.48
N ALA A 578 -35.82 16.33 -9.25
CA ALA A 578 -36.96 16.40 -8.33
C ALA A 578 -37.35 17.84 -8.02
N ALA A 579 -36.35 18.70 -7.76
CA ALA A 579 -36.64 20.09 -7.45
C ALA A 579 -37.27 20.80 -8.64
N THR A 580 -36.76 20.57 -9.85
CA THR A 580 -37.31 21.21 -11.04
C THR A 580 -38.72 20.74 -11.31
N LEU A 581 -38.97 19.43 -11.17
CA LEU A 581 -40.33 18.92 -11.37
C LEU A 581 -41.30 19.51 -10.35
N PHE A 582 -40.88 19.59 -9.09
CA PHE A 582 -41.74 20.19 -8.06
C PHE A 582 -42.02 21.65 -8.38
N VAL A 583 -40.99 22.40 -8.80
CA VAL A 583 -41.17 23.81 -9.09
C VAL A 583 -42.12 24.01 -10.27
N VAL A 584 -41.95 23.23 -11.33
CA VAL A 584 -42.81 23.39 -12.50
C VAL A 584 -44.24 22.96 -12.18
N ILE A 585 -44.39 21.91 -11.35
CA ILE A 585 -45.73 21.49 -10.95
C ILE A 585 -46.41 22.57 -10.13
N THR A 586 -45.70 23.19 -9.19
CA THR A 586 -46.27 24.28 -8.42
C THR A 586 -46.62 25.46 -9.30
N PHE A 587 -45.75 25.80 -10.26
CA PHE A 587 -46.01 26.93 -11.15
C PHE A 587 -47.25 26.68 -12.01
N VAL A 588 -47.40 25.46 -12.53
CA VAL A 588 -48.57 25.14 -13.34
C VAL A 588 -49.84 25.14 -12.50
N ARG A 589 -49.78 24.50 -11.32
CA ARG A 589 -50.98 24.39 -10.49
C ARG A 589 -51.34 25.72 -9.86
N TYR A 590 -50.34 26.50 -9.43
CA TYR A 590 -50.57 27.79 -8.79
C TYR A 590 -50.37 28.94 -9.76
N ASN A 591 -50.74 28.75 -11.03
CA ASN A 591 -50.56 29.77 -12.04
C ASN A 591 -51.52 30.93 -11.82
N ASP A 592 -51.29 32.01 -12.56
CA ASP A 592 -52.09 33.23 -12.61
C ASP A 592 -52.02 34.04 -11.32
N THR A 593 -51.22 33.63 -10.34
CA THR A 593 -51.08 34.45 -9.14
C THR A 593 -50.24 35.69 -9.45
N PRO A 594 -50.57 36.85 -8.87
CA PRO A 594 -49.84 38.08 -9.18
C PRO A 594 -48.53 38.25 -8.43
N ILE A 595 -48.15 37.28 -7.59
CA ILE A 595 -46.94 37.40 -6.78
C ILE A 595 -45.74 36.81 -7.52
N VAL A 596 -45.81 35.52 -7.83
CA VAL A 596 -44.68 34.81 -8.40
C VAL A 596 -44.90 34.44 -9.87
N LYS A 597 -46.13 34.12 -10.27
CA LYS A 597 -46.39 33.71 -11.65
C LYS A 597 -46.41 34.88 -12.62
N ALA A 598 -46.44 36.11 -12.14
CA ALA A 598 -46.45 37.30 -12.99
C ALA A 598 -45.08 37.93 -13.13
N SER A 599 -44.03 37.26 -12.67
CA SER A 599 -42.68 37.83 -12.73
C SER A 599 -42.08 37.67 -14.13
N GLY A 600 -41.92 36.43 -14.58
CA GLY A 600 -41.32 36.18 -15.87
C GLY A 600 -42.24 35.49 -16.85
N ARG A 601 -43.17 34.68 -16.33
CA ARG A 601 -44.11 33.93 -17.14
C ARG A 601 -43.39 33.07 -18.18
N GLU A 602 -43.33 33.55 -19.43
CA GLU A 602 -42.65 32.81 -20.48
C GLU A 602 -41.16 32.68 -20.21
N LEU A 603 -40.53 33.75 -19.73
CA LEU A 603 -39.10 33.71 -19.46
C LEU A 603 -38.77 32.70 -18.37
N SER A 604 -39.60 32.62 -17.33
CA SER A 604 -39.37 31.64 -16.28
C SER A 604 -39.59 30.22 -16.79
N TYR A 605 -40.57 30.03 -17.68
CA TYR A 605 -40.86 28.69 -18.18
C TYR A 605 -39.71 28.14 -19.03
N VAL A 606 -39.17 28.95 -19.94
CA VAL A 606 -38.06 28.49 -20.76
C VAL A 606 -36.80 28.32 -19.92
N LEU A 607 -36.67 29.08 -18.83
CA LEU A 607 -35.56 28.86 -17.91
C LEU A 607 -35.68 27.51 -17.24
N LEU A 608 -36.89 27.13 -16.84
CA LEU A 608 -37.11 25.80 -16.27
C LEU A 608 -36.82 24.71 -17.30
N ALA A 609 -37.18 24.96 -18.55
CA ALA A 609 -36.85 24.01 -19.62
C ALA A 609 -35.34 23.87 -19.78
N GLY A 610 -34.61 24.98 -19.68
CA GLY A 610 -33.17 24.92 -19.77
C GLY A 610 -32.55 24.15 -18.61
N ILE A 611 -33.08 24.35 -17.41
CA ILE A 611 -32.59 23.61 -16.24
C ILE A 611 -32.87 22.12 -16.41
N PHE A 612 -34.07 21.78 -16.90
CA PHE A 612 -34.40 20.39 -17.15
C PHE A 612 -33.48 19.78 -18.20
N LEU A 613 -33.17 20.54 -19.26
CA LEU A 613 -32.25 20.05 -20.28
C LEU A 613 -30.85 19.83 -19.70
N CYS A 614 -30.40 20.76 -18.85
CA CYS A 614 -29.08 20.60 -18.21
C CYS A 614 -29.04 19.34 -17.35
N TYR A 615 -30.09 19.08 -16.59
CA TYR A 615 -30.12 17.85 -15.80
C TYR A 615 -30.25 16.61 -16.70
N ALA A 616 -30.88 16.75 -17.86
CA ALA A 616 -30.89 15.66 -18.83
C ALA A 616 -29.48 15.36 -19.32
N THR A 617 -28.69 16.40 -19.58
CA THR A 617 -27.28 16.19 -19.93
C THR A 617 -26.53 15.53 -18.78
N THR A 618 -26.82 15.95 -17.55
CA THR A 618 -26.19 15.32 -16.39
C THR A 618 -26.49 13.83 -16.33
N PHE A 619 -27.74 13.45 -16.61
CA PHE A 619 -28.10 12.04 -16.62
C PHE A 619 -27.45 11.29 -17.78
N LEU A 620 -27.43 11.90 -18.97
CA LEU A 620 -27.03 11.20 -20.18
C LEU A 620 -25.53 11.13 -20.37
N MET A 621 -24.75 12.00 -19.72
CA MET A 621 -23.31 12.02 -19.94
C MET A 621 -22.66 10.71 -19.49
N ILE A 622 -23.08 10.18 -18.34
CA ILE A 622 -22.54 8.93 -17.82
C ILE A 622 -23.47 7.82 -18.34
N ALA A 623 -23.16 7.31 -19.52
CA ALA A 623 -23.94 6.26 -20.15
C ALA A 623 -23.05 5.50 -21.13
N GLU A 624 -23.67 4.66 -21.94
CA GLU A 624 -22.93 3.90 -22.94
C GLU A 624 -22.61 4.79 -24.13
N PRO A 625 -21.33 5.00 -24.46
CA PRO A 625 -20.98 5.93 -25.56
C PRO A 625 -21.13 5.27 -26.92
N ASP A 626 -21.90 5.92 -27.79
CA ASP A 626 -21.95 5.57 -29.21
C ASP A 626 -22.36 6.83 -29.97
N LEU A 627 -22.68 6.68 -31.26
CA LEU A 627 -23.01 7.83 -32.08
C LEU A 627 -24.27 8.53 -31.56
N GLY A 628 -25.34 7.77 -31.35
CA GLY A 628 -26.60 8.37 -30.93
C GLY A 628 -26.51 9.03 -29.57
N THR A 629 -25.93 8.33 -28.59
CA THR A 629 -25.82 8.89 -27.25
C THR A 629 -24.94 10.13 -27.22
N CYS A 630 -23.80 10.09 -27.93
CA CYS A 630 -22.93 11.25 -27.98
C CYS A 630 -23.62 12.44 -28.63
N SER A 631 -24.32 12.20 -29.75
CA SER A 631 -25.02 13.29 -30.42
C SER A 631 -26.12 13.88 -29.54
N LEU A 632 -26.90 13.01 -28.88
CA LEU A 632 -27.97 13.50 -28.01
C LEU A 632 -27.41 14.29 -26.83
N ARG A 633 -26.35 13.78 -26.20
CA ARG A 633 -25.73 14.50 -25.09
C ARG A 633 -25.18 15.84 -25.54
N ARG A 634 -24.54 15.87 -26.70
CA ARG A 634 -23.98 17.12 -27.20
C ARG A 634 -25.06 18.16 -27.48
N ILE A 635 -26.14 17.75 -28.17
CA ILE A 635 -27.18 18.71 -28.50
C ILE A 635 -27.91 19.16 -27.25
N PHE A 636 -28.12 18.26 -26.29
CA PHE A 636 -28.75 18.64 -25.03
C PHE A 636 -27.88 19.62 -24.26
N LEU A 637 -26.56 19.38 -24.23
CA LEU A 637 -25.65 20.30 -23.56
C LEU A 637 -25.66 21.68 -24.23
N GLY A 638 -25.67 21.70 -25.56
CA GLY A 638 -25.75 22.97 -26.26
C GLY A 638 -27.02 23.73 -25.93
N LEU A 639 -28.17 23.03 -25.95
CA LEU A 639 -29.43 23.69 -25.64
C LEU A 639 -29.45 24.19 -24.20
N GLY A 640 -28.94 23.39 -23.26
CA GLY A 640 -28.93 23.79 -21.87
C GLY A 640 -28.02 24.98 -21.61
N MET A 641 -26.84 25.00 -22.22
CA MET A 641 -25.94 26.13 -22.06
C MET A 641 -26.37 27.35 -22.86
N SER A 642 -27.29 27.19 -23.82
CA SER A 642 -27.74 28.34 -24.60
C SER A 642 -28.98 28.99 -23.99
N ILE A 643 -30.09 28.24 -23.91
CA ILE A 643 -31.38 28.85 -23.59
C ILE A 643 -31.43 29.26 -22.12
N SER A 644 -30.88 28.43 -21.23
CA SER A 644 -31.01 28.66 -19.79
C SER A 644 -30.36 29.97 -19.35
N TYR A 645 -29.39 30.47 -20.13
CA TYR A 645 -28.79 31.76 -19.84
C TYR A 645 -29.17 32.85 -20.83
N ALA A 646 -29.63 32.48 -22.03
CA ALA A 646 -30.18 33.48 -22.94
C ALA A 646 -31.44 34.10 -22.36
N ALA A 647 -32.28 33.28 -21.73
CA ALA A 647 -33.50 33.82 -21.12
C ALA A 647 -33.18 34.84 -20.03
N LEU A 648 -32.22 34.53 -19.17
CA LEU A 648 -31.87 35.45 -18.10
C LEU A 648 -31.12 36.67 -18.64
N LEU A 649 -30.38 36.49 -19.74
CA LEU A 649 -29.80 37.64 -20.43
C LEU A 649 -30.87 38.59 -20.94
N THR A 650 -31.93 38.03 -21.54
CA THR A 650 -33.04 38.86 -21.98
C THR A 650 -33.70 39.56 -20.80
N LYS A 651 -33.88 38.84 -19.69
CA LYS A 651 -34.52 39.43 -18.51
C LYS A 651 -33.69 40.59 -17.97
N THR A 652 -32.37 40.41 -17.85
CA THR A 652 -31.53 41.48 -17.31
C THR A 652 -31.41 42.64 -18.29
N ASN A 653 -31.38 42.37 -19.59
CA ASN A 653 -31.39 43.46 -20.57
C ASN A 653 -32.68 44.26 -20.47
N ARG A 654 -33.82 43.56 -20.32
CA ARG A 654 -35.10 44.25 -20.20
C ARG A 654 -35.14 45.13 -18.95
N ILE A 655 -34.68 44.59 -17.81
CA ILE A 655 -34.74 45.38 -16.58
C ILE A 655 -33.77 46.55 -16.65
N TYR A 656 -32.60 46.35 -17.26
CA TYR A 656 -31.64 47.45 -17.41
C TYR A 656 -32.19 48.55 -18.31
N ARG A 657 -32.82 48.17 -19.43
CA ARG A 657 -33.37 49.18 -20.33
C ARG A 657 -34.58 49.88 -19.74
N ILE A 658 -35.33 49.18 -18.88
CA ILE A 658 -36.43 49.84 -18.18
C ILE A 658 -35.89 50.83 -17.16
N PHE A 659 -34.84 50.44 -16.42
CA PHE A 659 -34.22 51.36 -15.48
C PHE A 659 -33.57 52.55 -16.19
N GLU A 660 -33.18 52.36 -17.45
CA GLU A 660 -32.56 53.45 -18.20
C GLU A 660 -33.53 54.61 -18.38
N GLN A 661 -34.80 54.32 -18.67
CA GLN A 661 -35.81 55.37 -18.83
C GLN A 661 -36.08 56.08 -17.51
N ARG A 670 -38.50 50.80 -24.54
CA ARG A 670 -38.72 50.34 -25.91
C ARG A 670 -38.51 48.84 -26.03
N PHE A 671 -39.39 48.19 -26.78
CA PHE A 671 -39.35 46.75 -27.02
C PHE A 671 -39.45 45.93 -25.73
N ILE A 672 -39.97 46.56 -24.67
CA ILE A 672 -40.04 45.87 -23.34
C ILE A 672 -41.22 44.89 -23.33
N SER A 673 -41.04 43.71 -23.92
CA SER A 673 -42.11 42.68 -23.91
C SER A 673 -41.52 41.33 -23.51
N PRO A 674 -42.11 40.59 -22.54
CA PRO A 674 -41.61 39.25 -22.21
C PRO A 674 -41.61 38.41 -23.49
N ALA A 675 -42.65 38.56 -24.32
CA ALA A 675 -42.70 37.84 -25.61
C ALA A 675 -41.53 38.32 -26.47
N SER A 676 -41.24 39.63 -26.45
CA SER A 676 -40.09 40.17 -27.21
C SER A 676 -38.80 39.53 -26.69
N GLN A 677 -38.68 39.39 -25.36
CA GLN A 677 -37.49 38.72 -24.77
C GLN A 677 -37.43 37.29 -25.31
N LEU A 678 -38.56 36.58 -25.25
CA LEU A 678 -38.62 35.16 -25.73
C LEU A 678 -38.27 35.14 -27.23
N ALA A 679 -38.73 36.15 -27.98
CA ALA A 679 -38.40 36.23 -29.42
C ALA A 679 -36.88 36.16 -29.60
N ILE A 680 -36.17 37.19 -29.13
CA ILE A 680 -34.71 37.17 -29.23
C ILE A 680 -34.12 35.98 -28.48
N THR A 681 -34.82 35.47 -27.47
CA THR A 681 -34.39 34.22 -26.84
C THR A 681 -34.40 33.08 -27.85
N PHE A 682 -35.49 32.95 -28.61
CA PHE A 682 -35.55 31.94 -29.65
C PHE A 682 -34.56 32.22 -30.76
N SER A 683 -34.26 33.50 -31.03
CA SER A 683 -33.23 33.83 -32.01
C SER A 683 -31.87 33.31 -31.57
N LEU A 684 -31.52 33.51 -30.30
CA LEU A 684 -30.25 33.00 -29.79
C LEU A 684 -30.22 31.48 -29.79
N ILE A 685 -31.35 30.85 -29.43
CA ILE A 685 -31.43 29.39 -29.46
C ILE A 685 -31.23 28.88 -30.89
N SER A 686 -31.86 29.54 -31.85
CA SER A 686 -31.70 29.16 -33.25
C SER A 686 -30.27 29.38 -33.73
N LEU A 687 -29.61 30.42 -33.24
CA LEU A 687 -28.20 30.63 -33.58
C LEU A 687 -27.35 29.49 -33.08
N GLN A 688 -27.57 29.07 -31.83
CA GLN A 688 -26.83 27.92 -31.30
C GLN A 688 -27.13 26.65 -32.11
N LEU A 689 -28.39 26.43 -32.45
CA LEU A 689 -28.75 25.25 -33.23
C LEU A 689 -28.11 25.27 -34.61
N LEU A 690 -28.11 26.42 -35.27
CA LEU A 690 -27.48 26.54 -36.58
C LEU A 690 -25.99 26.29 -36.49
N GLY A 691 -25.34 26.82 -35.45
CA GLY A 691 -23.93 26.52 -35.25
C GLY A 691 -23.66 25.05 -35.05
N ILE A 692 -24.53 24.38 -34.28
CA ILE A 692 -24.36 22.95 -34.03
C ILE A 692 -24.51 22.17 -35.32
N CYS A 693 -25.52 22.49 -36.13
CA CYS A 693 -25.71 21.79 -37.40
C CYS A 693 -24.57 22.07 -38.38
N VAL A 694 -24.04 23.30 -38.36
CA VAL A 694 -22.86 23.60 -39.16
C VAL A 694 -21.68 22.74 -38.70
N TRP A 695 -21.58 22.52 -37.39
CA TRP A 695 -20.54 21.65 -36.85
C TRP A 695 -20.74 20.20 -37.24
N PHE A 696 -21.99 19.79 -37.50
CA PHE A 696 -22.29 18.38 -37.75
C PHE A 696 -21.47 17.81 -38.89
N VAL A 697 -21.08 18.64 -39.86
CA VAL A 697 -20.22 18.20 -40.96
C VAL A 697 -18.74 18.43 -40.67
N VAL A 698 -18.42 19.24 -39.65
CA VAL A 698 -17.01 19.48 -39.33
C VAL A 698 -16.37 18.22 -38.75
N ASP A 699 -17.06 17.58 -37.79
CA ASP A 699 -16.57 16.37 -37.14
C ASP A 699 -17.66 15.31 -37.14
N PRO A 700 -17.92 14.68 -38.28
CA PRO A 700 -18.93 13.62 -38.35
C PRO A 700 -18.46 12.27 -37.83
N SER A 701 -17.31 12.19 -37.17
CA SER A 701 -16.78 10.91 -36.71
C SER A 701 -17.69 10.30 -35.66
N HIS A 702 -17.87 8.98 -35.75
CA HIS A 702 -18.69 8.24 -34.80
C HIS A 702 -17.87 7.95 -33.54
N SER A 703 -18.39 7.07 -32.69
CA SER A 703 -17.69 6.70 -31.46
C SER A 703 -16.37 6.01 -31.78
N VAL A 704 -15.31 6.40 -31.07
CA VAL A 704 -14.01 5.79 -31.30
C VAL A 704 -14.00 4.37 -30.76
N VAL A 705 -13.01 3.59 -31.21
CA VAL A 705 -12.91 2.20 -30.79
C VAL A 705 -12.65 2.10 -29.29
N ASP A 706 -11.66 2.82 -28.80
CA ASP A 706 -11.28 2.81 -27.38
C ASP A 706 -10.32 3.97 -27.14
N PHE A 707 -9.71 3.98 -25.96
CA PHE A 707 -8.68 4.95 -25.61
C PHE A 707 -7.35 4.55 -26.24
N GLN A 708 -6.25 5.15 -25.77
CA GLN A 708 -4.93 4.81 -26.30
C GLN A 708 -4.70 3.30 -26.27
N ASP A 709 -5.07 2.64 -25.18
CA ASP A 709 -5.13 1.18 -25.08
C ASP A 709 -3.78 0.51 -25.24
N GLN A 710 -2.68 1.26 -25.17
CA GLN A 710 -1.33 0.71 -25.29
C GLN A 710 -0.53 1.13 -24.07
N ARG A 711 -0.42 0.24 -23.10
CA ARG A 711 0.37 0.48 -21.88
C ARG A 711 1.79 -0.02 -22.14
N THR A 712 2.62 0.85 -22.71
CA THR A 712 3.99 0.50 -23.02
C THR A 712 4.80 0.27 -21.74
N LEU A 713 5.74 -0.68 -21.83
CA LEU A 713 6.59 -1.06 -20.69
C LEU A 713 5.78 -1.51 -19.49
N ASP A 714 4.61 -2.10 -19.74
CA ASP A 714 3.71 -2.56 -18.69
C ASP A 714 3.09 -3.87 -19.13
N PRO A 715 2.63 -4.69 -18.19
CA PRO A 715 1.92 -5.92 -18.57
C PRO A 715 0.66 -5.60 -19.35
N ARG A 716 0.28 -6.54 -20.23
CA ARG A 716 -0.74 -6.30 -21.24
C ARG A 716 -2.15 -6.55 -20.74
N PHE A 717 -2.39 -6.47 -19.43
CA PHE A 717 -3.75 -6.60 -18.90
C PHE A 717 -4.41 -5.22 -18.76
N ALA A 718 -4.34 -4.44 -19.84
CA ALA A 718 -4.87 -3.09 -19.85
C ALA A 718 -6.34 -3.11 -20.32
N ARG A 719 -6.89 -1.93 -20.58
CA ARG A 719 -8.26 -1.83 -21.04
C ARG A 719 -8.42 -0.52 -21.82
N GLY A 720 -9.47 -0.47 -22.63
CA GLY A 720 -9.78 0.71 -23.42
C GLY A 720 -11.13 1.29 -23.04
N VAL A 721 -11.20 2.61 -23.01
CA VAL A 721 -12.41 3.32 -22.60
C VAL A 721 -13.16 3.76 -23.86
N LEU A 722 -14.43 3.37 -23.95
CA LEU A 722 -15.26 3.76 -25.09
C LEU A 722 -15.63 5.23 -24.99
N LYS A 723 -15.57 5.92 -26.12
CA LYS A 723 -15.90 7.34 -26.20
C LYS A 723 -16.15 7.70 -27.66
N CYS A 724 -16.32 8.99 -27.92
CA CYS A 724 -16.51 9.46 -29.29
C CYS A 724 -15.54 10.59 -29.61
N ASP A 725 -15.71 11.23 -30.77
CA ASP A 725 -14.80 12.28 -31.22
C ASP A 725 -15.08 13.54 -30.42
N ILE A 726 -14.43 13.64 -29.27
CA ILE A 726 -14.55 14.80 -28.39
C ILE A 726 -13.14 15.22 -28.01
N SER A 727 -12.58 16.18 -28.74
CA SER A 727 -11.23 16.67 -28.48
C SER A 727 -11.30 17.86 -27.53
N ASP A 728 -10.17 18.54 -27.35
CA ASP A 728 -10.16 19.73 -26.50
C ASP A 728 -11.04 20.84 -27.06
N LEU A 729 -10.97 21.05 -28.38
CA LEU A 729 -11.79 22.08 -29.01
C LEU A 729 -13.27 21.75 -28.94
N SER A 730 -13.61 20.46 -28.92
CA SER A 730 -15.01 20.04 -28.88
C SER A 730 -15.72 20.60 -27.65
N LEU A 731 -15.08 20.46 -26.49
CA LEU A 731 -15.61 21.11 -25.28
C LEU A 731 -15.33 22.60 -25.27
N ILE A 732 -14.20 23.01 -25.86
CA ILE A 732 -13.73 24.39 -25.72
C ILE A 732 -14.68 25.37 -26.38
N CYS A 733 -15.18 25.04 -27.57
CA CYS A 733 -16.04 25.99 -28.29
C CYS A 733 -17.34 26.26 -27.52
N LEU A 734 -18.04 25.20 -27.12
CA LEU A 734 -19.29 25.36 -26.39
C LEU A 734 -19.04 26.01 -25.04
N LEU A 735 -17.98 25.60 -24.33
CA LEU A 735 -17.68 26.19 -23.04
C LEU A 735 -17.37 27.68 -23.17
N GLY A 736 -16.60 28.05 -24.19
CA GLY A 736 -16.27 29.45 -24.39
C GLY A 736 -17.47 30.30 -24.73
N TYR A 737 -18.38 29.77 -25.56
CA TYR A 737 -19.60 30.54 -25.84
C TYR A 737 -20.47 30.65 -24.60
N SER A 738 -20.50 29.59 -23.77
CA SER A 738 -21.24 29.67 -22.51
C SER A 738 -20.68 30.74 -21.60
N MET A 739 -19.35 30.79 -21.45
CA MET A 739 -18.75 31.86 -20.65
C MET A 739 -18.98 33.23 -21.28
N LEU A 740 -19.01 33.31 -22.61
CA LEU A 740 -19.27 34.60 -23.24
C LEU A 740 -20.66 35.12 -22.91
N LEU A 741 -21.68 34.27 -23.10
CA LEU A 741 -23.04 34.65 -22.74
C LEU A 741 -23.13 35.00 -21.27
N MET A 742 -22.47 34.21 -20.42
CA MET A 742 -22.48 34.46 -18.98
C MET A 742 -21.79 35.78 -18.64
N VAL A 743 -20.72 36.12 -19.35
CA VAL A 743 -20.00 37.36 -19.06
C VAL A 743 -20.84 38.56 -19.43
N THR A 744 -21.51 38.52 -20.59
CA THR A 744 -22.43 39.61 -20.90
C THR A 744 -23.57 39.68 -19.88
N CYS A 745 -24.06 38.51 -19.44
CA CYS A 745 -25.14 38.48 -18.47
C CYS A 745 -24.72 39.13 -17.16
N THR A 746 -23.54 38.79 -16.64
CA THR A 746 -23.07 39.35 -15.39
C THR A 746 -22.62 40.81 -15.53
N VAL A 747 -22.21 41.22 -16.73
CA VAL A 747 -21.94 42.63 -16.97
C VAL A 747 -23.23 43.44 -16.92
N TYR A 748 -24.29 42.91 -17.52
CA TYR A 748 -25.60 43.55 -17.38
C TYR A 748 -26.10 43.49 -15.94
N ALA A 749 -25.68 42.49 -15.18
CA ALA A 749 -26.05 42.41 -13.78
C ALA A 749 -25.37 43.50 -12.95
N ILE A 750 -24.13 43.85 -13.30
CA ILE A 750 -23.42 44.91 -12.56
C ILE A 750 -24.14 46.24 -12.75
N LYS A 751 -24.52 46.55 -13.98
CA LYS A 751 -25.29 47.77 -14.23
C LYS A 751 -26.69 47.66 -13.62
N THR A 752 -27.21 46.44 -13.49
CA THR A 752 -28.52 46.26 -12.86
C THR A 752 -28.48 46.67 -11.39
N ARG A 753 -27.38 46.36 -10.70
CA ARG A 753 -27.22 46.70 -9.29
C ARG A 753 -27.43 48.20 -9.07
N GLY A 754 -28.47 48.55 -8.31
CA GLY A 754 -28.79 49.95 -8.07
C GLY A 754 -30.22 50.28 -8.41
N VAL A 755 -30.92 49.34 -9.03
CA VAL A 755 -32.33 49.52 -9.40
C VAL A 755 -33.19 49.54 -8.13
N PRO A 756 -34.35 50.19 -8.16
CA PRO A 756 -35.22 50.19 -6.96
C PRO A 756 -35.77 48.82 -6.64
N GLU A 757 -36.54 48.72 -5.55
CA GLU A 757 -37.09 47.45 -5.10
C GLU A 757 -38.23 46.95 -5.98
N THR A 758 -38.70 47.77 -6.94
CA THR A 758 -39.81 47.35 -7.79
C THR A 758 -39.43 46.12 -8.61
N PHE A 759 -38.22 46.08 -9.16
CA PHE A 759 -37.74 44.92 -9.90
C PHE A 759 -37.33 43.85 -8.90
N ASN A 760 -38.25 42.91 -8.63
CA ASN A 760 -37.98 41.89 -7.63
C ASN A 760 -36.85 40.97 -8.06
N GLU A 761 -36.82 40.56 -9.32
CA GLU A 761 -35.84 39.59 -9.81
C GLU A 761 -34.63 40.31 -10.42
N ALA A 762 -33.98 41.12 -9.59
CA ALA A 762 -32.72 41.76 -9.96
C ALA A 762 -31.57 41.37 -9.06
N LYS A 763 -31.72 41.52 -7.74
CA LYS A 763 -30.74 41.09 -6.76
C LYS A 763 -30.55 39.58 -6.78
N PRO A 764 -31.62 38.77 -6.85
CA PRO A 764 -31.41 37.33 -7.06
C PRO A 764 -30.66 37.02 -8.35
N ILE A 765 -30.90 37.79 -9.41
CA ILE A 765 -30.17 37.57 -10.66
C ILE A 765 -28.69 37.86 -10.47
N GLY A 766 -28.36 38.96 -9.78
CA GLY A 766 -26.96 39.25 -9.50
C GLY A 766 -26.31 38.19 -8.64
N PHE A 767 -27.03 37.69 -7.64
CA PHE A 767 -26.49 36.63 -6.79
C PHE A 767 -26.25 35.36 -7.60
N THR A 768 -27.17 35.01 -8.49
CA THR A 768 -26.99 33.84 -9.34
C THR A 768 -25.78 34.01 -10.25
N MET A 769 -25.60 35.19 -10.82
CA MET A 769 -24.43 35.45 -11.64
C MET A 769 -23.15 35.34 -10.83
N TYR A 770 -23.15 35.84 -9.60
CA TYR A 770 -21.96 35.72 -8.75
C TYR A 770 -21.65 34.26 -8.43
N THR A 771 -22.69 33.47 -8.12
CA THR A 771 -22.47 32.04 -7.84
C THR A 771 -21.93 31.32 -9.06
N THR A 772 -22.47 31.64 -10.24
CA THR A 772 -21.97 31.04 -11.47
C THR A 772 -20.53 31.48 -11.74
N CYS A 773 -20.19 32.73 -11.41
CA CYS A 773 -18.81 33.18 -11.52
C CYS A 773 -17.89 32.33 -10.66
N ILE A 774 -18.27 32.09 -9.41
CA ILE A 774 -17.46 31.27 -8.52
C ILE A 774 -17.33 29.85 -9.07
N VAL A 775 -18.44 29.28 -9.54
CA VAL A 775 -18.43 27.89 -10.01
C VAL A 775 -17.52 27.75 -11.22
N TRP A 776 -17.67 28.63 -12.21
CA TRP A 776 -16.86 28.52 -13.41
C TRP A 776 -15.42 28.94 -13.18
N LEU A 777 -15.14 29.76 -12.16
CA LEU A 777 -13.75 30.05 -11.83
C LEU A 777 -13.09 28.88 -11.11
N ALA A 778 -13.87 28.12 -10.34
CA ALA A 778 -13.33 26.91 -9.72
C ALA A 778 -13.21 25.75 -10.70
N PHE A 779 -14.02 25.76 -11.77
CA PHE A 779 -13.98 24.67 -12.73
C PHE A 779 -12.66 24.63 -13.50
N ILE A 780 -12.11 25.79 -13.85
CA ILE A 780 -10.91 25.83 -14.69
C ILE A 780 -9.72 25.10 -14.05
N PRO A 781 -9.43 25.27 -12.75
CA PRO A 781 -8.32 24.50 -12.17
C PRO A 781 -8.48 23.00 -12.34
N ILE A 782 -9.70 22.49 -12.27
CA ILE A 782 -9.92 21.07 -12.57
C ILE A 782 -9.63 20.81 -14.04
N PHE A 783 -9.99 21.76 -14.91
CA PHE A 783 -9.79 21.56 -16.35
C PHE A 783 -8.31 21.43 -16.70
N PHE A 784 -7.46 22.27 -16.14
CA PHE A 784 -6.03 22.21 -16.45
C PHE A 784 -5.23 21.47 -15.39
N GLY A 785 -5.87 20.83 -14.43
CA GLY A 785 -5.17 20.06 -13.43
C GLY A 785 -5.36 18.56 -13.54
N THR A 786 -6.55 18.15 -13.99
CA THR A 786 -6.84 16.73 -14.14
C THR A 786 -6.21 16.11 -15.38
N SER A 787 -5.66 16.92 -16.28
CA SER A 787 -5.02 16.40 -17.48
C SER A 787 -3.73 15.66 -17.12
N GLN A 788 -3.39 14.68 -17.96
CA GLN A 788 -2.21 13.84 -17.77
C GLN A 788 -2.26 13.13 -16.41
N SER A 789 -3.31 12.32 -16.24
CA SER A 789 -3.54 11.57 -15.02
C SER A 789 -3.96 10.15 -15.37
N ALA A 790 -4.19 9.34 -14.34
CA ALA A 790 -4.62 7.96 -14.57
C ALA A 790 -5.98 7.91 -15.25
N ASP A 791 -6.91 8.75 -14.83
CA ASP A 791 -8.26 8.81 -15.40
C ASP A 791 -8.42 10.14 -16.10
N LYS A 792 -8.03 10.20 -17.37
CA LYS A 792 -8.17 11.42 -18.16
C LYS A 792 -9.55 11.55 -18.80
N LEU A 793 -10.32 10.47 -18.85
CA LEU A 793 -11.64 10.48 -19.47
C LEU A 793 -12.79 10.39 -18.48
N TYR A 794 -12.63 9.61 -17.40
CA TYR A 794 -13.69 9.44 -16.43
C TYR A 794 -13.88 10.66 -15.52
N ILE A 795 -12.95 11.62 -15.55
CA ILE A 795 -13.09 12.83 -14.75
C ILE A 795 -13.40 14.06 -15.60
N GLN A 796 -12.94 14.10 -16.85
CA GLN A 796 -13.23 15.25 -17.70
C GLN A 796 -14.70 15.29 -18.10
N THR A 797 -15.32 14.13 -18.34
CA THR A 797 -16.72 14.08 -18.72
C THR A 797 -17.66 14.23 -17.52
N THR A 798 -17.14 14.16 -16.30
CA THR A 798 -17.95 14.32 -15.10
C THR A 798 -17.77 15.67 -14.42
N THR A 799 -16.58 16.27 -14.48
CA THR A 799 -16.38 17.59 -13.89
C THR A 799 -17.22 18.64 -14.60
N LEU A 800 -17.24 18.61 -15.94
CA LEU A 800 -18.10 19.54 -16.69
C LEU A 800 -19.56 19.28 -16.39
N THR A 801 -19.94 18.01 -16.26
CA THR A 801 -21.32 17.67 -15.93
C THR A 801 -21.73 18.24 -14.58
N VAL A 802 -20.85 18.09 -13.58
CA VAL A 802 -21.15 18.62 -12.25
C VAL A 802 -21.18 20.15 -12.28
N SER A 803 -20.29 20.77 -13.07
CA SER A 803 -20.31 22.22 -13.20
C SER A 803 -21.63 22.70 -13.81
N VAL A 804 -22.11 22.01 -14.84
CA VAL A 804 -23.38 22.37 -15.46
C VAL A 804 -24.52 22.19 -14.47
N SER A 805 -24.50 21.08 -13.73
CA SER A 805 -25.55 20.83 -12.74
C SER A 805 -25.57 21.92 -11.68
N LEU A 806 -24.39 22.34 -11.21
CA LEU A 806 -24.32 23.39 -10.19
C LEU A 806 -24.76 24.74 -10.76
N SER A 807 -24.41 25.03 -12.02
CA SER A 807 -24.82 26.28 -12.63
C SER A 807 -26.33 26.32 -12.83
N ALA A 808 -26.96 25.17 -13.05
CA ALA A 808 -28.42 25.13 -13.09
C ALA A 808 -29.01 25.24 -11.69
N SER A 809 -28.36 24.60 -10.71
CA SER A 809 -28.90 24.55 -9.35
C SER A 809 -28.86 25.92 -8.68
N VAL A 810 -27.82 26.72 -8.94
CA VAL A 810 -27.77 28.05 -8.33
C VAL A 810 -28.91 28.91 -8.83
N SER A 811 -29.16 28.89 -10.14
CA SER A 811 -30.28 29.65 -10.70
C SER A 811 -31.61 29.14 -10.15
N LEU A 812 -31.78 27.83 -10.09
CA LEU A 812 -33.01 27.27 -9.54
C LEU A 812 -33.23 27.73 -8.10
N GLY A 813 -32.22 27.57 -7.25
CA GLY A 813 -32.37 27.89 -5.85
C GLY A 813 -32.57 29.37 -5.59
N MET A 814 -31.90 30.22 -6.37
CA MET A 814 -31.99 31.65 -6.12
C MET A 814 -33.09 32.34 -6.91
N LEU A 815 -33.80 31.61 -7.77
CA LEU A 815 -34.91 32.20 -8.51
C LEU A 815 -36.27 31.56 -8.24
N TYR A 816 -36.33 30.36 -7.66
CA TYR A 816 -37.60 29.71 -7.42
C TYR A 816 -37.81 29.25 -5.98
N MET A 817 -36.75 28.98 -5.22
CA MET A 817 -36.93 28.62 -3.82
C MET A 817 -37.59 29.74 -3.01
N PRO A 818 -37.17 31.02 -3.12
CA PRO A 818 -37.95 32.07 -2.45
C PRO A 818 -39.37 32.16 -2.97
N LYS A 819 -39.60 31.91 -4.26
CA LYS A 819 -40.95 31.90 -4.80
C LYS A 819 -41.78 30.79 -4.18
N VAL A 820 -41.19 29.60 -4.03
CA VAL A 820 -41.89 28.48 -3.39
C VAL A 820 -42.19 28.80 -1.93
N TYR A 821 -41.23 29.42 -1.24
CA TYR A 821 -41.45 29.78 0.16
C TYR A 821 -42.57 30.80 0.30
N ILE A 822 -42.63 31.77 -0.61
CA ILE A 822 -43.72 32.75 -0.58
C ILE A 822 -45.05 32.08 -0.89
N ILE A 823 -45.05 31.12 -1.82
CA ILE A 823 -46.26 30.38 -2.13
C ILE A 823 -46.76 29.62 -0.90
N LEU A 824 -45.85 28.99 -0.16
CA LEU A 824 -46.24 28.25 1.03
C LEU A 824 -46.86 29.15 2.08
N PHE A 825 -46.47 30.43 2.13
CA PHE A 825 -47.07 31.35 3.07
C PHE A 825 -48.55 31.57 2.79
N HIS A 826 -48.91 31.70 1.52
CA HIS A 826 -50.30 31.91 1.14
C HIS A 826 -50.64 31.14 -0.13
N ASN B 19 63.53 -43.99 -64.72
CA ASN B 19 64.60 -44.56 -63.91
C ASN B 19 64.73 -43.83 -62.57
N SER B 20 65.97 -43.72 -62.09
CA SER B 20 66.24 -43.06 -60.82
C SER B 20 67.72 -42.68 -60.79
N ILE B 21 68.19 -42.26 -59.62
CA ILE B 21 69.58 -41.84 -59.43
C ILE B 21 70.29 -42.96 -58.68
N ARG B 22 71.21 -43.65 -59.37
CA ARG B 22 71.97 -44.74 -58.79
C ARG B 22 73.43 -44.58 -59.23
N ILE B 23 74.30 -44.20 -58.30
CA ILE B 23 75.72 -44.08 -58.56
C ILE B 23 76.48 -45.04 -57.65
N ASP B 24 77.68 -45.40 -58.07
CA ASP B 24 78.50 -46.36 -57.35
C ASP B 24 79.19 -45.68 -56.16
N GLY B 25 79.31 -46.42 -55.07
CA GLY B 25 79.98 -45.91 -53.89
C GLY B 25 80.17 -47.00 -52.87
N ASP B 26 81.12 -46.76 -51.95
CA ASP B 26 81.37 -47.72 -50.89
C ASP B 26 80.17 -47.87 -49.96
N ILE B 27 79.51 -46.76 -49.63
CA ILE B 27 78.33 -46.75 -48.78
C ILE B 27 77.15 -46.26 -49.62
N THR B 28 76.11 -47.07 -49.69
CA THR B 28 74.92 -46.77 -50.48
C THR B 28 73.83 -46.25 -49.56
N LEU B 29 73.44 -44.99 -49.77
CA LEU B 29 72.41 -44.34 -48.94
C LEU B 29 71.11 -44.26 -49.71
N GLY B 30 70.03 -44.72 -49.07
CA GLY B 30 68.73 -44.66 -49.70
C GLY B 30 68.11 -43.27 -49.64
N GLY B 31 67.16 -43.04 -50.54
CA GLY B 31 66.52 -41.74 -50.61
C GLY B 31 65.15 -41.73 -51.25
N LEU B 32 64.18 -41.15 -50.56
CA LEU B 32 62.84 -40.93 -51.07
C LEU B 32 62.56 -39.44 -51.10
N PHE B 33 62.16 -38.93 -52.26
CA PHE B 33 61.96 -37.49 -52.44
C PHE B 33 60.70 -37.25 -53.26
N PRO B 34 59.82 -36.35 -52.81
CA PRO B 34 58.61 -36.06 -53.59
C PRO B 34 58.90 -35.27 -54.85
N VAL B 35 59.51 -35.92 -55.84
CA VAL B 35 59.82 -35.25 -57.09
C VAL B 35 58.54 -34.85 -57.81
N HIS B 36 57.54 -35.74 -57.82
CA HIS B 36 56.25 -35.47 -58.45
C HIS B 36 55.20 -35.22 -57.38
N GLY B 37 54.18 -34.44 -57.74
CA GLY B 37 53.10 -34.13 -56.84
C GLY B 37 52.08 -35.26 -56.74
N ARG B 38 51.09 -35.03 -55.88
CA ARG B 38 50.02 -36.00 -55.68
C ARG B 38 49.15 -36.06 -56.93
N GLY B 39 49.25 -37.17 -57.66
CA GLY B 39 48.48 -37.32 -58.88
C GLY B 39 47.02 -37.61 -58.62
N SER B 40 46.21 -37.42 -59.66
CA SER B 40 44.78 -37.69 -59.58
C SER B 40 44.54 -39.19 -59.78
N GLU B 41 43.27 -39.57 -59.95
CA GLU B 41 42.94 -40.98 -60.17
C GLU B 41 43.44 -41.49 -61.52
N GLY B 42 43.67 -40.60 -62.48
CA GLY B 42 44.12 -41.04 -63.80
C GLY B 42 45.50 -41.68 -63.78
N LYS B 43 46.44 -41.06 -63.08
CA LYS B 43 47.80 -41.56 -63.01
C LYS B 43 48.32 -41.48 -61.57
N PRO B 44 49.12 -42.44 -61.13
CA PRO B 44 49.66 -42.37 -59.76
C PRO B 44 50.55 -41.16 -59.51
N CYS B 45 51.27 -40.71 -60.54
CA CYS B 45 52.17 -39.56 -60.42
C CYS B 45 51.58 -38.39 -61.18
N GLY B 46 51.56 -37.23 -60.53
CA GLY B 46 51.04 -36.01 -61.11
C GLY B 46 52.14 -35.11 -61.65
N GLU B 47 51.89 -33.81 -61.61
CA GLU B 47 52.88 -32.84 -62.08
C GLU B 47 54.12 -32.88 -61.21
N LEU B 48 55.28 -32.83 -61.85
CA LEU B 48 56.55 -32.87 -61.12
C LEU B 48 56.72 -31.61 -60.28
N LYS B 49 57.14 -31.78 -59.03
CA LYS B 49 57.35 -30.66 -58.11
C LYS B 49 58.79 -30.20 -58.28
N LYS B 50 59.01 -29.29 -59.23
CA LYS B 50 60.34 -28.78 -59.49
C LYS B 50 60.88 -27.99 -58.30
N GLU B 51 60.03 -27.16 -57.68
CA GLU B 51 60.46 -26.38 -56.53
C GLU B 51 60.79 -27.28 -55.34
N LYS B 52 59.97 -28.30 -55.11
CA LYS B 52 60.09 -29.12 -53.90
C LYS B 52 61.07 -30.28 -54.08
N GLY B 53 60.78 -31.16 -55.04
CA GLY B 53 61.59 -32.37 -55.17
C GLY B 53 63.01 -32.10 -55.64
N ILE B 54 63.15 -31.28 -56.68
CA ILE B 54 64.46 -31.08 -57.31
C ILE B 54 65.41 -30.37 -56.36
N HIS B 55 64.90 -29.42 -55.57
CA HIS B 55 65.75 -28.71 -54.62
C HIS B 55 66.32 -29.67 -53.58
N ARG B 56 65.50 -30.56 -53.04
CA ARG B 56 65.98 -31.53 -52.07
C ARG B 56 66.92 -32.54 -52.70
N LEU B 57 66.64 -32.95 -53.95
CA LEU B 57 67.54 -33.84 -54.67
C LEU B 57 68.92 -33.22 -54.79
N GLU B 58 68.98 -31.96 -55.24
CA GLU B 58 70.26 -31.28 -55.39
C GLU B 58 70.93 -31.04 -54.04
N ALA B 59 70.15 -30.80 -52.99
CA ALA B 59 70.73 -30.64 -51.66
C ALA B 59 71.41 -31.92 -51.21
N MET B 60 70.74 -33.06 -51.38
CA MET B 60 71.35 -34.33 -50.99
C MET B 60 72.57 -34.64 -51.85
N LEU B 61 72.49 -34.36 -53.15
CA LEU B 61 73.65 -34.60 -54.02
C LEU B 61 74.84 -33.74 -53.62
N PHE B 62 74.60 -32.46 -53.31
CA PHE B 62 75.67 -31.58 -52.88
C PHE B 62 76.26 -32.04 -51.55
N ALA B 63 75.41 -32.48 -50.62
CA ALA B 63 75.90 -32.98 -49.35
C ALA B 63 76.76 -34.22 -49.54
N LEU B 64 76.32 -35.14 -50.41
CA LEU B 64 77.10 -36.34 -50.68
C LEU B 64 78.44 -36.00 -51.32
N ASP B 65 78.43 -35.06 -52.27
CA ASP B 65 79.68 -34.65 -52.92
C ASP B 65 80.64 -34.01 -51.91
N ARG B 66 80.11 -33.16 -51.03
CA ARG B 66 80.95 -32.53 -50.02
C ARG B 66 81.52 -33.55 -49.04
N ILE B 67 80.71 -34.54 -48.65
CA ILE B 67 81.19 -35.58 -47.76
C ILE B 67 82.28 -36.40 -48.42
N ASN B 68 82.08 -36.75 -49.70
CA ASN B 68 83.09 -37.52 -50.42
C ASN B 68 84.39 -36.73 -50.58
N ASN B 69 84.27 -35.43 -50.86
CA ASN B 69 85.45 -34.59 -51.05
C ASN B 69 86.11 -34.17 -49.74
N ASP B 70 85.43 -34.36 -48.60
CA ASP B 70 86.01 -33.98 -47.32
C ASP B 70 86.95 -35.07 -46.84
N PRO B 71 88.24 -34.77 -46.63
CA PRO B 71 89.16 -35.80 -46.13
C PRO B 71 88.96 -36.07 -44.65
N ASP B 72 88.49 -35.06 -43.91
CA ASP B 72 88.28 -35.22 -42.48
C ASP B 72 87.15 -36.22 -42.20
N LEU B 73 86.08 -36.18 -43.00
CA LEU B 73 84.93 -37.05 -42.80
C LEU B 73 85.04 -38.23 -43.76
N LEU B 74 85.18 -39.43 -43.19
CA LEU B 74 85.32 -40.68 -43.94
C LEU B 74 86.43 -40.58 -44.98
N PRO B 75 87.70 -40.54 -44.56
CA PRO B 75 88.80 -40.47 -45.54
C PRO B 75 88.84 -41.70 -46.42
N ASN B 76 89.14 -41.49 -47.70
CA ASN B 76 89.28 -42.54 -48.70
C ASN B 76 88.01 -43.39 -48.81
N ILE B 77 86.85 -42.81 -48.51
CA ILE B 77 85.57 -43.49 -48.59
C ILE B 77 84.60 -42.60 -49.35
N THR B 78 83.92 -43.19 -50.34
CA THR B 78 82.92 -42.49 -51.13
C THR B 78 81.53 -42.99 -50.78
N LEU B 79 80.55 -42.09 -50.86
CA LEU B 79 79.17 -42.39 -50.52
C LEU B 79 78.33 -42.40 -51.79
N GLY B 80 77.61 -43.50 -52.02
CA GLY B 80 76.79 -43.64 -53.19
C GLY B 80 75.43 -42.98 -53.04
N ALA B 81 74.69 -42.98 -54.15
CA ALA B 81 73.35 -42.40 -54.21
C ALA B 81 72.35 -43.50 -54.53
N ARG B 82 71.27 -43.55 -53.75
CA ARG B 82 70.20 -44.55 -53.89
C ARG B 82 68.84 -43.87 -53.84
N ILE B 83 68.67 -42.83 -54.64
CA ILE B 83 67.44 -42.04 -54.64
C ILE B 83 66.46 -42.63 -55.65
N LEU B 84 65.21 -42.79 -55.22
CA LEU B 84 64.13 -43.13 -56.14
C LEU B 84 62.96 -42.17 -55.93
N ASP B 85 62.15 -42.04 -56.98
CA ASP B 85 61.03 -41.11 -56.95
C ASP B 85 59.96 -41.57 -55.96
N THR B 86 59.34 -40.60 -55.30
CA THR B 86 58.25 -40.85 -54.36
C THR B 86 56.88 -40.54 -54.95
N CYS B 87 56.79 -39.51 -55.80
CA CYS B 87 55.56 -39.07 -56.44
C CYS B 87 54.51 -38.61 -55.43
N SER B 88 54.94 -38.32 -54.19
CA SER B 88 54.05 -37.87 -53.13
C SER B 88 52.88 -38.83 -52.89
N ARG B 89 53.12 -40.12 -53.14
CA ARG B 89 52.10 -41.16 -52.98
C ARG B 89 52.62 -42.24 -52.05
N ASP B 90 51.75 -42.69 -51.14
CA ASP B 90 52.15 -43.71 -50.18
C ASP B 90 52.45 -45.03 -50.88
N THR B 91 51.64 -45.42 -51.86
CA THR B 91 51.85 -46.70 -52.54
C THR B 91 53.16 -46.70 -53.31
N HIS B 92 53.46 -45.62 -54.02
CA HIS B 92 54.71 -45.54 -54.78
C HIS B 92 55.92 -45.60 -53.84
N ALA B 93 55.87 -44.85 -52.74
CA ALA B 93 56.98 -44.86 -51.79
C ALA B 93 57.15 -46.24 -51.15
N LEU B 94 56.04 -46.91 -50.86
CA LEU B 94 56.13 -48.26 -50.29
C LEU B 94 56.70 -49.25 -51.30
N GLU B 95 56.36 -49.08 -52.58
CA GLU B 95 56.98 -49.92 -53.61
C GLU B 95 58.48 -49.67 -53.70
N GLN B 96 58.89 -48.40 -53.61
CA GLN B 96 60.31 -48.09 -53.66
C GLN B 96 61.04 -48.67 -52.45
N SER B 97 60.41 -48.62 -51.27
CA SER B 97 60.99 -49.25 -50.08
C SER B 97 61.04 -50.77 -50.23
N LEU B 98 60.06 -51.36 -50.92
CA LEU B 98 60.11 -52.79 -51.22
C LEU B 98 61.32 -53.10 -52.10
N THR B 99 61.58 -52.26 -53.10
CA THR B 99 62.78 -52.44 -53.92
C THR B 99 64.04 -52.30 -53.06
N PHE B 100 64.05 -51.35 -52.14
CA PHE B 100 65.16 -51.20 -51.19
C PHE B 100 65.40 -52.49 -50.41
N VAL B 101 64.35 -53.03 -49.80
CA VAL B 101 64.55 -54.20 -48.94
C VAL B 101 64.90 -55.43 -49.76
N GLN B 102 64.38 -55.51 -50.99
CA GLN B 102 64.78 -56.60 -51.88
C GLN B 102 66.26 -56.50 -52.25
N ALA B 103 66.74 -55.29 -52.54
CA ALA B 103 68.15 -55.11 -52.85
C ALA B 103 69.03 -55.41 -51.64
N LEU B 104 68.58 -55.04 -50.44
CA LEU B 104 69.35 -55.31 -49.23
C LEU B 104 69.49 -56.82 -49.00
N ILE B 105 68.43 -57.58 -49.22
CA ILE B 105 68.48 -59.02 -49.05
C ILE B 105 68.88 -59.70 -50.35
N GLU B 126 72.46 -53.48 -54.44
CA GLU B 126 73.26 -54.01 -53.34
C GLU B 126 72.66 -53.63 -51.99
N ARG B 127 73.37 -53.95 -50.92
CA ARG B 127 72.92 -53.60 -49.58
C ARG B 127 72.93 -52.10 -49.38
N VAL B 128 71.92 -51.59 -48.68
CA VAL B 128 71.77 -50.16 -48.41
C VAL B 128 72.10 -49.93 -46.94
N VAL B 129 73.08 -49.06 -46.70
CA VAL B 129 73.49 -48.77 -45.32
C VAL B 129 72.36 -48.07 -44.57
N GLY B 130 71.70 -47.11 -45.21
CA GLY B 130 70.61 -46.40 -44.58
C GLY B 130 69.77 -45.67 -45.61
N VAL B 131 68.57 -45.29 -45.18
CA VAL B 131 67.58 -44.67 -46.07
C VAL B 131 67.22 -43.30 -45.51
N ILE B 132 67.32 -42.28 -46.36
CA ILE B 132 66.88 -40.95 -45.99
C ILE B 132 65.38 -40.84 -46.23
N GLY B 133 64.66 -40.31 -45.24
CA GLY B 133 63.21 -40.22 -45.32
C GLY B 133 62.77 -39.22 -46.36
N ALA B 134 61.45 -39.10 -46.49
CA ALA B 134 60.83 -38.22 -47.46
C ALA B 134 60.13 -37.06 -46.75
N SER B 135 59.61 -36.13 -47.54
CA SER B 135 58.97 -34.95 -46.99
C SER B 135 57.64 -35.29 -46.33
N GLY B 136 56.81 -36.08 -47.00
CA GLY B 136 55.48 -36.37 -46.48
C GLY B 136 55.53 -37.19 -45.21
N SER B 137 54.74 -36.79 -44.21
CA SER B 137 54.68 -37.54 -42.97
C SER B 137 53.99 -38.89 -43.18
N SER B 138 52.99 -38.93 -44.05
CA SER B 138 52.35 -40.21 -44.38
C SER B 138 53.35 -41.15 -45.05
N VAL B 139 54.20 -40.62 -45.93
CA VAL B 139 55.23 -41.42 -46.56
C VAL B 139 56.20 -41.96 -45.50
N SER B 140 56.58 -41.11 -44.55
CA SER B 140 57.46 -41.55 -43.47
C SER B 140 56.80 -42.66 -42.64
N ILE B 141 55.52 -42.52 -42.36
CA ILE B 141 54.78 -43.57 -41.65
C ILE B 141 54.82 -44.86 -42.44
N MET B 142 54.59 -44.78 -43.76
CA MET B 142 54.51 -45.98 -44.58
C MET B 142 55.86 -46.64 -44.80
N VAL B 143 56.96 -45.91 -44.69
CA VAL B 143 58.29 -46.47 -44.94
C VAL B 143 58.98 -46.90 -43.65
N ALA B 144 58.77 -46.19 -42.54
CA ALA B 144 59.48 -46.48 -41.31
C ALA B 144 59.00 -47.76 -40.63
N ASN B 145 57.76 -48.16 -40.89
CA ASN B 145 57.24 -49.39 -40.27
C ASN B 145 58.02 -50.61 -40.77
N ILE B 146 58.35 -50.63 -42.07
CA ILE B 146 59.14 -51.72 -42.61
C ILE B 146 60.64 -51.46 -42.56
N LEU B 147 61.05 -50.19 -42.46
CA LEU B 147 62.47 -49.89 -42.31
C LEU B 147 62.99 -50.24 -40.92
N ARG B 148 62.10 -50.35 -39.92
CA ARG B 148 62.49 -50.74 -38.58
C ARG B 148 62.48 -52.24 -38.37
N LEU B 149 62.00 -53.02 -39.35
CA LEU B 149 61.98 -54.47 -39.24
C LEU B 149 63.13 -55.13 -39.99
N PHE B 150 63.66 -54.49 -41.03
CA PHE B 150 64.85 -54.95 -41.72
C PHE B 150 66.13 -54.36 -41.15
N LYS B 151 66.02 -53.60 -40.06
CA LYS B 151 67.17 -52.96 -39.39
C LYS B 151 67.87 -51.99 -40.33
N ILE B 152 67.09 -51.08 -40.90
CA ILE B 152 67.61 -50.01 -41.75
C ILE B 152 67.25 -48.67 -41.10
N PRO B 153 68.22 -48.01 -40.47
CA PRO B 153 67.93 -46.71 -39.85
C PRO B 153 67.50 -45.68 -40.88
N GLN B 154 66.57 -44.82 -40.47
CA GLN B 154 66.01 -43.80 -41.34
C GLN B 154 66.11 -42.44 -40.68
N ILE B 155 66.54 -41.44 -41.45
CA ILE B 155 66.59 -40.05 -41.00
C ILE B 155 65.81 -39.21 -41.99
N SER B 156 64.88 -38.41 -41.50
CA SER B 156 64.04 -37.55 -42.31
C SER B 156 64.42 -36.09 -42.13
N TYR B 157 63.86 -35.23 -42.98
CA TYR B 157 64.14 -33.81 -42.96
C TYR B 157 62.91 -32.92 -42.88
N ALA B 158 61.72 -33.44 -43.18
CA ALA B 158 60.51 -32.63 -43.17
C ALA B 158 59.33 -33.28 -42.45
N SER B 159 59.40 -34.57 -42.14
CA SER B 159 58.29 -35.24 -41.46
C SER B 159 58.25 -34.83 -40.00
N THR B 160 57.14 -34.22 -39.60
CA THR B 160 56.97 -33.71 -38.23
C THR B 160 55.80 -34.38 -37.52
N ALA B 161 55.34 -35.54 -38.01
CA ALA B 161 54.20 -36.20 -37.39
C ALA B 161 54.57 -36.69 -35.99
N PRO B 162 53.76 -36.40 -34.97
CA PRO B 162 54.08 -36.87 -33.62
C PRO B 162 54.13 -38.38 -33.49
N ASP B 163 53.43 -39.12 -34.35
CA ASP B 163 53.46 -40.57 -34.28
C ASP B 163 54.86 -41.12 -34.51
N LEU B 164 55.68 -40.41 -35.28
CA LEU B 164 57.06 -40.81 -35.50
C LEU B 164 57.94 -40.60 -34.27
N SER B 165 57.46 -39.86 -33.28
CA SER B 165 58.24 -39.61 -32.06
C SER B 165 58.16 -40.77 -31.07
N ASP B 166 57.31 -41.76 -31.31
CA ASP B 166 57.19 -42.89 -30.40
C ASP B 166 58.30 -43.89 -30.69
N ASN B 167 59.12 -44.17 -29.66
CA ASN B 167 60.21 -45.12 -29.83
C ASN B 167 59.70 -46.52 -30.10
N SER B 168 58.64 -46.93 -29.40
CA SER B 168 58.09 -48.27 -29.59
C SER B 168 57.52 -48.44 -30.99
N ARG B 169 56.81 -47.42 -31.49
CA ARG B 169 56.19 -47.53 -32.81
C ARG B 169 57.24 -47.48 -33.93
N TYR B 170 58.19 -46.56 -33.84
CA TYR B 170 59.24 -46.39 -34.86
C TYR B 170 60.55 -46.14 -34.14
N ASP B 171 61.30 -47.21 -33.87
CA ASP B 171 62.60 -47.08 -33.23
C ASP B 171 63.70 -46.75 -34.21
N PHE B 172 63.53 -47.08 -35.49
CA PHE B 172 64.53 -46.83 -36.52
C PHE B 172 64.29 -45.53 -37.27
N PHE B 173 63.62 -44.56 -36.65
CA PHE B 173 63.30 -43.29 -37.29
C PHE B 173 63.88 -42.14 -36.48
N SER B 174 64.48 -41.19 -37.18
CA SER B 174 65.00 -39.97 -36.56
C SER B 174 64.64 -38.78 -37.46
N ARG B 175 64.52 -37.61 -36.85
CA ARG B 175 64.16 -36.40 -37.56
C ARG B 175 65.05 -35.26 -37.12
N VAL B 176 65.42 -34.40 -38.07
CA VAL B 176 66.22 -33.21 -37.79
C VAL B 176 65.36 -31.98 -37.57
N VAL B 177 64.04 -32.12 -37.65
CA VAL B 177 63.13 -30.99 -37.46
C VAL B 177 62.26 -31.28 -36.24
N PRO B 178 61.80 -30.25 -35.52
CA PRO B 178 60.92 -30.51 -34.38
C PRO B 178 59.60 -31.14 -34.80
N SER B 179 59.05 -31.97 -33.92
CA SER B 179 57.79 -32.63 -34.20
C SER B 179 56.63 -31.63 -34.13
N ASP B 180 55.43 -32.14 -34.42
CA ASP B 180 54.26 -31.26 -34.47
C ASP B 180 53.81 -30.78 -33.10
N THR B 181 54.31 -31.38 -32.02
CA THR B 181 53.93 -30.93 -30.68
C THR B 181 54.47 -29.54 -30.39
N TYR B 182 55.77 -29.32 -30.66
CA TYR B 182 56.35 -28.00 -30.48
C TYR B 182 55.75 -26.99 -31.46
N GLN B 183 55.45 -27.43 -32.68
CA GLN B 183 54.79 -26.55 -33.63
C GLN B 183 53.43 -26.10 -33.12
N ALA B 184 52.63 -27.04 -32.58
CA ALA B 184 51.33 -26.69 -32.06
C ALA B 184 51.45 -25.78 -30.84
N GLN B 185 52.45 -26.02 -29.99
CA GLN B 185 52.67 -25.12 -28.86
C GLN B 185 53.02 -23.72 -29.34
N ALA B 186 53.83 -23.61 -30.39
CA ALA B 186 54.15 -22.30 -30.96
C ALA B 186 52.92 -21.62 -31.52
N MET B 187 52.06 -22.38 -32.21
CA MET B 187 50.82 -21.79 -32.73
C MET B 187 49.93 -21.29 -31.61
N VAL B 188 49.80 -22.07 -30.53
CA VAL B 188 49.00 -21.64 -29.39
C VAL B 188 49.59 -20.37 -28.78
N ASP B 189 50.91 -20.33 -28.63
CA ASP B 189 51.55 -19.15 -28.05
C ASP B 189 51.32 -17.91 -28.91
N ILE B 190 51.46 -18.04 -30.23
CA ILE B 190 51.33 -16.87 -31.09
C ILE B 190 49.87 -16.42 -31.16
N VAL B 191 48.91 -17.35 -31.17
CA VAL B 191 47.51 -16.92 -31.19
C VAL B 191 47.13 -16.31 -29.84
N ARG B 192 47.75 -16.77 -28.74
CA ARG B 192 47.52 -16.12 -27.46
C ARG B 192 48.14 -14.73 -27.42
N ALA B 193 49.27 -14.53 -28.11
CA ALA B 193 49.90 -13.22 -28.14
C ALA B 193 49.02 -12.18 -28.81
N LEU B 194 48.34 -12.56 -29.90
CA LEU B 194 47.46 -11.66 -30.63
C LEU B 194 46.03 -11.67 -30.10
N LYS B 195 45.80 -12.25 -28.93
CA LYS B 195 44.47 -12.31 -28.31
C LYS B 195 43.46 -12.97 -29.24
N TRP B 196 43.86 -14.09 -29.84
CA TRP B 196 43.00 -14.85 -30.75
C TRP B 196 42.40 -16.02 -29.98
N ASN B 197 41.07 -16.10 -30.01
CA ASN B 197 40.35 -17.16 -29.31
C ASN B 197 39.55 -18.05 -30.25
N TYR B 198 38.79 -17.46 -31.17
CA TYR B 198 37.96 -18.22 -32.10
C TYR B 198 38.76 -18.45 -33.39
N VAL B 199 39.18 -19.70 -33.60
CA VAL B 199 39.96 -20.08 -34.77
C VAL B 199 39.31 -21.27 -35.44
N SER B 200 39.64 -21.46 -36.72
CA SER B 200 39.16 -22.59 -37.51
C SER B 200 40.28 -23.59 -37.72
N THR B 201 39.89 -24.83 -38.03
CA THR B 201 40.84 -25.92 -38.19
C THR B 201 40.64 -26.56 -39.56
N VAL B 202 41.73 -26.61 -40.33
CA VAL B 202 41.74 -27.27 -41.64
C VAL B 202 42.87 -28.29 -41.64
N ALA B 203 42.56 -29.51 -42.08
CA ALA B 203 43.55 -30.59 -42.10
C ALA B 203 43.43 -31.35 -43.40
N SER B 204 44.50 -32.08 -43.73
CA SER B 204 44.54 -32.95 -44.90
C SER B 204 44.57 -34.40 -44.45
N GLU B 205 43.92 -35.27 -45.22
CA GLU B 205 43.89 -36.68 -44.90
C GLU B 205 45.30 -37.26 -44.94
N GLY B 206 45.64 -38.02 -43.90
CA GLY B 206 46.98 -38.58 -43.80
C GLY B 206 47.48 -38.62 -42.37
N SER B 207 48.79 -38.48 -42.18
CA SER B 207 49.40 -38.53 -40.86
C SER B 207 49.98 -37.19 -40.42
N TYR B 208 49.95 -36.17 -41.27
CA TYR B 208 50.49 -34.86 -40.93
C TYR B 208 49.41 -33.87 -40.54
N GLY B 209 48.44 -33.64 -41.43
CA GLY B 209 47.41 -32.65 -41.15
C GLY B 209 46.54 -33.03 -39.98
N GLU B 210 46.08 -34.28 -39.96
CA GLU B 210 45.20 -34.73 -38.87
C GLU B 210 45.94 -34.73 -37.54
N SER B 211 47.15 -35.28 -37.52
CA SER B 211 47.93 -35.29 -36.28
C SER B 211 48.25 -33.86 -35.84
N GLY B 212 48.58 -32.99 -36.79
CA GLY B 212 48.89 -31.62 -36.44
C GLY B 212 47.70 -30.89 -35.82
N VAL B 213 46.53 -31.03 -36.42
CA VAL B 213 45.36 -30.34 -35.89
C VAL B 213 44.93 -30.94 -34.56
N GLU B 214 45.06 -32.25 -34.39
CA GLU B 214 44.75 -32.85 -33.10
C GLU B 214 45.71 -32.36 -32.02
N ALA B 215 47.00 -32.24 -32.35
CA ALA B 215 47.97 -31.71 -31.40
C ALA B 215 47.65 -30.26 -31.06
N PHE B 216 47.27 -29.46 -32.06
CA PHE B 216 46.91 -28.07 -31.79
C PHE B 216 45.68 -27.98 -30.90
N ILE B 217 44.68 -28.84 -31.13
CA ILE B 217 43.48 -28.85 -30.29
C ILE B 217 43.85 -29.24 -28.86
N GLN B 218 44.71 -30.25 -28.70
CA GLN B 218 45.12 -30.65 -27.35
C GLN B 218 45.87 -29.53 -26.64
N LYS B 219 46.77 -28.85 -27.35
CA LYS B 219 47.51 -27.76 -26.73
C LYS B 219 46.61 -26.57 -26.40
N SER B 220 45.58 -26.33 -27.22
CA SER B 220 44.64 -25.26 -26.91
C SER B 220 43.78 -25.61 -25.71
N ARG B 221 43.34 -26.86 -25.61
CA ARG B 221 42.48 -27.28 -24.50
C ARG B 221 43.26 -27.47 -23.20
N GLU B 222 44.58 -27.65 -23.27
CA GLU B 222 45.36 -27.79 -22.05
C GLU B 222 45.37 -26.50 -21.22
N ASP B 223 45.04 -25.36 -21.83
CA ASP B 223 44.95 -24.10 -21.11
C ASP B 223 43.57 -23.46 -21.17
N GLY B 224 42.82 -23.67 -22.25
CA GLY B 224 41.48 -23.14 -22.38
C GLY B 224 41.40 -21.75 -22.98
N GLY B 225 42.52 -21.07 -23.19
CA GLY B 225 42.48 -19.75 -23.77
C GLY B 225 42.03 -19.75 -25.23
N VAL B 226 42.46 -20.76 -25.99
CA VAL B 226 42.17 -20.85 -27.41
C VAL B 226 41.01 -21.81 -27.63
N CYS B 227 40.06 -21.39 -28.47
CA CYS B 227 38.88 -22.18 -28.79
C CYS B 227 38.92 -22.59 -30.24
N ILE B 228 38.22 -23.69 -30.55
CA ILE B 228 38.14 -24.25 -31.89
C ILE B 228 36.71 -24.10 -32.39
N ALA B 229 36.56 -23.51 -33.58
CA ALA B 229 35.23 -23.32 -34.16
C ALA B 229 34.75 -24.60 -34.83
N GLN B 230 35.47 -25.07 -35.84
CA GLN B 230 35.11 -26.29 -36.55
C GLN B 230 36.36 -26.87 -37.19
N SER B 231 36.30 -28.16 -37.50
CA SER B 231 37.39 -28.88 -38.12
C SER B 231 36.93 -29.43 -39.46
N VAL B 232 37.71 -29.15 -40.51
CA VAL B 232 37.41 -29.65 -41.85
C VAL B 232 38.59 -30.48 -42.33
N LYS B 233 38.28 -31.46 -43.18
CA LYS B 233 39.27 -32.42 -43.66
C LYS B 233 39.26 -32.46 -45.18
N ILE B 234 40.44 -32.55 -45.77
CA ILE B 234 40.62 -32.65 -47.22
C ILE B 234 40.99 -34.10 -47.54
N PRO B 235 40.17 -34.82 -48.30
CA PRO B 235 40.53 -36.19 -48.68
C PRO B 235 41.73 -36.21 -49.61
N ARG B 236 42.38 -37.39 -49.65
CA ARG B 236 43.53 -37.56 -50.52
C ARG B 236 43.16 -37.40 -51.98
N GLU B 237 41.93 -37.75 -52.35
CA GLU B 237 41.41 -37.60 -53.70
C GLU B 237 40.11 -36.83 -53.63
N PRO B 238 40.17 -35.51 -53.47
CA PRO B 238 38.94 -34.72 -53.35
C PRO B 238 38.09 -34.79 -54.60
N LYS B 239 36.78 -34.73 -54.40
CA LYS B 239 35.84 -34.75 -55.52
C LYS B 239 35.77 -33.37 -56.16
N ALA B 240 34.86 -33.22 -57.12
CA ALA B 240 34.70 -31.96 -57.82
C ALA B 240 34.04 -30.93 -56.90
N GLY B 241 34.73 -29.83 -56.65
CA GLY B 241 34.21 -28.77 -55.82
C GLY B 241 34.20 -29.04 -54.33
N GLU B 242 35.02 -29.98 -53.85
CA GLU B 242 35.10 -30.22 -52.42
C GLU B 242 35.60 -28.98 -51.69
N PHE B 243 36.58 -28.30 -52.27
CA PHE B 243 37.08 -27.05 -51.68
C PHE B 243 35.99 -26.01 -51.59
N ASP B 244 35.00 -26.04 -52.50
CA ASP B 244 33.86 -25.14 -52.39
C ASP B 244 33.02 -25.43 -51.15
N LYS B 245 32.78 -26.72 -50.87
CA LYS B 245 32.11 -27.08 -49.62
C LYS B 245 32.90 -26.62 -48.42
N ILE B 246 34.22 -26.79 -48.44
CA ILE B 246 35.05 -26.33 -47.33
C ILE B 246 34.94 -24.82 -47.17
N ILE B 247 34.97 -24.08 -48.29
CA ILE B 247 34.96 -22.63 -48.24
C ILE B 247 33.65 -22.12 -47.66
N ARG B 248 32.52 -22.65 -48.13
CA ARG B 248 31.27 -22.13 -47.58
C ARG B 248 30.90 -22.75 -46.24
N ARG B 249 31.54 -23.87 -45.84
CA ARG B 249 31.43 -24.31 -44.46
C ARG B 249 32.15 -23.34 -43.53
N LEU B 250 33.32 -22.86 -43.95
CA LEU B 250 33.99 -21.79 -43.20
C LEU B 250 33.16 -20.52 -43.21
N LEU B 251 32.54 -20.20 -44.35
CA LEU B 251 31.65 -19.04 -44.45
C LEU B 251 30.44 -19.16 -43.54
N GLU B 252 30.01 -20.39 -43.22
CA GLU B 252 28.86 -20.57 -42.35
C GLU B 252 29.10 -19.96 -40.97
N THR B 253 30.31 -20.12 -40.44
CA THR B 253 30.69 -19.53 -39.16
C THR B 253 31.60 -18.33 -39.46
N SER B 254 30.98 -17.17 -39.65
CA SER B 254 31.74 -15.96 -39.98
C SER B 254 32.60 -15.47 -38.83
N ASN B 255 32.29 -15.89 -37.60
CA ASN B 255 33.08 -15.45 -36.44
C ASN B 255 34.47 -16.07 -36.42
N ALA B 256 34.68 -17.16 -37.15
CA ALA B 256 35.98 -17.83 -37.20
C ALA B 256 36.87 -17.12 -38.22
N ARG B 257 37.30 -15.91 -37.84
CA ARG B 257 38.16 -15.12 -38.71
C ARG B 257 39.51 -15.79 -38.91
N ALA B 258 40.08 -16.35 -37.86
CA ALA B 258 41.37 -17.02 -37.95
C ALA B 258 41.19 -18.45 -38.47
N VAL B 259 41.95 -18.80 -39.49
CA VAL B 259 41.90 -20.13 -40.10
C VAL B 259 43.30 -20.71 -40.12
N ILE B 260 43.43 -21.95 -39.65
CA ILE B 260 44.71 -22.65 -39.61
C ILE B 260 44.62 -23.87 -40.52
N ILE B 261 45.56 -23.97 -41.46
CA ILE B 261 45.58 -25.06 -42.43
C ILE B 261 46.86 -25.86 -42.22
N PHE B 262 46.71 -27.18 -42.09
CA PHE B 262 47.84 -28.09 -41.99
C PHE B 262 48.03 -28.94 -43.24
N ALA B 263 47.38 -28.57 -44.34
CA ALA B 263 47.46 -29.32 -45.58
C ALA B 263 48.73 -28.96 -46.35
N ASN B 264 48.98 -29.72 -47.42
CA ASN B 264 50.15 -29.50 -48.24
C ASN B 264 49.94 -28.30 -49.17
N GLU B 265 50.94 -28.03 -50.01
CA GLU B 265 50.95 -26.81 -50.81
C GLU B 265 49.81 -26.80 -51.83
N ASP B 266 49.58 -27.93 -52.51
CA ASP B 266 48.54 -27.96 -53.55
C ASP B 266 47.16 -27.77 -52.93
N ASP B 267 46.90 -28.41 -51.79
CA ASP B 267 45.60 -28.25 -51.14
C ASP B 267 45.37 -26.81 -50.68
N ILE B 268 46.41 -26.17 -50.15
CA ILE B 268 46.28 -24.77 -49.72
C ILE B 268 46.05 -23.86 -50.93
N ARG B 269 46.74 -24.14 -52.04
CA ARG B 269 46.53 -23.35 -53.25
C ARG B 269 45.11 -23.50 -53.76
N ARG B 270 44.58 -24.73 -53.73
CA ARG B 270 43.20 -24.96 -54.16
C ARG B 270 42.21 -24.28 -53.21
N VAL B 271 42.50 -24.27 -51.91
CA VAL B 271 41.66 -23.56 -50.95
C VAL B 271 41.65 -22.07 -51.26
N LEU B 272 42.82 -21.50 -51.55
CA LEU B 272 42.89 -20.09 -51.89
C LEU B 272 42.13 -19.79 -53.17
N GLU B 273 42.25 -20.67 -54.17
CA GLU B 273 41.52 -20.47 -55.42
C GLU B 273 40.01 -20.52 -55.19
N ALA B 274 39.54 -21.47 -54.37
CA ALA B 274 38.13 -21.56 -54.08
C ALA B 274 37.64 -20.34 -53.31
N ALA B 275 38.46 -19.83 -52.38
CA ALA B 275 38.11 -18.61 -51.68
C ALA B 275 38.02 -17.42 -52.63
N ARG B 276 38.93 -17.36 -53.61
CA ARG B 276 38.85 -16.33 -54.63
C ARG B 276 37.57 -16.47 -55.45
N ARG B 277 37.15 -17.71 -55.72
CA ARG B 277 35.89 -17.92 -56.42
C ARG B 277 34.71 -17.39 -55.61
N ALA B 278 34.73 -17.58 -54.30
CA ALA B 278 33.66 -17.10 -53.43
C ALA B 278 33.82 -15.64 -53.06
N ASN B 279 34.93 -15.00 -53.45
CA ASN B 279 35.18 -13.59 -53.18
C ASN B 279 35.15 -13.29 -51.68
N GLN B 280 36.09 -13.94 -50.97
CA GLN B 280 36.24 -13.77 -49.53
C GLN B 280 37.69 -13.41 -49.21
N THR B 281 38.23 -12.44 -49.94
CA THR B 281 39.61 -12.01 -49.75
C THR B 281 39.71 -11.04 -48.58
N GLY B 282 40.60 -11.35 -47.63
CA GLY B 282 40.83 -10.53 -46.49
C GLY B 282 40.03 -10.88 -45.25
N HIS B 283 38.93 -11.64 -45.41
CA HIS B 283 38.14 -12.03 -44.25
C HIS B 283 38.85 -13.10 -43.43
N PHE B 284 39.50 -14.06 -44.10
CA PHE B 284 40.17 -15.15 -43.42
C PHE B 284 41.59 -14.74 -43.08
N PHE B 285 41.96 -14.90 -41.81
CA PHE B 285 43.32 -14.66 -41.35
C PHE B 285 44.07 -15.98 -41.39
N TRP B 286 44.70 -16.27 -42.53
CA TRP B 286 45.35 -17.55 -42.72
C TRP B 286 46.55 -17.70 -41.77
N MET B 287 46.76 -18.94 -41.32
CA MET B 287 47.86 -19.27 -40.43
C MET B 287 48.55 -20.50 -40.99
N GLY B 288 49.82 -20.36 -41.37
CA GLY B 288 50.51 -21.42 -42.08
C GLY B 288 51.18 -22.41 -41.14
N SER B 289 51.13 -23.68 -41.52
CA SER B 289 51.77 -24.76 -40.78
C SER B 289 53.17 -25.00 -41.35
N ASP B 290 53.80 -26.10 -40.94
CA ASP B 290 55.14 -26.44 -41.40
C ASP B 290 55.16 -26.96 -42.82
N SER B 291 54.00 -27.25 -43.42
CA SER B 291 53.97 -27.76 -44.79
C SER B 291 54.53 -26.74 -45.77
N TRP B 292 54.18 -25.47 -45.59
CA TRP B 292 54.69 -24.39 -46.43
C TRP B 292 55.33 -23.34 -45.53
N GLY B 293 56.55 -22.92 -45.89
CA GLY B 293 57.25 -21.90 -45.13
C GLY B 293 57.47 -20.64 -45.95
N SER B 294 58.71 -20.42 -46.38
CA SER B 294 59.06 -19.28 -47.21
C SER B 294 58.97 -19.61 -48.70
N LYS B 295 58.51 -20.81 -49.05
CA LYS B 295 58.44 -21.21 -50.45
C LYS B 295 57.43 -20.38 -51.21
N ILE B 296 57.75 -20.08 -52.46
CA ILE B 296 56.86 -19.30 -53.31
C ILE B 296 55.86 -20.21 -54.04
N ALA B 297 56.24 -21.45 -54.31
CA ALA B 297 55.37 -22.36 -55.05
C ALA B 297 53.97 -22.52 -54.48
N PRO B 298 53.75 -22.66 -53.17
CA PRO B 298 52.36 -22.75 -52.68
C PRO B 298 51.53 -21.52 -52.99
N VAL B 299 52.00 -20.34 -52.62
CA VAL B 299 51.29 -19.09 -52.92
C VAL B 299 51.83 -18.59 -54.26
N LEU B 300 51.26 -19.14 -55.33
CA LEU B 300 51.63 -18.77 -56.70
C LEU B 300 50.61 -17.76 -57.21
N HIS B 301 51.02 -16.50 -57.30
CA HIS B 301 50.18 -15.39 -57.75
C HIS B 301 49.00 -15.16 -56.80
N LEU B 302 48.98 -15.87 -55.68
CA LEU B 302 47.94 -15.69 -54.66
C LEU B 302 48.40 -14.76 -53.55
N GLU B 303 48.85 -13.57 -53.94
CA GLU B 303 49.38 -12.60 -52.99
C GLU B 303 48.30 -11.69 -52.41
N GLU B 304 47.06 -11.78 -52.89
CA GLU B 304 45.97 -10.97 -52.37
C GLU B 304 45.05 -11.74 -51.43
N VAL B 305 44.68 -12.97 -51.78
CA VAL B 305 43.81 -13.75 -50.91
C VAL B 305 44.52 -14.10 -49.61
N ALA B 306 45.81 -14.39 -49.68
CA ALA B 306 46.62 -14.71 -48.52
C ALA B 306 47.59 -13.56 -48.27
N GLU B 307 47.12 -12.57 -47.52
CA GLU B 307 47.92 -11.40 -47.15
C GLU B 307 48.03 -11.31 -45.64
N GLY B 308 49.24 -11.10 -45.14
CA GLY B 308 49.47 -11.06 -43.72
C GLY B 308 49.43 -12.41 -43.03
N ALA B 309 49.46 -13.50 -43.78
CA ALA B 309 49.37 -14.82 -43.18
C ALA B 309 50.59 -15.11 -42.32
N VAL B 310 50.36 -15.72 -41.17
CA VAL B 310 51.42 -16.07 -40.22
C VAL B 310 51.86 -17.50 -40.50
N THR B 311 53.17 -17.70 -40.65
CA THR B 311 53.74 -18.99 -41.03
C THR B 311 54.77 -19.43 -40.00
N ILE B 312 54.69 -20.68 -39.58
CA ILE B 312 55.67 -21.29 -38.70
C ILE B 312 56.66 -22.08 -39.54
N LEU B 313 57.93 -22.10 -39.12
CA LEU B 313 58.94 -22.87 -39.84
C LEU B 313 60.14 -23.06 -38.93
N PRO B 314 60.77 -24.24 -38.90
CA PRO B 314 61.95 -24.41 -38.06
C PRO B 314 63.07 -23.46 -38.47
N LYS B 315 64.05 -23.30 -37.58
CA LYS B 315 65.08 -22.29 -37.76
C LYS B 315 65.84 -22.50 -39.07
N ARG B 316 66.13 -21.40 -39.74
CA ARG B 316 66.75 -21.41 -41.07
C ARG B 316 68.07 -20.64 -41.04
N MET B 317 68.88 -20.86 -42.07
CA MET B 317 70.14 -20.17 -42.24
C MET B 317 70.45 -20.05 -43.72
N SER B 318 71.33 -19.11 -44.04
CA SER B 318 71.70 -18.85 -45.43
C SER B 318 72.77 -19.87 -45.85
N VAL B 319 72.40 -20.79 -46.74
CA VAL B 319 73.32 -21.80 -47.24
C VAL B 319 73.86 -21.27 -48.56
N ARG B 320 74.98 -20.53 -48.49
CA ARG B 320 75.58 -19.97 -49.70
C ARG B 320 76.18 -21.06 -50.58
N GLY B 321 76.73 -22.11 -49.97
CA GLY B 321 77.32 -23.18 -50.77
C GLY B 321 76.32 -23.86 -51.68
N PHE B 322 75.14 -24.16 -51.15
CA PHE B 322 74.10 -24.76 -51.99
C PHE B 322 73.65 -23.80 -53.08
N ASP B 323 73.56 -22.50 -52.77
CA ASP B 323 73.18 -21.54 -53.78
C ASP B 323 74.19 -21.52 -54.92
N ARG B 324 75.48 -21.52 -54.59
CA ARG B 324 76.51 -21.55 -55.63
C ARG B 324 76.46 -22.85 -56.42
N TYR B 325 76.24 -23.98 -55.74
CA TYR B 325 76.18 -25.27 -56.42
C TYR B 325 75.00 -25.34 -57.38
N PHE B 326 73.84 -24.85 -56.95
CA PHE B 326 72.63 -24.93 -57.76
C PHE B 326 72.60 -23.90 -58.87
N SER B 327 73.27 -22.76 -58.69
CA SER B 327 73.29 -21.73 -59.72
C SER B 327 74.20 -22.07 -60.89
N SER B 328 75.02 -23.11 -60.77
CA SER B 328 75.96 -23.49 -61.82
C SER B 328 75.62 -24.83 -62.46
N ARG B 329 74.40 -25.31 -62.29
CA ARG B 329 74.00 -26.58 -62.87
C ARG B 329 73.65 -26.42 -64.35
N THR B 330 73.79 -27.52 -65.09
CA THR B 330 73.53 -27.52 -66.53
C THR B 330 72.94 -28.87 -66.90
N LEU B 331 72.28 -28.91 -68.06
CA LEU B 331 71.69 -30.14 -68.56
C LEU B 331 72.73 -31.18 -68.97
N ASP B 332 73.99 -30.78 -69.12
CA ASP B 332 75.03 -31.69 -69.59
C ASP B 332 75.73 -32.41 -68.44
N ASN B 333 76.29 -31.65 -67.49
CA ASN B 333 77.05 -32.26 -66.41
C ASN B 333 76.14 -33.07 -65.48
N ASN B 334 74.91 -32.59 -65.26
CA ASN B 334 73.96 -33.27 -64.38
C ASN B 334 73.22 -34.35 -65.16
N ARG B 335 74.00 -35.35 -65.60
CA ARG B 335 73.46 -36.48 -66.33
C ARG B 335 72.93 -37.58 -65.43
N ARG B 336 73.21 -37.53 -64.13
CA ARG B 336 72.75 -38.55 -63.19
C ARG B 336 71.32 -38.32 -62.73
N ASN B 337 70.76 -37.13 -62.95
CA ASN B 337 69.40 -36.80 -62.53
C ASN B 337 68.55 -36.61 -63.78
N ILE B 338 67.73 -37.62 -64.08
CA ILE B 338 66.83 -37.52 -65.23
C ILE B 338 65.74 -36.50 -64.98
N TRP B 339 65.17 -36.50 -63.78
CA TRP B 339 64.09 -35.55 -63.45
C TRP B 339 64.57 -34.11 -63.55
N PHE B 340 65.88 -33.88 -63.37
CA PHE B 340 66.43 -32.54 -63.54
C PHE B 340 66.11 -31.99 -64.93
N ALA B 341 66.12 -32.86 -65.95
CA ALA B 341 65.73 -32.42 -67.28
C ALA B 341 64.30 -31.90 -67.27
N GLU B 342 63.39 -32.63 -66.63
CA GLU B 342 62.03 -32.13 -66.47
C GLU B 342 62.02 -30.83 -65.69
N PHE B 343 62.95 -30.67 -64.75
CA PHE B 343 63.11 -29.40 -64.06
C PHE B 343 63.39 -28.28 -65.06
N TRP B 344 64.29 -28.54 -66.01
CA TRP B 344 64.55 -27.57 -67.07
C TRP B 344 63.32 -27.30 -67.91
N GLU B 345 62.37 -28.24 -67.94
CA GLU B 345 61.12 -28.04 -68.67
C GLU B 345 60.07 -27.29 -67.87
N ASP B 346 60.32 -27.02 -66.59
CA ASP B 346 59.35 -26.33 -65.75
C ASP B 346 59.89 -25.05 -65.14
N ASN B 347 61.14 -25.06 -64.67
CA ASN B 347 61.71 -23.86 -64.06
C ASN B 347 61.84 -22.73 -65.08
N PHE B 348 62.31 -23.05 -66.29
CA PHE B 348 62.47 -22.06 -67.35
C PHE B 348 61.32 -22.07 -68.35
N HIS B 349 60.33 -22.93 -68.15
CA HIS B 349 59.13 -23.00 -68.99
C HIS B 349 59.45 -23.21 -70.47
N CYS B 350 60.51 -23.97 -70.77
CA CYS B 350 60.88 -24.28 -72.14
C CYS B 350 60.64 -25.76 -72.39
N LYS B 351 59.82 -26.08 -73.39
CA LYS B 351 59.48 -27.46 -73.73
C LYS B 351 60.54 -28.02 -74.68
N LEU B 352 61.69 -28.36 -74.11
CA LEU B 352 62.79 -28.92 -74.89
C LEU B 352 62.53 -30.38 -75.23
N VAL B 363 55.15 -23.77 -77.34
CA VAL B 363 56.42 -24.44 -77.09
C VAL B 363 57.35 -23.52 -76.32
N LYS B 364 57.72 -22.40 -76.95
CA LYS B 364 58.62 -21.41 -76.35
C LYS B 364 59.94 -22.04 -75.92
N LYS B 365 60.46 -22.93 -76.76
CA LYS B 365 61.73 -23.58 -76.45
C LYS B 365 62.88 -22.58 -76.54
N CYS B 366 63.87 -22.76 -75.66
CA CYS B 366 65.03 -21.87 -75.62
C CYS B 366 66.32 -22.67 -75.64
N THR B 367 67.45 -21.98 -75.48
CA THR B 367 68.76 -22.63 -75.49
C THR B 367 69.18 -23.00 -74.08
N ASN B 368 70.34 -23.65 -73.97
CA ASN B 368 70.88 -24.08 -72.70
C ASN B 368 71.68 -22.98 -71.99
N ARG B 369 71.81 -21.81 -72.60
CA ARG B 369 72.57 -20.73 -71.99
C ARG B 369 71.87 -20.13 -70.79
N GLU B 370 70.58 -20.40 -70.61
CA GLU B 370 69.85 -19.88 -69.47
C GLU B 370 70.36 -20.50 -68.18
N ARG B 371 70.44 -19.68 -67.13
CA ARG B 371 70.95 -20.09 -65.83
C ARG B 371 69.85 -20.02 -64.78
N ILE B 372 70.00 -20.84 -63.73
CA ILE B 372 69.02 -20.86 -62.66
C ILE B 372 69.07 -19.56 -61.86
N GLY B 373 70.26 -19.00 -61.69
CA GLY B 373 70.40 -17.80 -60.87
C GLY B 373 69.64 -16.61 -61.43
N GLN B 374 69.67 -16.44 -62.75
CA GLN B 374 68.98 -15.31 -63.37
C GLN B 374 67.46 -15.45 -63.28
N ASP B 375 66.95 -16.65 -63.04
CA ASP B 375 65.51 -16.84 -62.92
C ASP B 375 65.01 -16.23 -61.62
N SER B 376 63.91 -15.49 -61.70
CA SER B 376 63.32 -14.86 -60.52
C SER B 376 62.47 -15.81 -59.69
N ALA B 377 62.12 -16.98 -60.23
CA ALA B 377 61.30 -17.95 -59.52
C ALA B 377 62.12 -18.87 -58.62
N TYR B 378 63.45 -18.77 -58.65
CA TYR B 378 64.30 -19.62 -57.84
C TYR B 378 64.37 -19.06 -56.42
N GLU B 379 63.98 -19.88 -55.45
CA GLU B 379 64.03 -19.50 -54.04
C GLU B 379 64.65 -20.63 -53.24
N GLN B 380 65.35 -20.27 -52.17
CA GLN B 380 65.98 -21.27 -51.31
C GLN B 380 64.94 -22.01 -50.50
N GLU B 381 64.99 -23.33 -50.55
CA GLU B 381 64.04 -24.15 -49.80
C GLU B 381 64.38 -24.18 -48.31
N GLY B 382 63.34 -24.32 -47.50
CA GLY B 382 63.55 -24.43 -46.07
C GLY B 382 64.03 -25.80 -45.62
N LYS B 383 63.74 -26.84 -46.41
CA LYS B 383 64.14 -28.19 -46.06
C LYS B 383 65.51 -28.57 -46.61
N VAL B 384 66.13 -27.71 -47.41
CA VAL B 384 67.47 -28.00 -47.93
C VAL B 384 68.47 -28.07 -46.78
N GLN B 385 68.39 -27.12 -45.85
CA GLN B 385 69.28 -27.13 -44.70
C GLN B 385 69.09 -28.38 -43.86
N PHE B 386 67.85 -28.85 -43.72
CA PHE B 386 67.59 -30.06 -42.96
C PHE B 386 68.08 -31.31 -43.69
N VAL B 387 68.00 -31.32 -45.02
CA VAL B 387 68.60 -32.41 -45.78
C VAL B 387 70.11 -32.44 -45.55
N ILE B 388 70.75 -31.27 -45.60
CA ILE B 388 72.18 -31.19 -45.34
C ILE B 388 72.50 -31.69 -43.94
N ASP B 389 71.70 -31.28 -42.95
CA ASP B 389 71.93 -31.72 -41.58
C ASP B 389 71.78 -33.23 -41.43
N ALA B 390 70.76 -33.81 -42.07
CA ALA B 390 70.57 -35.26 -41.99
C ALA B 390 71.73 -36.02 -42.63
N VAL B 391 72.16 -35.57 -43.81
CA VAL B 391 73.28 -36.25 -44.48
C VAL B 391 74.55 -36.12 -43.65
N TYR B 392 74.80 -34.93 -43.10
CA TYR B 392 75.98 -34.73 -42.26
C TYR B 392 75.92 -35.57 -41.00
N ALA B 393 74.73 -35.70 -40.40
CA ALA B 393 74.59 -36.55 -39.21
C ALA B 393 74.88 -38.00 -39.54
N MET B 394 74.35 -38.49 -40.67
CA MET B 394 74.63 -39.86 -41.07
C MET B 394 76.13 -40.06 -41.33
N GLY B 395 76.77 -39.11 -42.00
CA GLY B 395 78.20 -39.22 -42.24
C GLY B 395 79.00 -39.21 -40.95
N HIS B 396 78.63 -38.35 -40.00
CA HIS B 396 79.33 -38.30 -38.72
C HIS B 396 79.14 -39.60 -37.95
N ALA B 397 77.93 -40.15 -37.96
CA ALA B 397 77.70 -41.44 -37.30
C ALA B 397 78.51 -42.55 -37.93
N LEU B 398 78.57 -42.58 -39.26
CA LEU B 398 79.37 -43.60 -39.95
C LEU B 398 80.85 -43.44 -39.62
N HIS B 399 81.35 -42.20 -39.60
CA HIS B 399 82.75 -41.96 -39.27
C HIS B 399 83.08 -42.38 -37.85
N ALA B 400 82.18 -42.05 -36.91
CA ALA B 400 82.41 -42.46 -35.52
C ALA B 400 82.38 -43.97 -35.36
N MET B 401 81.46 -44.64 -36.05
CA MET B 401 81.41 -46.10 -35.99
C MET B 401 82.67 -46.71 -36.58
N HIS B 402 83.15 -46.17 -37.70
CA HIS B 402 84.38 -46.66 -38.30
C HIS B 402 85.58 -46.45 -37.37
N ARG B 403 85.65 -45.28 -36.74
CA ARG B 403 86.77 -45.00 -35.84
C ARG B 403 86.74 -45.92 -34.61
N ASP B 404 85.56 -46.16 -34.06
CA ASP B 404 85.45 -46.97 -32.85
C ASP B 404 85.61 -48.46 -33.14
N LEU B 405 85.16 -48.93 -34.29
CA LEU B 405 85.20 -50.36 -34.61
C LEU B 405 86.39 -50.78 -35.45
N CYS B 406 86.86 -49.90 -36.34
CA CYS B 406 88.01 -50.19 -37.20
C CYS B 406 89.03 -49.06 -37.05
N PRO B 407 89.75 -49.00 -35.94
CA PRO B 407 90.71 -47.92 -35.74
C PRO B 407 91.95 -48.12 -36.61
N GLY B 408 92.30 -47.06 -37.36
CA GLY B 408 93.47 -47.08 -38.20
C GLY B 408 93.29 -47.79 -39.53
N ARG B 409 92.10 -48.29 -39.83
CA ARG B 409 91.82 -49.01 -41.08
C ARG B 409 91.24 -48.00 -42.06
N VAL B 410 92.09 -47.46 -42.94
CA VAL B 410 91.65 -46.53 -43.96
C VAL B 410 90.77 -47.27 -44.97
N GLY B 411 89.64 -46.67 -45.31
CA GLY B 411 88.70 -47.30 -46.20
C GLY B 411 87.83 -48.32 -45.49
N LEU B 412 87.07 -49.06 -46.29
CA LEU B 412 86.17 -50.06 -45.73
C LEU B 412 86.95 -51.23 -45.15
N CYS B 413 86.49 -51.73 -44.00
CA CYS B 413 87.05 -52.91 -43.37
C CYS B 413 86.07 -54.08 -43.48
N PRO B 414 86.56 -55.32 -43.45
CA PRO B 414 85.65 -56.47 -43.63
C PRO B 414 84.56 -56.57 -42.58
N ARG B 415 84.75 -55.99 -41.40
CA ARG B 415 83.70 -56.00 -40.39
C ARG B 415 82.49 -55.18 -40.83
N MET B 416 82.70 -54.17 -41.68
CA MET B 416 81.61 -53.32 -42.15
C MET B 416 80.70 -54.02 -43.15
N ASP B 417 81.11 -55.16 -43.71
CA ASP B 417 80.27 -55.83 -44.70
C ASP B 417 78.92 -56.25 -44.15
N PRO B 418 78.81 -56.92 -42.98
CA PRO B 418 77.46 -57.15 -42.43
C PRO B 418 76.94 -55.92 -41.67
N VAL B 419 76.36 -54.99 -42.42
CA VAL B 419 75.87 -53.75 -41.83
C VAL B 419 74.72 -54.07 -40.89
N ASP B 420 74.85 -53.64 -39.63
CA ASP B 420 73.85 -53.85 -38.60
C ASP B 420 73.18 -52.53 -38.27
N GLY B 421 71.85 -52.55 -38.17
CA GLY B 421 71.10 -51.33 -37.93
C GLY B 421 71.15 -50.81 -36.51
N THR B 422 71.41 -51.67 -35.53
CA THR B 422 71.37 -51.25 -34.13
C THR B 422 72.55 -50.33 -33.81
N GLN B 423 73.76 -50.71 -34.21
CA GLN B 423 74.92 -49.88 -33.94
C GLN B 423 74.83 -48.56 -34.69
N LEU B 424 74.38 -48.59 -35.95
CA LEU B 424 74.21 -47.36 -36.70
C LEU B 424 73.16 -46.47 -36.05
N LEU B 425 72.07 -47.07 -35.56
CA LEU B 425 71.05 -46.29 -34.86
C LEU B 425 71.63 -45.61 -33.62
N LYS B 426 72.39 -46.37 -32.82
CA LYS B 426 72.96 -45.80 -31.61
C LYS B 426 73.92 -44.67 -31.92
N TYR B 427 74.79 -44.87 -32.92
CA TYR B 427 75.72 -43.82 -33.31
C TYR B 427 75.00 -42.60 -33.87
N ILE B 428 73.87 -42.81 -34.55
CA ILE B 428 73.08 -41.68 -35.05
C ILE B 428 72.50 -40.88 -33.89
N ARG B 429 71.90 -41.58 -32.92
CA ARG B 429 71.34 -40.88 -31.76
C ARG B 429 72.41 -40.27 -30.87
N ASN B 430 73.68 -40.68 -31.03
CA ASN B 430 74.76 -40.17 -30.19
C ASN B 430 75.58 -39.08 -30.86
N VAL B 431 75.05 -38.42 -31.90
CA VAL B 431 75.79 -37.36 -32.58
C VAL B 431 75.56 -36.03 -31.85
N ASN B 432 76.59 -35.18 -31.88
CA ASN B 432 76.51 -33.80 -31.39
C ASN B 432 77.53 -33.02 -32.23
N PHE B 433 77.04 -32.39 -33.29
CA PHE B 433 77.95 -31.76 -34.25
C PHE B 433 77.34 -30.44 -34.71
N SER B 434 77.89 -29.88 -35.77
CA SER B 434 77.37 -28.65 -36.35
C SER B 434 77.56 -28.69 -37.86
N GLY B 435 76.46 -28.66 -38.60
CA GLY B 435 76.52 -28.52 -40.04
C GLY B 435 76.82 -27.09 -40.43
N ILE B 436 76.74 -26.83 -41.74
CA ILE B 436 77.03 -25.48 -42.25
C ILE B 436 75.70 -24.72 -42.21
N ALA B 437 75.34 -24.30 -40.99
CA ALA B 437 74.26 -23.34 -40.82
C ALA B 437 74.49 -22.40 -39.65
N GLY B 438 75.61 -22.47 -38.95
CA GLY B 438 75.82 -21.70 -37.74
C GLY B 438 75.11 -22.22 -36.52
N ASN B 439 74.58 -23.44 -36.55
CA ASN B 439 73.82 -23.99 -35.44
C ASN B 439 74.30 -25.38 -35.07
N PRO B 440 74.13 -25.79 -33.81
CA PRO B 440 74.46 -27.17 -33.42
C PRO B 440 73.28 -28.11 -33.62
N VAL B 441 73.61 -29.35 -33.98
CA VAL B 441 72.61 -30.39 -34.22
C VAL B 441 72.94 -31.58 -33.32
N THR B 442 71.93 -32.04 -32.57
CA THR B 442 72.02 -33.21 -31.72
C THR B 442 70.75 -34.02 -31.88
N PHE B 443 70.84 -35.31 -31.53
CA PHE B 443 69.68 -36.20 -31.52
C PHE B 443 69.44 -36.68 -30.09
N ASN B 444 68.19 -36.62 -29.65
CA ASN B 444 67.81 -37.06 -28.32
C ASN B 444 67.56 -38.56 -28.33
N GLU B 445 66.99 -39.08 -27.24
CA GLU B 445 66.67 -40.50 -27.16
C GLU B 445 65.60 -40.89 -28.18
N ASN B 446 64.71 -39.96 -28.52
CA ASN B 446 63.69 -40.20 -29.53
C ASN B 446 64.10 -39.69 -30.91
N GLY B 447 65.30 -39.16 -31.05
CA GLY B 447 65.77 -38.66 -32.33
C GLY B 447 64.98 -37.48 -32.85
N ASP B 448 64.67 -36.52 -31.99
CA ASP B 448 63.92 -35.33 -32.37
C ASP B 448 64.82 -34.11 -32.26
N ALA B 449 64.25 -32.94 -32.50
CA ALA B 449 64.95 -31.67 -32.45
C ALA B 449 64.64 -30.93 -31.16
N PRO B 450 65.53 -30.02 -30.74
CA PRO B 450 65.24 -29.26 -29.51
C PRO B 450 63.96 -28.45 -29.58
N GLY B 451 63.52 -28.06 -30.77
CA GLY B 451 62.27 -27.32 -30.90
C GLY B 451 62.45 -25.86 -31.24
N ARG B 452 63.42 -25.56 -32.10
CA ARG B 452 63.65 -24.19 -32.54
C ARG B 452 62.73 -23.85 -33.70
N TYR B 453 61.95 -22.77 -33.54
CA TYR B 453 60.97 -22.36 -34.52
C TYR B 453 61.05 -20.86 -34.76
N ASP B 454 60.67 -20.45 -35.97
CA ASP B 454 60.59 -19.06 -36.35
C ASP B 454 59.22 -18.78 -36.94
N ILE B 455 58.75 -17.55 -36.75
CA ILE B 455 57.45 -17.10 -37.22
C ILE B 455 57.69 -15.99 -38.23
N TYR B 456 57.15 -16.16 -39.43
CA TYR B 456 57.23 -15.19 -40.51
C TYR B 456 55.83 -14.72 -40.88
N GLN B 457 55.77 -13.61 -41.61
CA GLN B 457 54.52 -13.06 -42.10
C GLN B 457 54.61 -12.83 -43.60
N TYR B 458 53.60 -13.28 -44.33
CA TYR B 458 53.52 -13.06 -45.78
C TYR B 458 52.75 -11.77 -46.02
N GLN B 459 53.49 -10.67 -46.17
CA GLN B 459 52.90 -9.35 -46.35
C GLN B 459 53.40 -8.74 -47.66
N LEU B 460 52.60 -7.83 -48.21
CA LEU B 460 52.91 -7.15 -49.45
C LEU B 460 53.54 -5.81 -49.16
N ARG B 461 54.66 -5.53 -49.82
CA ARG B 461 55.37 -4.27 -49.63
C ARG B 461 55.09 -3.31 -50.79
N ALA B 465 55.11 -9.24 -51.46
CA ALA B 465 54.96 -10.64 -51.83
C ALA B 465 56.16 -11.46 -51.36
N GLU B 466 56.69 -11.11 -50.20
CA GLU B 466 57.84 -11.79 -49.61
C GLU B 466 57.58 -12.05 -48.14
N TYR B 467 58.22 -13.10 -47.62
CA TYR B 467 58.07 -13.48 -46.23
C TYR B 467 59.05 -12.69 -45.36
N LYS B 468 58.53 -12.03 -44.34
CA LYS B 468 59.33 -11.24 -43.41
C LYS B 468 59.31 -11.88 -42.04
N VAL B 469 60.48 -12.02 -41.42
CA VAL B 469 60.57 -12.63 -40.10
C VAL B 469 59.90 -11.72 -39.08
N ILE B 470 58.99 -12.27 -38.30
CA ILE B 470 58.27 -11.50 -37.28
C ILE B 470 58.48 -12.04 -35.88
N GLY B 471 59.09 -13.21 -35.70
CA GLY B 471 59.38 -13.69 -34.36
C GLY B 471 60.16 -14.98 -34.39
N SER B 472 60.56 -15.42 -33.19
CA SER B 472 61.28 -16.67 -33.03
C SER B 472 60.69 -17.44 -31.86
N TRP B 473 60.60 -18.76 -32.00
CA TRP B 473 60.07 -19.65 -30.97
C TRP B 473 61.14 -20.66 -30.59
N THR B 474 61.68 -20.51 -29.39
CA THR B 474 62.73 -21.38 -28.85
C THR B 474 62.35 -21.82 -27.45
N ASP B 475 61.12 -22.33 -27.31
CA ASP B 475 60.47 -22.62 -26.03
C ASP B 475 60.17 -21.35 -25.24
N HIS B 476 60.22 -20.20 -25.91
CA HIS B 476 59.89 -18.91 -25.30
C HIS B 476 59.55 -17.96 -26.44
N LEU B 477 58.30 -17.49 -26.47
CA LEU B 477 57.83 -16.68 -27.60
C LEU B 477 58.58 -15.36 -27.67
N HIS B 478 58.99 -14.99 -28.87
CA HIS B 478 59.69 -13.73 -29.15
C HIS B 478 59.02 -13.00 -30.30
N LEU B 479 57.69 -13.00 -30.32
CA LEU B 479 56.95 -12.35 -31.39
C LEU B 479 57.14 -10.84 -31.33
N ARG B 480 57.30 -10.22 -32.50
CA ARG B 480 57.48 -8.78 -32.62
C ARG B 480 56.21 -8.19 -33.22
N ILE B 481 55.46 -7.45 -32.41
CA ILE B 481 54.19 -6.89 -32.87
C ILE B 481 54.39 -5.69 -33.79
N GLU B 482 55.54 -5.01 -33.70
CA GLU B 482 55.76 -3.83 -34.53
C GLU B 482 55.95 -4.16 -36.01
N ARG B 483 56.23 -5.42 -36.33
CA ARG B 483 56.44 -5.84 -37.71
C ARG B 483 55.22 -6.53 -38.32
N MET B 484 54.06 -6.44 -37.66
CA MET B 484 52.85 -7.09 -38.14
C MET B 484 52.08 -6.13 -39.06
N HIS B 485 51.87 -6.55 -40.29
CA HIS B 485 51.09 -5.79 -41.26
C HIS B 485 50.00 -6.69 -41.84
N TRP B 486 48.77 -6.21 -41.80
CA TRP B 486 47.63 -6.98 -42.29
C TRP B 486 46.82 -6.19 -43.31
N LEU B 493 46.37 -6.49 -33.46
CA LEU B 493 45.43 -5.70 -34.26
C LEU B 493 44.25 -6.52 -34.82
N PRO B 494 44.50 -7.71 -35.40
CA PRO B 494 43.37 -8.53 -35.86
C PRO B 494 42.53 -9.00 -34.68
N ARG B 495 41.23 -9.18 -34.96
CA ARG B 495 40.26 -9.59 -33.94
C ARG B 495 39.49 -10.79 -34.47
N SER B 496 39.74 -11.96 -33.89
CA SER B 496 39.01 -13.19 -34.21
C SER B 496 38.38 -13.67 -32.90
N ILE B 497 37.19 -13.15 -32.60
CA ILE B 497 36.50 -13.43 -31.35
C ILE B 497 35.06 -13.84 -31.68
N CYS B 498 34.59 -14.90 -31.01
CA CYS B 498 33.25 -15.41 -31.26
C CYS B 498 32.19 -14.39 -30.87
N SER B 499 32.17 -14.00 -29.60
CA SER B 499 31.20 -13.06 -29.07
C SER B 499 31.91 -11.80 -28.60
N LEU B 500 31.44 -10.64 -29.07
CA LEU B 500 32.09 -9.39 -28.74
C LEU B 500 31.97 -9.12 -27.24
N PRO B 501 33.04 -8.62 -26.60
CA PRO B 501 32.97 -8.34 -25.16
C PRO B 501 32.10 -7.13 -24.87
N CYS B 502 31.62 -7.08 -23.63
CA CYS B 502 30.79 -5.98 -23.14
C CYS B 502 31.64 -5.13 -22.21
N GLN B 503 32.27 -4.10 -22.78
CA GLN B 503 33.12 -3.21 -21.99
C GLN B 503 32.36 -2.48 -20.89
N PRO B 504 31.20 -1.87 -21.13
CA PRO B 504 30.49 -1.22 -20.01
C PRO B 504 30.05 -2.18 -18.92
N GLY B 505 29.91 -3.46 -19.22
CA GLY B 505 29.49 -4.43 -18.22
C GLY B 505 28.08 -4.22 -17.71
N GLU B 506 27.14 -3.89 -18.61
CA GLU B 506 25.74 -3.72 -18.25
C GLU B 506 24.89 -4.92 -18.65
N ARG B 507 25.50 -6.00 -19.13
CA ARG B 507 24.78 -7.18 -19.55
C ARG B 507 25.41 -8.42 -18.92
N LYS B 508 24.57 -9.38 -18.56
CA LYS B 508 25.06 -10.61 -17.94
C LYS B 508 25.88 -11.41 -18.94
N LYS B 509 26.96 -12.02 -18.45
CA LYS B 509 27.86 -12.83 -19.29
C LYS B 509 27.45 -14.29 -19.14
N THR B 510 26.70 -14.80 -20.11
CA THR B 510 26.25 -16.18 -20.13
C THR B 510 26.91 -16.92 -21.28
N VAL B 511 27.28 -18.18 -21.03
CA VAL B 511 27.96 -19.00 -22.02
C VAL B 511 27.33 -20.38 -22.05
N LYS B 512 27.59 -21.09 -23.14
CA LYS B 512 27.11 -22.47 -23.30
C LYS B 512 28.03 -23.43 -22.55
N GLY B 513 27.88 -24.72 -22.79
CA GLY B 513 28.70 -25.70 -22.10
C GLY B 513 30.11 -25.81 -22.65
N MET B 514 30.71 -24.65 -22.97
CA MET B 514 32.07 -24.57 -23.45
C MET B 514 32.57 -23.14 -23.26
N PRO B 515 33.71 -22.94 -22.59
CA PRO B 515 34.22 -21.57 -22.40
C PRO B 515 34.81 -21.00 -23.68
N CYS B 516 33.95 -20.70 -24.65
CA CYS B 516 34.40 -20.22 -25.95
C CYS B 516 33.79 -18.89 -26.35
N CYS B 517 32.51 -18.67 -26.05
CA CYS B 517 31.82 -17.44 -26.43
C CYS B 517 31.19 -16.82 -25.19
N TRP B 518 31.42 -15.51 -25.01
CA TRP B 518 30.87 -14.77 -23.87
C TRP B 518 29.63 -14.02 -24.37
N HIS B 519 28.48 -14.69 -24.28
CA HIS B 519 27.23 -14.09 -24.73
C HIS B 519 26.79 -13.01 -23.74
N CYS B 520 26.36 -11.87 -24.28
CA CYS B 520 25.88 -10.76 -23.47
C CYS B 520 24.36 -10.75 -23.49
N GLU B 521 23.76 -10.90 -22.32
CA GLU B 521 22.31 -10.87 -22.16
C GLU B 521 21.90 -9.55 -21.49
N PRO B 522 21.17 -8.67 -22.18
CA PRO B 522 20.77 -7.41 -21.56
C PRO B 522 19.63 -7.57 -20.58
N CYS B 523 19.96 -7.91 -19.32
CA CYS B 523 18.94 -8.08 -18.30
C CYS B 523 18.18 -6.78 -18.07
N THR B 524 17.05 -6.90 -17.38
CA THR B 524 16.15 -5.77 -17.19
C THR B 524 16.81 -4.68 -16.34
N GLY B 525 16.27 -3.47 -16.44
CA GLY B 525 16.79 -2.32 -15.74
C GLY B 525 16.47 -2.25 -14.26
N TYR B 526 15.64 -3.17 -13.76
CA TYR B 526 15.33 -3.21 -12.34
C TYR B 526 16.41 -3.88 -11.51
N GLN B 527 17.43 -4.44 -12.14
CA GLN B 527 18.52 -5.11 -11.46
C GLN B 527 19.85 -4.58 -11.96
N TYR B 528 20.85 -4.61 -11.08
CA TYR B 528 22.20 -4.13 -11.39
C TYR B 528 23.17 -5.30 -11.41
N GLN B 529 24.10 -5.27 -12.37
CA GLN B 529 25.05 -6.37 -12.53
C GLN B 529 26.11 -6.32 -11.44
N VAL B 530 25.88 -7.04 -10.34
CA VAL B 530 26.86 -7.11 -9.27
C VAL B 530 28.07 -7.94 -9.70
N ASP B 531 27.82 -9.04 -10.41
CA ASP B 531 28.88 -9.92 -10.89
C ASP B 531 28.62 -10.28 -12.33
N ARG B 532 29.69 -10.65 -13.04
CA ARG B 532 29.59 -10.98 -14.46
C ARG B 532 28.73 -12.21 -14.72
N TYR B 533 28.53 -13.07 -13.71
CA TYR B 533 27.74 -14.26 -13.91
C TYR B 533 26.28 -13.93 -14.21
N THR B 534 25.68 -13.06 -13.40
CA THR B 534 24.29 -12.67 -13.60
C THR B 534 24.04 -11.34 -12.89
N CYS B 535 22.96 -10.68 -13.30
CA CYS B 535 22.56 -9.43 -12.67
C CYS B 535 21.92 -9.69 -11.31
N LYS B 536 21.99 -8.69 -10.44
CA LYS B 536 21.49 -8.79 -9.08
C LYS B 536 20.46 -7.71 -8.83
N THR B 537 19.37 -8.07 -8.15
CA THR B 537 18.31 -7.11 -7.86
C THR B 537 18.75 -6.15 -6.76
N CYS B 538 18.57 -4.86 -7.02
CA CYS B 538 18.91 -3.82 -6.05
C CYS B 538 17.79 -3.64 -5.04
N PRO B 539 18.10 -3.07 -3.86
CA PRO B 539 17.06 -2.89 -2.83
C PRO B 539 15.94 -1.95 -3.26
N TYR B 540 14.92 -1.84 -2.39
CA TYR B 540 13.73 -1.06 -2.71
C TYR B 540 14.00 0.43 -2.81
N ASP B 541 15.11 0.91 -2.28
CA ASP B 541 15.42 2.34 -2.25
C ASP B 541 16.31 2.79 -3.40
N MET B 542 17.42 2.09 -3.62
CA MET B 542 18.38 2.51 -4.63
C MET B 542 17.92 2.13 -6.03
N ARG B 543 18.47 2.83 -7.01
CA ARG B 543 18.25 2.55 -8.43
C ARG B 543 19.58 2.40 -9.13
N PRO B 544 19.64 1.58 -10.18
CA PRO B 544 20.93 1.24 -10.79
C PRO B 544 21.68 2.46 -11.30
N THR B 545 23.00 2.42 -11.16
CA THR B 545 23.86 3.49 -11.64
C THR B 545 23.89 3.50 -13.17
N GLU B 546 24.35 4.61 -13.74
CA GLU B 546 24.37 4.76 -15.19
C GLU B 546 25.24 3.68 -15.83
N ASN B 547 26.48 3.53 -15.38
CA ASN B 547 27.36 2.49 -15.89
C ASN B 547 27.33 1.23 -15.05
N ARG B 548 26.11 0.74 -14.75
CA ARG B 548 25.89 -0.47 -13.98
C ARG B 548 26.76 -0.54 -12.74
N THR B 549 27.20 -1.76 -12.40
CA THR B 549 28.17 -1.99 -11.32
C THR B 549 27.71 -1.40 -9.99
N GLY B 550 26.45 -1.63 -9.65
CA GLY B 550 25.90 -1.22 -8.37
C GLY B 550 24.77 -0.23 -8.53
N CYS B 551 24.31 0.27 -7.39
CA CYS B 551 23.21 1.22 -7.35
C CYS B 551 23.34 2.08 -6.11
N ARG B 552 23.03 3.37 -6.25
CA ARG B 552 23.09 4.33 -5.17
C ARG B 552 21.80 5.14 -5.11
N PRO B 553 21.20 5.29 -3.94
CA PRO B 553 19.95 6.06 -3.83
C PRO B 553 20.19 7.55 -4.07
N ILE B 554 19.14 8.21 -4.55
CA ILE B 554 19.15 9.65 -4.75
C ILE B 554 18.01 10.26 -3.94
N PRO B 555 18.30 11.01 -2.88
CA PRO B 555 17.22 11.56 -2.05
C PRO B 555 16.44 12.64 -2.78
N ILE B 556 15.18 12.80 -2.35
CA ILE B 556 14.28 13.81 -2.89
C ILE B 556 13.61 14.54 -1.74
N ILE B 557 13.07 15.71 -2.05
CA ILE B 557 12.41 16.56 -1.06
C ILE B 557 11.03 16.96 -1.56
N LYS B 558 10.19 17.42 -0.64
CA LYS B 558 8.83 17.84 -0.96
C LYS B 558 8.82 19.28 -1.50
N LEU B 559 9.45 19.43 -2.67
CA LEU B 559 9.57 20.67 -3.43
C LEU B 559 10.45 21.72 -2.75
N GLU B 560 10.92 21.47 -1.54
CA GLU B 560 11.77 22.40 -0.78
C GLU B 560 11.08 23.77 -0.77
N TRP B 561 11.78 24.86 -1.07
CA TRP B 561 11.18 26.18 -1.19
C TRP B 561 11.26 26.69 -2.62
N GLY B 562 11.26 25.77 -3.58
CA GLY B 562 11.48 26.14 -4.97
C GLY B 562 10.28 26.85 -5.58
N SER B 563 10.57 27.60 -6.64
CA SER B 563 9.53 28.32 -7.36
C SER B 563 8.48 27.42 -8.00
N PRO B 564 8.83 26.33 -8.70
CA PRO B 564 7.81 25.58 -9.45
C PRO B 564 6.72 25.02 -8.55
N TRP B 565 5.48 25.40 -8.86
CA TRP B 565 4.28 24.86 -8.21
C TRP B 565 4.29 25.09 -6.71
N ALA B 566 4.86 26.22 -6.28
CA ALA B 566 4.79 26.66 -4.90
C ALA B 566 4.47 28.14 -4.75
N VAL B 567 4.52 28.92 -5.83
CA VAL B 567 4.24 30.36 -5.74
C VAL B 567 2.78 30.61 -5.41
N LEU B 568 1.87 29.83 -6.01
CA LEU B 568 0.45 30.05 -5.81
C LEU B 568 0.02 29.82 -4.36
N PRO B 569 0.33 28.68 -3.73
CA PRO B 569 -0.05 28.52 -2.32
C PRO B 569 0.63 29.53 -1.40
N LEU B 570 1.91 29.83 -1.65
CA LEU B 570 2.62 30.79 -0.82
C LEU B 570 1.99 32.17 -0.92
N PHE B 571 1.57 32.57 -2.11
CA PHE B 571 0.92 33.87 -2.28
C PHE B 571 -0.45 33.90 -1.60
N LEU B 572 -1.26 32.86 -1.82
CA LEU B 572 -2.56 32.83 -1.16
C LEU B 572 -2.45 32.70 0.35
N ALA B 573 -1.29 32.27 0.85
CA ALA B 573 -1.04 32.30 2.29
C ALA B 573 -0.57 33.65 2.80
N VAL B 574 0.38 34.29 2.11
CA VAL B 574 0.94 35.55 2.60
C VAL B 574 -0.07 36.69 2.48
N VAL B 575 -0.78 36.76 1.35
CA VAL B 575 -1.74 37.84 1.17
C VAL B 575 -2.89 37.63 2.14
N GLY B 576 -3.23 36.37 2.40
CA GLY B 576 -4.26 36.06 3.38
C GLY B 576 -3.84 36.44 4.79
N ILE B 577 -2.57 36.19 5.14
CA ILE B 577 -2.06 36.58 6.45
C ILE B 577 -2.10 38.10 6.59
N ALA B 578 -1.71 38.83 5.55
CA ALA B 578 -1.77 40.28 5.60
C ALA B 578 -3.21 40.78 5.76
N ALA B 579 -4.16 40.18 5.02
CA ALA B 579 -5.55 40.57 5.15
C ALA B 579 -6.09 40.27 6.54
N THR B 580 -5.72 39.11 7.10
CA THR B 580 -6.17 38.76 8.45
C THR B 580 -5.59 39.72 9.48
N LEU B 581 -4.32 40.11 9.32
CA LEU B 581 -3.72 41.09 10.22
C LEU B 581 -4.43 42.43 10.13
N PHE B 582 -4.76 42.87 8.92
CA PHE B 582 -5.52 44.10 8.77
C PHE B 582 -6.88 44.00 9.44
N VAL B 583 -7.54 42.85 9.30
CA VAL B 583 -8.87 42.67 9.88
C VAL B 583 -8.82 42.71 11.40
N VAL B 584 -7.84 42.02 12.00
CA VAL B 584 -7.76 42.02 13.46
C VAL B 584 -7.39 43.40 13.97
N ILE B 585 -6.50 44.10 13.26
CA ILE B 585 -6.12 45.45 13.66
C ILE B 585 -7.32 46.37 13.62
N THR B 586 -8.14 46.27 12.56
CA THR B 586 -9.34 47.08 12.47
C THR B 586 -10.34 46.73 13.57
N PHE B 587 -10.49 45.44 13.88
CA PHE B 587 -11.48 45.00 14.86
C PHE B 587 -11.08 45.33 16.30
N VAL B 588 -9.78 45.35 16.62
CA VAL B 588 -9.36 45.70 17.97
C VAL B 588 -9.22 47.21 18.16
N ARG B 589 -8.94 47.96 17.10
CA ARG B 589 -8.86 49.42 17.22
C ARG B 589 -10.22 50.02 17.53
N TYR B 590 -11.23 49.66 16.73
CA TYR B 590 -12.61 50.10 16.95
C TYR B 590 -13.36 48.94 17.60
N ASN B 591 -13.11 48.74 18.88
CA ASN B 591 -13.72 47.64 19.63
C ASN B 591 -15.05 48.02 20.27
N ASP B 592 -15.43 49.29 20.22
CA ASP B 592 -16.71 49.74 20.78
C ASP B 592 -17.75 50.04 19.71
N THR B 593 -17.42 49.84 18.44
CA THR B 593 -18.36 50.14 17.37
C THR B 593 -19.52 49.13 17.39
N PRO B 594 -20.76 49.58 17.22
CA PRO B 594 -21.88 48.64 17.18
C PRO B 594 -21.78 47.59 16.08
N ILE B 595 -21.19 47.94 14.92
CA ILE B 595 -21.15 46.99 13.81
C ILE B 595 -20.23 45.82 14.14
N VAL B 596 -19.13 46.07 14.85
CA VAL B 596 -18.28 44.97 15.29
C VAL B 596 -18.88 44.29 16.51
N LYS B 597 -19.68 45.01 17.30
CA LYS B 597 -20.39 44.40 18.40
C LYS B 597 -21.52 43.50 17.89
N ALA B 598 -22.16 43.92 16.79
CA ALA B 598 -23.24 43.12 16.19
C ALA B 598 -22.72 41.84 15.55
N SER B 599 -21.43 41.75 15.28
CA SER B 599 -20.84 40.59 14.62
C SER B 599 -20.32 39.55 15.60
N GLY B 600 -20.57 39.71 16.90
CA GLY B 600 -20.06 38.77 17.87
C GLY B 600 -18.59 38.98 18.17
N ARG B 601 -18.26 40.12 18.79
CA ARG B 601 -16.86 40.45 19.08
C ARG B 601 -16.18 39.34 19.88
N GLU B 602 -16.92 38.67 20.77
CA GLU B 602 -16.35 37.57 21.52
C GLU B 602 -16.00 36.40 20.60
N LEU B 603 -16.94 36.00 19.75
CA LEU B 603 -16.71 34.94 18.78
C LEU B 603 -16.29 35.49 17.43
N SER B 604 -15.28 36.36 17.45
CA SER B 604 -14.67 36.88 16.24
C SER B 604 -13.17 36.67 16.22
N TYR B 605 -12.50 36.84 17.38
CA TYR B 605 -11.08 36.53 17.46
C TYR B 605 -10.83 35.05 17.24
N VAL B 606 -11.75 34.19 17.70
CA VAL B 606 -11.62 32.75 17.47
C VAL B 606 -11.70 32.45 15.98
N LEU B 607 -12.67 33.05 15.29
CA LEU B 607 -12.80 32.85 13.85
C LEU B 607 -11.57 33.35 13.10
N LEU B 608 -11.07 34.52 13.50
CA LEU B 608 -9.90 35.09 12.82
C LEU B 608 -8.65 34.25 13.08
N ALA B 609 -8.51 33.71 14.30
CA ALA B 609 -7.39 32.82 14.57
C ALA B 609 -7.52 31.52 13.79
N GLY B 610 -8.74 31.03 13.59
CA GLY B 610 -8.93 29.86 12.76
C GLY B 610 -8.55 30.11 11.31
N ILE B 611 -8.90 31.28 10.78
CA ILE B 611 -8.48 31.64 9.43
C ILE B 611 -6.97 31.79 9.37
N PHE B 612 -6.37 32.33 10.44
CA PHE B 612 -4.91 32.43 10.50
C PHE B 612 -4.26 31.05 10.45
N LEU B 613 -4.82 30.08 11.18
CA LEU B 613 -4.29 28.73 11.14
C LEU B 613 -4.49 28.09 9.76
N CYS B 614 -5.63 28.35 9.13
CA CYS B 614 -5.86 27.85 7.79
C CYS B 614 -4.86 28.42 6.80
N TYR B 615 -4.43 29.66 7.02
CA TYR B 615 -3.38 30.23 6.19
C TYR B 615 -2.02 29.62 6.52
N ALA B 616 -1.72 29.47 7.81
CA ALA B 616 -0.41 29.00 8.25
C ALA B 616 -0.16 27.54 7.94
N THR B 617 -1.21 26.74 7.73
CA THR B 617 -0.98 25.35 7.33
C THR B 617 -0.32 25.27 5.96
N THR B 618 -0.48 26.32 5.14
CA THR B 618 0.22 26.38 3.86
C THR B 618 1.72 26.55 4.07
N PHE B 619 2.11 27.46 4.96
CA PHE B 619 3.53 27.62 5.29
C PHE B 619 4.08 26.35 5.93
N LEU B 620 3.28 25.71 6.78
CA LEU B 620 3.72 24.48 7.44
C LEU B 620 3.94 23.36 6.41
N MET B 621 3.05 23.26 5.41
CA MET B 621 3.20 22.23 4.40
C MET B 621 4.42 22.48 3.52
N ILE B 622 4.77 23.75 3.32
CA ILE B 622 5.88 24.14 2.46
C ILE B 622 7.19 23.65 3.08
N ALA B 623 7.24 23.58 4.41
CA ALA B 623 8.43 23.19 5.15
C ALA B 623 8.71 21.70 4.97
N GLU B 624 9.77 21.23 5.61
CA GLU B 624 10.19 19.84 5.46
C GLU B 624 9.17 18.91 6.13
N PRO B 625 8.94 17.71 5.58
CA PRO B 625 7.99 16.76 6.17
C PRO B 625 8.59 15.95 7.31
N ASP B 626 8.98 16.64 8.39
CA ASP B 626 9.48 15.96 9.57
C ASP B 626 8.32 15.35 10.35
N LEU B 627 8.66 14.45 11.29
CA LEU B 627 7.64 13.81 12.12
C LEU B 627 6.79 14.85 12.85
N GLY B 628 7.44 15.79 13.54
CA GLY B 628 6.70 16.85 14.20
C GLY B 628 5.91 17.69 13.21
N THR B 629 6.54 18.03 12.07
CA THR B 629 5.83 18.79 11.05
C THR B 629 4.68 17.99 10.44
N CYS B 630 4.88 16.68 10.23
CA CYS B 630 3.81 15.86 9.68
C CYS B 630 2.62 15.81 10.63
N SER B 631 2.88 15.68 11.93
CA SER B 631 1.79 15.71 12.91
C SER B 631 1.13 17.09 12.95
N LEU B 632 1.93 18.15 12.89
CA LEU B 632 1.39 19.50 12.99
C LEU B 632 0.53 19.85 11.79
N ARG B 633 0.87 19.32 10.61
CA ARG B 633 0.02 19.53 9.43
C ARG B 633 -1.38 18.98 9.67
N ARG B 634 -1.47 17.74 10.15
CA ARG B 634 -2.77 17.12 10.43
C ARG B 634 -3.51 17.89 11.51
N ILE B 635 -2.81 18.29 12.56
CA ILE B 635 -3.43 19.02 13.67
C ILE B 635 -4.01 20.33 13.16
N PHE B 636 -3.21 21.07 12.39
CA PHE B 636 -3.66 22.36 11.87
C PHE B 636 -4.85 22.20 10.93
N LEU B 637 -4.81 21.20 10.04
CA LEU B 637 -5.92 20.99 9.12
C LEU B 637 -7.19 20.64 9.89
N GLY B 638 -7.10 19.67 10.80
CA GLY B 638 -8.27 19.28 11.56
C GLY B 638 -8.86 20.42 12.38
N LEU B 639 -8.00 21.22 13.00
CA LEU B 639 -8.47 22.36 13.77
C LEU B 639 -9.04 23.48 12.90
N GLY B 640 -8.45 23.74 11.74
CA GLY B 640 -8.85 24.87 10.92
C GLY B 640 -10.10 24.65 10.09
N MET B 641 -10.33 23.42 9.64
CA MET B 641 -11.57 23.16 8.90
C MET B 641 -12.79 23.19 9.82
N SER B 642 -12.59 23.25 11.13
CA SER B 642 -13.69 23.13 12.08
C SER B 642 -13.87 24.35 12.99
N ILE B 643 -12.79 24.96 13.46
CA ILE B 643 -12.92 26.02 14.47
C ILE B 643 -13.64 27.23 13.88
N SER B 644 -13.31 27.60 12.65
CA SER B 644 -13.92 28.77 12.02
C SER B 644 -15.42 28.56 11.83
N TYR B 645 -15.80 27.42 11.28
CA TYR B 645 -17.20 27.15 10.98
C TYR B 645 -17.99 26.74 12.22
N ALA B 646 -17.32 26.47 13.33
CA ALA B 646 -17.99 26.31 14.62
C ALA B 646 -18.18 27.65 15.30
N ALA B 647 -17.22 28.58 15.19
CA ALA B 647 -17.38 29.92 15.70
C ALA B 647 -18.52 30.62 14.97
N LEU B 648 -18.56 30.42 13.65
CA LEU B 648 -19.63 31.03 12.83
C LEU B 648 -20.95 30.35 13.18
N LEU B 649 -20.98 29.02 13.21
CA LEU B 649 -22.21 28.26 13.55
C LEU B 649 -22.71 28.71 14.92
N THR B 650 -21.81 28.73 15.91
CA THR B 650 -22.21 29.12 17.29
C THR B 650 -22.83 30.52 17.24
N LYS B 651 -22.17 31.48 16.59
CA LYS B 651 -22.68 32.87 16.53
C LYS B 651 -24.08 32.86 15.92
N THR B 652 -24.26 32.19 14.79
CA THR B 652 -25.58 32.14 14.10
C THR B 652 -26.63 31.62 15.08
N ASN B 653 -26.35 30.48 15.72
CA ASN B 653 -27.34 29.87 16.65
C ASN B 653 -27.69 30.91 17.73
N ARG B 654 -26.67 31.50 18.35
CA ARG B 654 -26.90 32.49 19.43
C ARG B 654 -27.82 33.60 18.93
N ILE B 655 -27.50 34.22 17.80
CA ILE B 655 -28.31 35.37 17.31
C ILE B 655 -29.75 34.89 17.08
N TYR B 656 -29.91 33.75 16.40
CA TYR B 656 -31.27 33.24 16.09
C TYR B 656 -32.06 33.08 17.39
N ARG B 657 -31.45 32.48 18.40
CA ARG B 657 -32.13 32.27 19.71
C ARG B 657 -32.51 33.65 20.29
N ILE B 658 -31.53 34.54 20.43
CA ILE B 658 -31.78 35.90 20.98
C ILE B 658 -33.09 36.43 20.40
N PHE B 659 -33.17 36.54 19.07
CA PHE B 659 -34.39 37.11 18.44
C PHE B 659 -35.56 36.13 18.60
N GLU B 660 -35.31 34.83 18.38
CA GLU B 660 -36.41 33.83 18.43
C GLU B 660 -37.07 33.84 19.81
N GLN B 661 -36.27 33.75 20.88
CA GLN B 661 -36.84 33.70 22.25
C GLN B 661 -37.52 35.04 22.57
N GLY B 662 -36.85 36.15 22.24
CA GLY B 662 -37.41 37.48 22.54
C GLY B 662 -38.82 37.62 21.99
N LYS B 663 -39.20 36.73 21.06
CA LYS B 663 -40.56 36.77 20.47
C LYS B 663 -41.59 36.20 21.43
N ARG B 664 -41.17 35.59 22.55
CA ARG B 664 -42.10 34.94 23.45
C ARG B 664 -41.69 34.98 24.92
N SER B 665 -40.49 35.46 25.24
CA SER B 665 -40.04 35.48 26.62
C SER B 665 -38.98 36.55 26.81
N VAL B 666 -38.71 36.88 28.06
CA VAL B 666 -37.73 37.90 28.43
C VAL B 666 -36.50 37.32 29.10
N SER B 667 -36.55 36.08 29.57
CA SER B 667 -35.48 35.47 30.34
C SER B 667 -34.37 34.88 29.46
N ALA B 668 -34.23 35.41 28.24
CA ALA B 668 -33.14 34.95 27.33
C ALA B 668 -33.43 33.55 26.80
N PRO B 669 -32.96 33.20 25.59
CA PRO B 669 -33.19 31.87 25.01
C PRO B 669 -32.45 30.81 25.84
N ARG B 670 -31.19 31.09 26.20
CA ARG B 670 -30.38 30.12 26.98
C ARG B 670 -29.06 30.82 27.39
N PHE B 671 -27.96 30.06 27.41
CA PHE B 671 -26.64 30.65 27.76
C PHE B 671 -26.05 31.32 26.52
N ILE B 672 -26.49 32.55 26.23
CA ILE B 672 -25.94 33.32 25.08
C ILE B 672 -24.71 34.10 25.57
N SER B 673 -24.39 33.97 26.86
CA SER B 673 -23.22 34.69 27.44
C SER B 673 -21.95 34.37 26.65
N PRO B 674 -21.01 35.32 26.49
CA PRO B 674 -19.80 35.10 25.68
C PRO B 674 -18.96 33.91 26.17
N ALA B 675 -18.87 33.74 27.49
CA ALA B 675 -18.18 32.56 28.02
C ALA B 675 -18.90 31.28 27.61
N SER B 676 -20.22 31.31 27.60
CA SER B 676 -21.00 30.12 27.16
C SER B 676 -20.69 29.83 25.69
N GLN B 677 -20.76 30.85 24.83
CA GLN B 677 -20.49 30.65 23.38
C GLN B 677 -19.09 30.06 23.21
N LEU B 678 -18.10 30.62 23.92
CA LEU B 678 -16.72 30.09 23.86
C LEU B 678 -16.76 28.61 24.27
N ALA B 679 -17.43 28.28 25.37
CA ALA B 679 -17.49 26.91 25.84
C ALA B 679 -18.13 25.99 24.80
N ILE B 680 -19.20 26.46 24.14
CA ILE B 680 -19.84 25.66 23.10
C ILE B 680 -18.89 25.44 21.94
N THR B 681 -18.20 26.50 21.52
CA THR B 681 -17.23 26.37 20.43
C THR B 681 -16.12 25.41 20.79
N PHE B 682 -15.61 25.49 22.03
CA PHE B 682 -14.54 24.59 22.45
C PHE B 682 -15.02 23.15 22.58
N SER B 683 -16.28 22.95 22.98
CA SER B 683 -16.84 21.60 23.00
C SER B 683 -16.95 21.03 21.59
N LEU B 684 -17.38 21.87 20.63
CA LEU B 684 -17.42 21.42 19.25
C LEU B 684 -16.03 21.08 18.74
N ILE B 685 -15.02 21.87 19.14
CA ILE B 685 -13.65 21.57 18.76
C ILE B 685 -13.20 20.25 19.38
N SER B 686 -13.51 20.03 20.65
CA SER B 686 -13.10 18.80 21.33
C SER B 686 -13.79 17.57 20.75
N LEU B 687 -15.00 17.75 20.22
CA LEU B 687 -15.69 16.63 19.59
C LEU B 687 -14.87 16.02 18.46
N GLN B 688 -14.12 16.85 17.73
CA GLN B 688 -13.20 16.34 16.72
C GLN B 688 -11.80 16.13 17.25
N LEU B 689 -11.42 16.81 18.34
CA LEU B 689 -10.10 16.60 18.93
C LEU B 689 -9.97 15.19 19.50
N LEU B 690 -11.06 14.66 20.05
CA LEU B 690 -11.06 13.28 20.52
C LEU B 690 -10.78 12.31 19.37
N GLY B 691 -11.45 12.53 18.23
CA GLY B 691 -11.21 11.67 17.07
C GLY B 691 -9.80 11.85 16.53
N ILE B 692 -9.28 13.07 16.57
CA ILE B 692 -7.91 13.33 16.13
C ILE B 692 -6.92 12.55 16.99
N CYS B 693 -7.13 12.58 18.31
CA CYS B 693 -6.26 11.85 19.23
C CYS B 693 -6.38 10.34 19.00
N VAL B 694 -7.60 9.86 18.77
CA VAL B 694 -7.84 8.43 18.54
C VAL B 694 -7.11 7.98 17.29
N TRP B 695 -7.22 8.76 16.21
CA TRP B 695 -6.56 8.41 14.95
C TRP B 695 -5.04 8.52 15.07
N PHE B 696 -4.57 9.48 15.87
CA PHE B 696 -3.15 9.63 16.15
C PHE B 696 -2.62 8.40 16.87
N VAL B 697 -3.42 7.85 17.78
CA VAL B 697 -3.02 6.70 18.57
C VAL B 697 -3.02 5.44 17.70
N VAL B 698 -4.15 5.15 17.06
CA VAL B 698 -4.30 3.91 16.30
C VAL B 698 -3.40 3.94 15.06
N ASP B 699 -3.27 5.11 14.45
CA ASP B 699 -2.47 5.28 13.24
C ASP B 699 -1.45 6.40 13.47
N PRO B 700 -0.27 6.09 14.01
CA PRO B 700 0.73 7.13 14.25
C PRO B 700 1.27 7.72 12.95
N SER B 701 1.77 8.95 13.01
CA SER B 701 2.36 9.60 11.84
C SER B 701 3.70 8.96 11.56
N HIS B 702 3.70 7.95 10.68
CA HIS B 702 4.94 7.26 10.35
C HIS B 702 5.94 8.19 9.69
N SER B 703 5.47 9.04 8.77
CA SER B 703 6.30 9.97 8.00
C SER B 703 7.43 9.25 7.27
N VAL B 704 7.15 8.08 6.69
CA VAL B 704 8.18 7.26 6.05
C VAL B 704 8.72 7.96 4.82
N VAL B 705 10.04 8.09 4.74
CA VAL B 705 10.67 8.65 3.55
C VAL B 705 10.57 7.67 2.38
N ASP B 706 10.40 6.37 2.68
CA ASP B 706 10.32 5.33 1.66
C ASP B 706 8.95 5.40 0.98
N PHE B 707 8.80 6.40 0.11
CA PHE B 707 7.60 6.59 -0.69
C PHE B 707 7.80 6.13 -2.13
N GLN B 708 8.52 5.02 -2.31
CA GLN B 708 8.89 4.51 -3.62
C GLN B 708 7.76 3.75 -4.31
N ASP B 709 6.50 3.96 -3.90
CA ASP B 709 5.38 3.30 -4.56
C ASP B 709 5.36 3.62 -6.05
N GLN B 710 5.55 4.89 -6.40
CA GLN B 710 5.81 5.26 -7.79
C GLN B 710 7.27 5.02 -8.10
N ARG B 711 7.55 4.36 -9.22
CA ARG B 711 8.92 3.94 -9.53
C ARG B 711 9.05 3.80 -11.04
N THR B 712 9.68 4.79 -11.67
CA THR B 712 10.03 4.70 -13.09
C THR B 712 11.42 4.08 -13.22
N LEU B 713 11.50 2.82 -12.81
CA LEU B 713 12.77 2.10 -12.79
C LEU B 713 13.24 1.69 -14.17
N ASP B 714 12.34 1.56 -15.14
CA ASP B 714 12.76 1.19 -16.49
C ASP B 714 13.68 2.23 -17.13
N PRO B 715 13.38 3.55 -17.10
CA PRO B 715 14.36 4.52 -17.58
C PRO B 715 15.49 4.71 -16.58
N ARG B 716 15.20 4.47 -15.31
CA ARG B 716 16.17 4.62 -14.21
C ARG B 716 16.78 6.02 -14.17
N PHE B 717 15.97 7.03 -14.46
CA PHE B 717 16.42 8.42 -14.45
C PHE B 717 15.88 9.19 -13.25
N ALA B 718 14.57 9.21 -13.06
CA ALA B 718 13.93 9.91 -11.95
C ALA B 718 13.05 8.94 -11.18
N ARG B 719 13.20 8.93 -9.86
CA ARG B 719 12.41 8.05 -9.01
C ARG B 719 12.43 8.60 -7.58
N GLY B 720 11.55 8.08 -6.75
CA GLY B 720 11.46 8.47 -5.37
C GLY B 720 10.42 9.55 -5.12
N VAL B 721 10.00 9.64 -3.86
CA VAL B 721 9.00 10.62 -3.45
C VAL B 721 9.13 10.82 -1.95
N LEU B 722 8.65 11.97 -1.47
CA LEU B 722 8.64 12.28 -0.04
C LEU B 722 7.27 12.83 0.33
N LYS B 723 6.66 12.26 1.36
CA LYS B 723 5.33 12.67 1.77
C LYS B 723 5.09 12.25 3.22
N CYS B 724 4.17 12.96 3.88
CA CYS B 724 3.74 12.59 5.22
C CYS B 724 2.78 11.41 5.13
N ASP B 725 2.42 10.86 6.30
CA ASP B 725 1.53 9.71 6.35
C ASP B 725 0.07 10.12 6.51
N ILE B 726 -0.26 11.38 6.32
CA ILE B 726 -1.64 11.85 6.37
C ILE B 726 -2.46 11.05 5.37
N SER B 727 -3.46 10.33 5.87
CA SER B 727 -4.19 9.38 5.04
C SER B 727 -5.33 10.06 4.28
N ASP B 728 -5.62 9.52 3.09
CA ASP B 728 -6.77 10.00 2.33
C ASP B 728 -8.07 9.75 3.08
N LEU B 729 -8.16 8.62 3.80
CA LEU B 729 -9.34 8.35 4.61
C LEU B 729 -9.49 9.38 5.73
N SER B 730 -8.38 9.75 6.37
CA SER B 730 -8.42 10.78 7.40
C SER B 730 -8.85 12.13 6.82
N LEU B 731 -8.33 12.47 5.64
CA LEU B 731 -8.74 13.71 5.00
C LEU B 731 -10.23 13.68 4.64
N ILE B 732 -10.72 12.52 4.20
CA ILE B 732 -12.14 12.39 3.88
C ILE B 732 -12.99 12.55 5.13
N CYS B 733 -12.56 11.97 6.24
CA CYS B 733 -13.30 12.13 7.50
C CYS B 733 -13.32 13.59 7.94
N LEU B 734 -12.17 14.27 7.83
CA LEU B 734 -12.12 15.69 8.19
C LEU B 734 -13.04 16.52 7.30
N LEU B 735 -13.03 16.26 6.00
CA LEU B 735 -13.88 17.00 5.08
C LEU B 735 -15.35 16.69 5.32
N GLY B 736 -15.66 15.45 5.72
CA GLY B 736 -17.03 15.11 6.05
C GLY B 736 -17.53 15.84 7.27
N TYR B 737 -16.69 15.92 8.31
CA TYR B 737 -17.05 16.70 9.49
C TYR B 737 -17.24 18.17 9.14
N SER B 738 -16.34 18.72 8.32
CA SER B 738 -16.47 20.11 7.90
C SER B 738 -17.75 20.33 7.09
N MET B 739 -18.10 19.38 6.22
CA MET B 739 -19.31 19.52 5.42
C MET B 739 -20.55 19.40 6.28
N LEU B 740 -20.53 18.54 7.30
CA LEU B 740 -21.65 18.46 8.22
C LEU B 740 -21.83 19.78 8.96
N LEU B 741 -20.71 20.35 9.45
CA LEU B 741 -20.79 21.66 10.10
C LEU B 741 -21.31 22.71 9.14
N MET B 742 -20.91 22.64 7.87
CA MET B 742 -21.40 23.58 6.86
C MET B 742 -22.91 23.43 6.66
N VAL B 743 -23.40 22.19 6.67
CA VAL B 743 -24.84 21.95 6.51
C VAL B 743 -25.61 22.54 7.69
N THR B 744 -25.12 22.32 8.91
CA THR B 744 -25.76 22.93 10.06
C THR B 744 -25.73 24.45 9.99
N CYS B 745 -24.59 25.02 9.56
CA CYS B 745 -24.50 26.46 9.41
C CYS B 745 -25.52 26.97 8.39
N THR B 746 -25.66 26.27 7.27
CA THR B 746 -26.59 26.70 6.23
C THR B 746 -28.04 26.64 6.72
N VAL B 747 -28.40 25.54 7.38
CA VAL B 747 -29.80 25.38 7.87
C VAL B 747 -30.05 26.47 8.93
N TYR B 748 -29.06 26.75 9.78
CA TYR B 748 -29.20 27.82 10.79
C TYR B 748 -29.35 29.17 10.08
N ALA B 749 -28.48 29.45 9.11
CA ALA B 749 -28.52 30.73 8.38
C ALA B 749 -29.91 30.94 7.78
N ILE B 750 -30.46 29.91 7.13
CA ILE B 750 -31.76 30.06 6.47
C ILE B 750 -32.90 30.05 7.49
N LYS B 751 -32.65 29.55 8.70
CA LYS B 751 -33.66 29.66 9.76
C LYS B 751 -33.71 31.07 10.33
N THR B 752 -32.56 31.75 10.42
CA THR B 752 -32.47 33.07 11.04
C THR B 752 -32.52 34.20 10.01
N ARG B 753 -33.21 34.00 8.90
CA ARG B 753 -33.27 35.01 7.85
C ARG B 753 -34.13 36.21 8.20
N GLY B 754 -34.99 36.10 9.23
CA GLY B 754 -35.89 37.18 9.59
C GLY B 754 -35.28 38.29 10.41
N VAL B 755 -34.00 38.18 10.77
CA VAL B 755 -33.30 39.18 11.56
C VAL B 755 -33.15 40.45 10.72
N PRO B 756 -33.32 41.64 11.30
CA PRO B 756 -33.15 42.87 10.51
C PRO B 756 -31.72 43.05 10.04
N GLU B 757 -31.54 44.11 9.24
CA GLU B 757 -30.28 44.31 8.51
C GLU B 757 -29.09 44.55 9.43
N THR B 758 -29.31 44.97 10.67
CA THR B 758 -28.19 45.21 11.58
C THR B 758 -27.44 43.93 11.89
N PHE B 759 -28.16 42.83 12.11
CA PHE B 759 -27.56 41.53 12.40
C PHE B 759 -27.84 40.51 11.30
N ASN B 760 -28.17 40.97 10.09
CA ASN B 760 -28.57 40.09 8.99
C ASN B 760 -27.34 39.39 8.41
N GLU B 761 -26.76 38.51 9.22
CA GLU B 761 -25.66 37.66 8.78
C GLU B 761 -26.19 36.30 8.33
N ALA B 762 -27.09 36.33 7.36
CA ALA B 762 -27.71 35.14 6.81
C ALA B 762 -27.33 34.89 5.36
N LYS B 763 -27.55 35.86 4.48
CA LYS B 763 -27.13 35.72 3.09
C LYS B 763 -25.61 35.58 2.96
N PRO B 764 -24.77 36.41 3.60
CA PRO B 764 -23.33 36.17 3.50
C PRO B 764 -22.90 34.81 4.02
N ILE B 765 -23.53 34.31 5.09
CA ILE B 765 -23.12 33.02 5.65
C ILE B 765 -23.49 31.88 4.71
N GLY B 766 -24.71 31.91 4.15
CA GLY B 766 -25.07 30.90 3.18
C GLY B 766 -24.22 30.96 1.93
N PHE B 767 -23.90 32.18 1.47
CA PHE B 767 -23.01 32.34 0.33
C PHE B 767 -21.63 31.75 0.61
N THR B 768 -21.11 32.00 1.82
CA THR B 768 -19.80 31.46 2.18
C THR B 768 -19.84 29.93 2.26
N MET B 769 -20.92 29.38 2.82
CA MET B 769 -21.09 27.93 2.86
C MET B 769 -21.06 27.34 1.45
N TYR B 770 -21.82 27.96 0.53
CA TYR B 770 -21.86 27.44 -0.82
C TYR B 770 -20.51 27.59 -1.52
N THR B 771 -19.82 28.71 -1.29
CA THR B 771 -18.51 28.91 -1.92
C THR B 771 -17.50 27.87 -1.41
N THR B 772 -17.51 27.60 -0.11
CA THR B 772 -16.62 26.57 0.43
C THR B 772 -16.98 25.20 -0.12
N CYS B 773 -18.28 24.91 -0.26
CA CYS B 773 -18.71 23.66 -0.86
C CYS B 773 -18.21 23.53 -2.30
N ILE B 774 -18.28 24.63 -3.06
CA ILE B 774 -17.79 24.62 -4.44
C ILE B 774 -16.29 24.39 -4.47
N VAL B 775 -15.56 25.05 -3.56
CA VAL B 775 -14.11 24.89 -3.50
C VAL B 775 -13.75 23.43 -3.20
N TRP B 776 -14.44 22.82 -2.24
CA TRP B 776 -14.12 21.44 -1.88
C TRP B 776 -14.54 20.47 -2.98
N LEU B 777 -15.66 20.73 -3.65
CA LEU B 777 -16.09 19.88 -4.76
C LEU B 777 -15.17 20.03 -5.96
N ALA B 778 -14.49 21.17 -6.10
CA ALA B 778 -13.44 21.29 -7.10
C ALA B 778 -12.16 20.60 -6.67
N PHE B 779 -11.89 20.59 -5.36
CA PHE B 779 -10.70 19.94 -4.83
C PHE B 779 -10.78 18.42 -4.99
N ILE B 780 -11.97 17.85 -4.81
CA ILE B 780 -12.10 16.39 -4.77
C ILE B 780 -11.60 15.72 -6.04
N PRO B 781 -12.00 16.13 -7.27
CA PRO B 781 -11.57 15.37 -8.45
C PRO B 781 -10.07 15.42 -8.70
N ILE B 782 -9.46 16.60 -8.61
CA ILE B 782 -8.04 16.73 -8.87
C ILE B 782 -7.23 15.98 -7.82
N PHE B 783 -7.69 15.99 -6.57
CA PHE B 783 -6.97 15.30 -5.51
C PHE B 783 -7.10 13.79 -5.63
N PHE B 784 -8.30 13.28 -5.91
CA PHE B 784 -8.55 11.85 -5.90
C PHE B 784 -8.37 11.18 -7.26
N GLY B 785 -8.05 11.94 -8.31
CA GLY B 785 -7.90 11.36 -9.62
C GLY B 785 -6.47 11.09 -10.03
N THR B 786 -5.55 11.91 -9.53
CA THR B 786 -4.13 11.79 -9.88
C THR B 786 -3.45 10.81 -8.92
N SER B 787 -3.86 9.55 -9.02
CA SER B 787 -3.28 8.50 -8.20
C SER B 787 -2.13 7.78 -8.92
N GLN B 788 -2.43 7.20 -10.08
CA GLN B 788 -1.41 6.52 -10.87
C GLN B 788 -0.85 7.46 -11.94
N SER B 789 -0.22 8.54 -11.47
CA SER B 789 0.35 9.54 -12.35
C SER B 789 1.54 10.20 -11.66
N ALA B 790 2.39 10.82 -12.46
CA ALA B 790 3.56 11.49 -11.92
C ALA B 790 3.16 12.78 -11.21
N ASP B 791 4.08 13.28 -10.38
CA ASP B 791 3.88 14.51 -9.61
C ASP B 791 2.64 14.41 -8.73
N LYS B 792 2.42 13.24 -8.14
CA LYS B 792 1.30 13.08 -7.21
C LYS B 792 1.48 13.97 -5.98
N LEU B 793 2.70 14.02 -5.44
CA LEU B 793 2.98 14.92 -4.33
C LEU B 793 2.82 16.38 -4.75
N TYR B 794 3.28 16.72 -5.95
CA TYR B 794 3.16 18.09 -6.45
C TYR B 794 1.70 18.47 -6.66
N ILE B 795 0.83 17.50 -6.94
CA ILE B 795 -0.56 17.82 -7.23
C ILE B 795 -1.40 17.82 -5.96
N GLN B 796 -1.34 16.74 -5.18
CA GLN B 796 -2.27 16.55 -4.08
C GLN B 796 -2.10 17.60 -2.99
N THR B 797 -0.88 17.78 -2.50
CA THR B 797 -0.64 18.73 -1.42
C THR B 797 -0.92 20.15 -1.87
N THR B 798 -0.47 20.49 -3.08
CA THR B 798 -0.68 21.85 -3.59
C THR B 798 -2.16 22.16 -3.75
N THR B 799 -2.93 21.22 -4.31
CA THR B 799 -4.35 21.49 -4.51
C THR B 799 -5.09 21.53 -3.17
N LEU B 800 -4.67 20.69 -2.21
CA LEU B 800 -5.32 20.71 -0.90
C LEU B 800 -5.08 22.04 -0.18
N THR B 801 -3.82 22.49 -0.17
CA THR B 801 -3.53 23.75 0.52
C THR B 801 -4.14 24.93 -0.22
N VAL B 802 -4.21 24.87 -1.56
CA VAL B 802 -4.85 25.93 -2.33
C VAL B 802 -6.34 25.99 -2.01
N SER B 803 -6.99 24.84 -1.92
CA SER B 803 -8.42 24.83 -1.57
C SER B 803 -8.65 25.35 -0.17
N VAL B 804 -7.80 24.95 0.78
CA VAL B 804 -7.95 25.44 2.15
C VAL B 804 -7.77 26.95 2.20
N SER B 805 -6.74 27.46 1.53
CA SER B 805 -6.50 28.90 1.51
C SER B 805 -7.63 29.65 0.83
N LEU B 806 -8.18 29.09 -0.26
CA LEU B 806 -9.28 29.74 -0.96
C LEU B 806 -10.53 29.80 -0.09
N SER B 807 -10.85 28.70 0.59
CA SER B 807 -12.01 28.72 1.49
C SER B 807 -11.82 29.71 2.61
N ALA B 808 -10.63 29.73 3.23
CA ALA B 808 -10.37 30.68 4.31
C ALA B 808 -10.44 32.12 3.81
N SER B 809 -9.89 32.38 2.62
CA SER B 809 -9.93 33.73 2.06
C SER B 809 -11.35 34.17 1.75
N VAL B 810 -12.15 33.29 1.15
CA VAL B 810 -13.54 33.63 0.87
C VAL B 810 -14.27 33.95 2.17
N SER B 811 -14.12 33.08 3.17
CA SER B 811 -14.80 33.29 4.44
C SER B 811 -14.39 34.62 5.07
N LEU B 812 -13.09 34.81 5.26
CA LEU B 812 -12.61 36.02 5.95
C LEU B 812 -13.00 37.28 5.18
N GLY B 813 -12.65 37.35 3.89
CA GLY B 813 -12.97 38.51 3.10
C GLY B 813 -14.46 38.77 3.03
N MET B 814 -15.19 37.91 2.37
CA MET B 814 -16.60 38.22 2.19
C MET B 814 -17.46 37.99 3.47
N LEU B 815 -16.82 37.82 4.64
CA LEU B 815 -17.51 37.96 5.92
C LEU B 815 -17.22 39.28 6.62
N TYR B 816 -15.94 39.71 6.68
CA TYR B 816 -15.57 40.88 7.46
C TYR B 816 -15.19 42.09 6.62
N MET B 817 -14.61 41.89 5.43
CA MET B 817 -14.19 43.02 4.61
C MET B 817 -15.30 44.02 4.31
N PRO B 818 -16.55 43.63 4.03
CA PRO B 818 -17.60 44.66 3.95
C PRO B 818 -17.72 45.47 5.23
N LYS B 819 -17.60 44.83 6.38
CA LYS B 819 -17.70 45.56 7.65
C LYS B 819 -16.52 46.51 7.84
N VAL B 820 -15.30 46.05 7.52
CA VAL B 820 -14.13 46.93 7.61
C VAL B 820 -14.25 48.09 6.63
N TYR B 821 -14.78 47.82 5.45
CA TYR B 821 -15.07 48.87 4.47
C TYR B 821 -16.00 49.91 5.06
N ILE B 822 -17.11 49.47 5.65
CA ILE B 822 -18.07 50.39 6.24
C ILE B 822 -17.42 51.18 7.37
N ILE B 823 -16.56 50.52 8.15
CA ILE B 823 -15.96 51.16 9.31
C ILE B 823 -14.99 52.26 8.89
N LEU B 824 -13.94 51.88 8.15
CA LEU B 824 -12.80 52.77 7.94
C LEU B 824 -12.71 53.33 6.52
N PHE B 825 -13.72 53.11 5.67
CA PHE B 825 -13.84 53.82 4.41
C PHE B 825 -15.07 54.71 4.31
N HIS B 826 -16.11 54.45 5.11
CA HIS B 826 -17.31 55.27 5.16
C HIS B 826 -17.64 55.58 6.61
N PRO B 827 -16.91 56.52 7.22
CA PRO B 827 -17.14 56.82 8.65
C PRO B 827 -18.45 57.56 8.89
N GLU B 828 -19.56 57.00 8.43
CA GLU B 828 -20.88 57.58 8.65
C GLU B 828 -21.93 56.58 9.15
N GLN B 829 -21.74 55.28 8.91
CA GLN B 829 -22.64 54.25 9.40
C GLN B 829 -22.10 53.56 10.65
N ASN B 830 -21.04 54.11 11.25
CA ASN B 830 -20.39 53.48 12.39
C ASN B 830 -21.07 53.78 13.72
N VAL B 831 -22.11 54.62 13.71
CA VAL B 831 -22.82 54.96 14.94
C VAL B 831 -24.00 54.03 15.14
N VAL C 2 -60.67 15.96 56.87
CA VAL C 2 -61.46 16.32 58.03
C VAL C 2 -62.39 15.16 58.40
N GLN C 3 -62.58 14.25 57.45
CA GLN C 3 -63.43 13.08 57.67
C GLN C 3 -62.95 11.96 56.76
N LEU C 4 -62.58 10.83 57.36
CA LEU C 4 -62.10 9.67 56.62
C LEU C 4 -62.90 8.44 57.04
N VAL C 5 -63.40 7.69 56.06
CA VAL C 5 -64.14 6.45 56.29
C VAL C 5 -63.64 5.39 55.32
N GLU C 6 -63.54 4.16 55.79
CA GLU C 6 -63.00 3.06 55.00
C GLU C 6 -64.12 2.31 54.29
N SER C 7 -63.83 1.86 53.07
CA SER C 7 -64.77 1.08 52.28
C SER C 7 -63.98 0.24 51.28
N GLY C 8 -64.68 -0.35 50.31
CA GLY C 8 -64.07 -1.13 49.26
C GLY C 8 -64.36 -2.61 49.32
N GLY C 9 -64.74 -3.12 50.47
CA GLY C 9 -65.06 -4.53 50.60
C GLY C 9 -64.62 -5.05 51.97
N GLY C 10 -64.20 -6.31 51.99
CA GLY C 10 -63.78 -6.99 53.20
C GLY C 10 -64.67 -8.18 53.47
N LEU C 11 -64.04 -9.30 53.83
CA LEU C 11 -64.73 -10.56 54.09
C LEU C 11 -65.58 -10.99 52.89
N VAL C 12 -64.96 -10.92 51.70
CA VAL C 12 -65.66 -11.32 50.49
C VAL C 12 -65.64 -12.83 50.32
N GLN C 13 -64.46 -13.46 50.48
CA GLN C 13 -64.33 -14.91 50.43
C GLN C 13 -62.95 -15.30 50.97
N PRO C 14 -62.83 -16.47 51.59
CA PRO C 14 -61.52 -16.89 52.10
C PRO C 14 -60.57 -17.25 50.97
N GLY C 15 -59.32 -16.80 51.11
CA GLY C 15 -58.29 -17.10 50.14
C GLY C 15 -58.31 -16.25 48.90
N GLY C 16 -59.18 -15.25 48.81
CA GLY C 16 -59.29 -14.40 47.64
C GLY C 16 -58.79 -12.99 47.95
N SER C 17 -57.93 -12.49 47.06
CA SER C 17 -57.38 -11.15 47.23
C SER C 17 -58.48 -10.10 47.09
N ARG C 18 -58.36 -9.04 47.88
CA ARG C 18 -59.35 -7.96 47.84
C ARG C 18 -58.66 -6.67 48.28
N LYS C 19 -58.48 -5.74 47.36
CA LYS C 19 -57.89 -4.44 47.67
C LYS C 19 -58.96 -3.50 48.19
N LEU C 20 -58.60 -2.70 49.20
CA LEU C 20 -59.52 -1.77 49.84
C LEU C 20 -58.90 -0.38 49.89
N SER C 21 -59.77 0.62 49.99
CA SER C 21 -59.33 2.00 50.01
C SER C 21 -60.29 2.81 50.85
N CYS C 22 -59.75 3.74 51.64
CA CYS C 22 -60.55 4.61 52.47
C CYS C 22 -60.74 5.96 51.79
N SER C 23 -61.97 6.46 51.84
CA SER C 23 -62.28 7.76 51.23
C SER C 23 -61.93 8.88 52.19
N ALA C 24 -61.37 9.95 51.64
CA ALA C 24 -60.93 11.11 52.42
C ALA C 24 -61.62 12.36 51.90
N SER C 25 -61.69 13.39 52.74
CA SER C 25 -62.34 14.63 52.36
C SER C 25 -61.87 15.77 53.24
N GLY C 26 -62.08 16.99 52.76
CA GLY C 26 -61.86 18.20 53.54
C GLY C 26 -60.43 18.51 53.93
N PHE C 27 -59.47 18.23 53.06
CA PHE C 27 -58.08 18.60 53.29
C PHE C 27 -57.31 18.46 51.98
N ALA C 28 -56.09 19.02 51.96
CA ALA C 28 -55.29 19.00 50.71
C ALA C 28 -54.84 17.57 50.39
N PHE C 29 -54.14 16.92 51.32
CA PHE C 29 -53.63 15.53 51.09
C PHE C 29 -52.41 15.62 50.17
N SER C 30 -52.34 16.65 49.32
CA SER C 30 -51.21 16.80 48.36
C SER C 30 -49.89 16.84 49.13
N SER C 31 -49.83 17.62 50.22
CA SER C 31 -48.61 17.67 51.07
C SER C 31 -48.88 16.90 52.36
N PHE C 32 -49.28 15.63 52.25
CA PHE C 32 -49.62 14.86 53.43
C PHE C 32 -49.14 13.42 53.27
N GLY C 33 -48.46 12.91 54.29
CA GLY C 33 -48.07 11.52 54.30
C GLY C 33 -49.23 10.60 54.62
N MET C 34 -49.28 9.46 53.94
CA MET C 34 -50.35 8.49 54.08
C MET C 34 -49.78 7.18 54.59
N HIS C 35 -50.29 6.73 55.74
CA HIS C 35 -49.89 5.45 56.30
C HIS C 35 -51.02 4.43 56.13
N TRP C 36 -50.69 3.17 56.37
CA TRP C 36 -51.63 2.06 56.29
C TRP C 36 -51.50 1.17 57.52
N VAL C 37 -51.51 1.82 58.69
CA VAL C 37 -51.21 1.11 59.94
C VAL C 37 -52.35 0.16 60.26
N ARG C 38 -52.02 -1.11 60.53
CA ARG C 38 -52.99 -2.20 60.63
C ARG C 38 -53.11 -2.67 62.07
N GLN C 39 -54.34 -2.90 62.52
CA GLN C 39 -54.62 -3.30 63.90
C GLN C 39 -54.90 -4.79 63.97
N ALA C 40 -54.28 -5.46 64.94
CA ALA C 40 -54.50 -6.88 65.15
C ALA C 40 -55.95 -7.13 65.58
N PRO C 41 -56.47 -8.33 65.33
CA PRO C 41 -57.90 -8.57 65.63
C PRO C 41 -58.29 -8.34 67.08
N GLU C 42 -57.42 -8.65 68.03
CA GLU C 42 -57.74 -8.45 69.45
C GLU C 42 -57.11 -7.18 70.01
N LYS C 43 -55.79 -7.08 69.97
CA LYS C 43 -55.04 -5.93 70.50
C LYS C 43 -53.78 -5.74 69.69
N GLY C 44 -53.45 -4.48 69.40
CA GLY C 44 -52.23 -4.16 68.69
C GLY C 44 -52.46 -3.58 67.31
N LEU C 45 -52.04 -2.33 67.11
CA LEU C 45 -52.17 -1.63 65.85
C LEU C 45 -50.76 -1.39 65.31
N GLU C 46 -50.41 -2.09 64.22
CA GLU C 46 -49.06 -2.09 63.69
C GLU C 46 -49.03 -1.53 62.27
N TRP C 47 -47.87 -1.02 61.87
CA TRP C 47 -47.71 -0.29 60.63
C TRP C 47 -47.12 -1.18 59.53
N VAL C 48 -47.67 -1.06 58.32
CA VAL C 48 -47.22 -1.89 57.20
C VAL C 48 -46.80 -1.09 55.97
N ALA C 49 -47.27 0.15 55.78
CA ALA C 49 -46.93 0.89 54.58
C ALA C 49 -46.94 2.38 54.88
N TYR C 50 -46.24 3.14 54.04
CA TYR C 50 -46.13 4.58 54.21
C TYR C 50 -45.72 5.21 52.88
N ILE C 51 -46.43 6.26 52.47
CA ILE C 51 -46.10 7.02 51.28
C ILE C 51 -46.14 8.50 51.65
N SER C 52 -45.17 9.26 51.13
CA SER C 52 -45.07 10.68 51.40
C SER C 52 -45.64 11.49 50.24
N SER C 53 -45.48 12.81 50.32
CA SER C 53 -45.97 13.69 49.28
C SER C 53 -45.20 13.47 47.98
N GLY C 54 -45.92 13.41 46.87
CA GLY C 54 -45.31 13.19 45.57
C GLY C 54 -44.88 11.77 45.30
N SER C 55 -45.28 10.81 46.16
CA SER C 55 -44.93 9.40 46.01
C SER C 55 -43.42 9.16 46.01
N GLY C 56 -42.65 10.09 46.57
CA GLY C 56 -41.22 9.91 46.62
C GLY C 56 -40.79 8.80 47.57
N THR C 57 -41.45 8.69 48.71
CA THR C 57 -41.05 7.77 49.77
C THR C 57 -41.93 6.52 49.74
N ILE C 58 -41.30 5.36 49.62
CA ILE C 58 -42.00 4.09 49.45
C ILE C 58 -41.56 3.16 50.58
N TYR C 59 -41.32 3.71 51.77
CA TYR C 59 -40.93 2.88 52.90
C TYR C 59 -41.99 1.82 53.18
N TYR C 60 -41.53 0.59 53.40
CA TYR C 60 -42.38 -0.55 53.70
C TYR C 60 -42.01 -1.13 55.06
N ALA C 61 -42.86 -2.03 55.55
CA ALA C 61 -42.62 -2.69 56.83
C ALA C 61 -41.50 -3.71 56.69
N ASP C 62 -41.06 -4.23 57.84
CA ASP C 62 -40.03 -5.27 57.86
C ASP C 62 -40.50 -6.55 57.18
N THR C 63 -41.80 -6.81 57.14
CA THR C 63 -42.34 -7.96 56.42
C THR C 63 -42.45 -7.60 54.93
N VAL C 64 -41.28 -7.48 54.30
CA VAL C 64 -41.22 -7.04 52.91
C VAL C 64 -41.75 -8.14 52.00
N LYS C 65 -42.66 -7.77 51.11
CA LYS C 65 -43.24 -8.71 50.15
C LYS C 65 -43.74 -7.93 48.96
N GLY C 66 -43.76 -8.61 47.80
CA GLY C 66 -44.25 -7.98 46.58
C GLY C 66 -45.75 -7.73 46.59
N ARG C 67 -46.50 -8.47 47.41
CA ARG C 67 -47.94 -8.27 47.48
C ARG C 67 -48.31 -6.97 48.18
N PHE C 68 -47.41 -6.41 48.99
CA PHE C 68 -47.67 -5.16 49.70
C PHE C 68 -47.18 -3.99 48.85
N THR C 69 -48.12 -3.19 48.35
CA THR C 69 -47.80 -2.03 47.53
C THR C 69 -48.60 -0.83 48.03
N ILE C 70 -48.14 0.36 47.64
CA ILE C 70 -48.79 1.61 48.02
C ILE C 70 -48.83 2.53 46.81
N SER C 71 -49.96 3.23 46.65
CA SER C 71 -50.13 4.17 45.51
C SER C 71 -50.88 5.41 46.00
N ARG C 72 -50.27 6.59 45.84
CA ARG C 72 -50.89 7.83 46.37
C ARG C 72 -51.96 8.34 45.40
N ASP C 73 -53.24 8.22 45.78
CA ASP C 73 -54.33 8.77 44.93
C ASP C 73 -54.47 10.26 45.26
N ASP C 74 -53.37 11.01 45.18
CA ASP C 74 -53.38 12.45 45.52
C ASP C 74 -54.36 13.21 44.61
N PRO C 75 -54.35 12.99 43.28
CA PRO C 75 -55.33 13.65 42.40
C PRO C 75 -56.76 13.40 42.91
N LYS C 76 -57.03 12.18 43.39
CA LYS C 76 -58.38 11.84 43.92
C LYS C 76 -58.43 12.18 45.41
N ASN C 77 -57.30 12.59 46.00
CA ASN C 77 -57.22 12.90 47.45
C ASN C 77 -57.46 11.60 48.24
N THR C 78 -57.79 10.52 47.53
CA THR C 78 -58.00 9.20 48.18
C THR C 78 -56.66 8.46 48.21
N LEU C 79 -56.68 7.13 48.34
CA LEU C 79 -55.41 6.35 48.30
C LEU C 79 -55.67 4.96 47.73
N PHE C 80 -54.61 4.23 47.36
CA PHE C 80 -54.74 2.88 46.84
C PHE C 80 -53.91 1.93 47.68
N LEU C 81 -54.34 0.66 47.70
CA LEU C 81 -53.64 -0.39 48.45
C LEU C 81 -53.15 -1.51 47.55
N GLN C 82 -53.99 -2.01 46.65
CA GLN C 82 -53.63 -3.08 45.72
C GLN C 82 -53.17 -4.33 46.47
N MET C 83 -54.10 -4.89 47.26
CA MET C 83 -53.81 -6.11 48.01
C MET C 83 -53.71 -7.31 47.07
N THR C 84 -52.79 -8.22 47.38
CA THR C 84 -52.56 -9.41 46.59
C THR C 84 -52.50 -10.62 47.51
N SER C 85 -53.14 -11.71 47.09
CA SER C 85 -53.20 -12.96 47.85
C SER C 85 -53.79 -12.74 49.24
N LEU C 86 -53.57 -13.70 50.14
CA LEU C 86 -54.11 -13.61 51.49
C LEU C 86 -53.23 -14.40 52.43
N ARG C 87 -53.37 -14.12 53.72
CA ARG C 87 -52.58 -14.80 54.75
C ARG C 87 -53.33 -14.73 56.07
N SER C 88 -52.92 -15.59 57.01
CA SER C 88 -53.53 -15.61 58.33
C SER C 88 -53.28 -14.31 59.09
N GLU C 89 -52.17 -13.63 58.79
CA GLU C 89 -51.89 -12.34 59.42
C GLU C 89 -52.79 -11.23 58.92
N ASP C 90 -53.50 -11.44 57.80
CA ASP C 90 -54.36 -10.41 57.24
C ASP C 90 -55.68 -10.24 58.00
N THR C 91 -56.04 -11.18 58.86
CA THR C 91 -57.20 -11.00 59.73
C THR C 91 -56.87 -9.89 60.70
N ALA C 92 -57.41 -8.69 60.47
CA ALA C 92 -56.93 -7.51 61.17
C ALA C 92 -57.98 -6.41 61.06
N MET C 93 -57.59 -5.20 61.49
CA MET C 93 -58.46 -4.01 61.50
C MET C 93 -57.64 -2.88 60.88
N TYR C 94 -57.87 -2.62 59.60
CA TYR C 94 -57.07 -1.64 58.88
C TYR C 94 -57.64 -0.24 59.07
N TYR C 95 -56.76 0.72 59.35
CA TYR C 95 -57.11 2.12 59.51
C TYR C 95 -56.42 2.96 58.44
N CYS C 96 -56.70 4.26 58.47
CA CYS C 96 -56.05 5.23 57.61
C CYS C 96 -55.48 6.36 58.47
N VAL C 97 -54.35 6.91 58.04
CA VAL C 97 -53.60 7.88 58.82
C VAL C 97 -53.31 9.11 57.97
N ARG C 98 -53.40 10.28 58.59
CA ARG C 98 -53.01 11.55 58.00
C ARG C 98 -51.81 12.09 58.78
N SER C 99 -50.77 12.51 58.05
CA SER C 99 -49.57 13.01 58.70
C SER C 99 -48.85 13.98 57.79
N ILE C 100 -48.17 14.95 58.41
CA ILE C 100 -47.32 15.90 57.70
C ILE C 100 -46.01 16.03 58.47
N TYR C 101 -44.95 16.39 57.76
CA TYR C 101 -43.60 16.39 58.32
C TYR C 101 -42.92 17.73 58.11
N TYR C 102 -42.83 18.52 59.17
CA TYR C 102 -42.03 19.74 59.21
C TYR C 102 -41.86 20.15 60.66
N TYR C 103 -41.07 21.20 60.89
CA TYR C 103 -40.83 21.65 62.24
C TYR C 103 -42.10 22.24 62.83
N GLY C 104 -42.46 21.78 64.03
CA GLY C 104 -43.69 22.20 64.67
C GLY C 104 -44.93 21.46 64.21
N SER C 105 -44.80 20.55 63.24
CA SER C 105 -45.94 19.78 62.77
C SER C 105 -46.28 18.68 63.74
N SER C 106 -47.49 18.13 63.59
CA SER C 106 -48.00 17.05 64.43
C SER C 106 -48.42 15.90 63.52
N PRO C 107 -47.49 15.00 63.19
CA PRO C 107 -47.86 13.84 62.36
C PRO C 107 -48.81 12.92 63.10
N PHE C 108 -49.56 12.14 62.32
CA PHE C 108 -50.50 11.14 62.83
C PHE C 108 -51.61 11.81 63.65
N ASP C 109 -52.14 12.92 63.15
CA ASP C 109 -53.18 13.66 63.87
C ASP C 109 -54.53 12.98 63.76
N PHE C 110 -55.07 12.89 62.54
CA PHE C 110 -56.42 12.41 62.32
C PHE C 110 -56.37 11.03 61.67
N TRP C 111 -57.11 10.08 62.26
CA TRP C 111 -57.19 8.73 61.75
C TRP C 111 -58.65 8.38 61.45
N GLY C 112 -58.85 7.59 60.39
CA GLY C 112 -60.18 7.22 59.98
C GLY C 112 -60.76 6.10 60.83
N GLN C 113 -62.07 5.88 60.66
CA GLN C 113 -62.76 4.84 61.41
C GLN C 113 -62.29 3.45 61.01
N GLY C 114 -61.89 3.25 59.76
CA GLY C 114 -61.40 1.98 59.32
C GLY C 114 -62.50 0.93 59.18
N THR C 115 -62.06 -0.27 58.82
CA THR C 115 -62.96 -1.40 58.64
C THR C 115 -62.25 -2.67 59.09
N THR C 116 -63.04 -3.71 59.38
CA THR C 116 -62.50 -4.99 59.80
C THR C 116 -62.38 -5.91 58.59
N LEU C 117 -61.20 -6.48 58.40
CA LEU C 117 -60.91 -7.39 57.29
C LEU C 117 -60.62 -8.76 57.91
N THR C 118 -61.59 -9.65 57.83
CA THR C 118 -61.46 -11.00 58.37
C THR C 118 -61.08 -11.96 57.26
N VAL C 119 -60.10 -12.82 57.52
CA VAL C 119 -59.58 -13.77 56.55
C VAL C 119 -59.69 -15.17 57.14
N SER C 120 -60.23 -16.09 56.37
CA SER C 120 -60.37 -17.49 56.77
C SER C 120 -59.45 -18.37 55.92
N SER C 121 -59.52 -19.67 56.16
CA SER C 121 -58.70 -20.63 55.43
C SER C 121 -59.19 -20.78 53.99
N SER C 136 -33.07 -3.98 66.11
CA SER C 136 -33.23 -2.78 65.29
C SER C 136 -34.50 -2.02 65.68
N ASP C 137 -35.64 -2.69 65.57
CA ASP C 137 -36.91 -2.06 65.92
C ASP C 137 -37.01 -1.86 67.43
N ILE C 138 -37.61 -0.73 67.83
CA ILE C 138 -37.79 -0.44 69.24
C ILE C 138 -38.84 -1.35 69.85
N VAL C 139 -39.74 -1.90 69.02
CA VAL C 139 -40.85 -2.76 69.46
C VAL C 139 -41.78 -1.97 70.36
N MET C 140 -41.27 -1.52 71.50
CA MET C 140 -41.97 -0.56 72.37
C MET C 140 -43.32 -1.07 72.85
N THR C 141 -43.33 -2.13 73.66
CA THR C 141 -44.55 -2.71 74.20
C THR C 141 -44.71 -2.28 75.65
N GLN C 142 -45.93 -1.88 76.02
CA GLN C 142 -46.24 -1.50 77.41
C GLN C 142 -46.22 -2.77 78.26
N ALA C 143 -45.17 -2.92 79.06
CA ALA C 143 -45.04 -4.11 79.90
C ALA C 143 -46.07 -4.12 81.02
N THR C 144 -46.19 -3.00 81.74
CA THR C 144 -47.11 -2.93 82.88
C THR C 144 -48.46 -2.39 82.42
N SER C 145 -49.10 -3.07 81.48
CA SER C 145 -50.38 -2.62 80.93
C SER C 145 -51.57 -3.28 81.64
N SER C 146 -51.59 -3.23 82.97
CA SER C 146 -52.73 -3.72 83.73
C SER C 146 -52.78 -2.97 85.06
N VAL C 147 -53.60 -1.91 85.11
CA VAL C 147 -53.80 -1.14 86.33
C VAL C 147 -55.28 -0.77 86.43
N PRO C 148 -56.11 -1.61 87.05
CA PRO C 148 -57.53 -1.25 87.20
C PRO C 148 -57.73 -0.18 88.25
N VAL C 149 -58.05 1.04 87.83
CA VAL C 149 -58.18 2.18 88.73
C VAL C 149 -59.43 2.97 88.37
N THR C 150 -60.13 3.43 89.39
CA THR C 150 -61.30 4.27 89.21
C THR C 150 -60.88 5.65 88.72
N PRO C 151 -61.81 6.40 88.11
CA PRO C 151 -61.47 7.77 87.68
C PRO C 151 -60.99 8.62 88.84
N GLY C 152 -60.01 9.46 88.57
CA GLY C 152 -59.38 10.28 89.59
C GLY C 152 -58.12 9.68 90.20
N GLU C 153 -57.61 8.59 89.65
CA GLU C 153 -56.44 7.90 90.20
C GLU C 153 -55.15 8.25 89.49
N SER C 154 -55.19 9.12 88.48
CA SER C 154 -53.99 9.58 87.77
C SER C 154 -53.23 8.40 87.16
N VAL C 155 -53.89 7.77 86.18
CA VAL C 155 -53.35 6.59 85.52
C VAL C 155 -51.98 6.91 84.93
N SER C 156 -51.08 5.93 84.98
CA SER C 156 -49.75 6.03 84.41
C SER C 156 -49.44 4.78 83.60
N ILE C 157 -49.01 4.98 82.36
CA ILE C 157 -48.71 3.88 81.44
C ILE C 157 -47.28 4.04 80.97
N SER C 158 -46.51 2.95 81.06
CA SER C 158 -45.08 2.96 80.80
C SER C 158 -44.77 2.03 79.65
N CYS C 159 -44.03 2.52 78.66
CA CYS C 159 -43.63 1.76 77.48
C CYS C 159 -42.12 1.59 77.44
N ARG C 160 -41.68 0.44 76.92
CA ARG C 160 -40.26 0.14 76.84
C ARG C 160 -39.64 0.76 75.60
N SER C 161 -38.31 0.85 75.60
CA SER C 161 -37.56 1.39 74.46
C SER C 161 -36.20 0.73 74.44
N SER C 162 -35.89 0.00 73.36
CA SER C 162 -34.63 -0.71 73.25
C SER C 162 -33.43 0.23 73.28
N LYS C 163 -33.45 1.26 72.43
CA LYS C 163 -32.40 2.26 72.42
C LYS C 163 -33.01 3.66 72.50
N SER C 164 -32.14 4.66 72.56
CA SER C 164 -32.58 6.04 72.66
C SER C 164 -33.32 6.46 71.40
N LEU C 165 -34.35 7.29 71.59
CA LEU C 165 -35.18 7.77 70.48
C LEU C 165 -34.83 9.19 70.07
N LEU C 166 -33.70 9.72 70.54
CA LEU C 166 -33.26 11.07 70.22
C LEU C 166 -32.24 11.02 69.10
N HIS C 167 -32.63 11.51 67.92
CA HIS C 167 -31.76 11.47 66.74
C HIS C 167 -30.99 12.78 66.64
N SER C 168 -30.28 13.11 67.73
CA SER C 168 -29.33 14.21 67.79
C SER C 168 -29.97 15.57 67.52
N ASN C 169 -31.28 15.61 67.35
CA ASN C 169 -31.99 16.85 67.05
C ASN C 169 -32.57 17.53 68.28
N GLY C 170 -32.34 16.99 69.47
CA GLY C 170 -32.85 17.57 70.69
C GLY C 170 -34.28 17.21 71.03
N ASN C 171 -34.94 16.41 70.20
CA ASN C 171 -36.31 15.99 70.45
C ASN C 171 -36.41 14.47 70.36
N THR C 172 -37.40 13.92 71.05
CA THR C 172 -37.63 12.48 71.11
C THR C 172 -38.74 12.12 70.13
N TYR C 173 -38.42 11.27 69.16
CA TYR C 173 -39.38 10.88 68.12
C TYR C 173 -40.28 9.77 68.65
N LEU C 174 -41.20 10.17 69.53
CA LEU C 174 -42.17 9.25 70.11
C LEU C 174 -43.56 9.87 70.04
N TYR C 175 -44.55 9.06 69.67
CA TYR C 175 -45.94 9.50 69.58
C TYR C 175 -46.78 8.79 70.64
N TRP C 176 -47.80 9.50 71.13
CA TRP C 176 -48.67 8.98 72.18
C TRP C 176 -50.09 8.95 71.65
N PHE C 177 -50.82 7.88 71.96
CA PHE C 177 -52.11 7.62 71.37
C PHE C 177 -53.19 7.48 72.44
N LEU C 178 -54.43 7.32 71.97
CA LEU C 178 -55.57 7.01 72.83
C LEU C 178 -56.66 6.44 71.93
N GLN C 179 -57.10 5.22 72.23
CA GLN C 179 -58.06 4.51 71.39
C GLN C 179 -59.31 4.19 72.22
N ARG C 180 -60.38 4.93 71.98
CA ARG C 180 -61.64 4.63 72.62
C ARG C 180 -62.24 3.35 72.02
N PRO C 181 -63.03 2.61 72.80
CA PRO C 181 -63.60 1.36 72.28
C PRO C 181 -64.57 1.64 71.14
N GLY C 182 -64.34 0.96 70.01
CA GLY C 182 -65.17 1.16 68.84
C GLY C 182 -64.98 2.48 68.14
N GLN C 183 -63.87 3.16 68.39
CA GLN C 183 -63.59 4.46 67.79
C GLN C 183 -62.15 4.51 67.29
N SER C 184 -61.90 5.42 66.35
CA SER C 184 -60.59 5.56 65.77
C SER C 184 -59.58 6.05 66.82
N PRO C 185 -58.32 5.60 66.73
CA PRO C 185 -57.31 6.08 67.69
C PRO C 185 -57.09 7.58 67.57
N GLN C 186 -56.81 8.20 68.71
CA GLN C 186 -56.57 9.64 68.77
C GLN C 186 -55.22 9.88 69.42
N LEU C 187 -54.38 10.69 68.76
CA LEU C 187 -53.07 10.99 69.31
C LEU C 187 -53.19 12.04 70.40
N LEU C 188 -52.47 11.83 71.50
CA LEU C 188 -52.53 12.74 72.65
C LEU C 188 -51.43 13.80 72.58
N ILE C 189 -50.17 13.37 72.55
CA ILE C 189 -49.04 14.28 72.48
C ILE C 189 -48.05 13.75 71.45
N TYR C 190 -47.59 14.63 70.56
CA TYR C 190 -46.65 14.25 69.53
C TYR C 190 -45.22 14.28 70.10
N ARG C 191 -44.22 14.22 69.22
CA ARG C 191 -42.83 14.15 69.64
C ARG C 191 -42.47 15.29 70.58
N MET C 192 -41.45 15.06 71.41
CA MET C 192 -40.96 16.04 72.38
C MET C 192 -41.99 16.38 73.44
N SER C 193 -43.02 15.53 73.56
CA SER C 193 -44.05 15.66 74.59
C SER C 193 -44.74 17.03 74.52
N ASN C 194 -45.41 17.26 73.39
CA ASN C 194 -46.19 18.47 73.17
C ASN C 194 -47.57 18.12 72.65
N LEU C 195 -48.56 18.92 73.02
CA LEU C 195 -49.94 18.62 72.66
C LEU C 195 -50.15 18.72 71.16
N ALA C 196 -51.08 17.91 70.65
CA ALA C 196 -51.34 17.83 69.22
C ALA C 196 -52.81 17.54 68.96
N SER C 197 -53.23 17.80 67.73
CA SER C 197 -54.56 17.47 67.22
C SER C 197 -55.68 18.22 67.95
N GLY C 198 -55.34 19.27 68.70
CA GLY C 198 -56.35 20.00 69.43
C GLY C 198 -57.04 19.22 70.52
N VAL C 199 -56.43 18.15 70.99
CA VAL C 199 -57.01 17.30 72.04
C VAL C 199 -57.00 18.10 73.35
N PRO C 200 -57.85 17.77 74.34
CA PRO C 200 -57.89 18.58 75.57
C PRO C 200 -56.62 18.50 76.38
N ASP C 201 -56.56 19.24 77.47
CA ASP C 201 -55.35 19.38 78.27
C ASP C 201 -55.14 18.17 79.18
N ARG C 202 -54.22 18.32 80.15
CA ARG C 202 -53.90 17.29 81.15
C ARG C 202 -53.34 16.02 80.51
N PHE C 203 -52.99 16.09 79.23
CA PHE C 203 -52.37 15.00 78.50
C PHE C 203 -50.89 15.32 78.35
N SER C 204 -50.04 14.60 79.08
CA SER C 204 -48.61 14.85 79.05
C SER C 204 -47.88 13.59 79.53
N GLY C 205 -46.55 13.65 79.47
CA GLY C 205 -45.71 12.54 79.90
C GLY C 205 -44.37 12.53 79.21
N SER C 206 -43.30 12.30 79.96
CA SER C 206 -41.96 12.34 79.40
C SER C 206 -41.02 11.58 80.33
N GLY C 207 -39.82 11.31 79.82
CA GLY C 207 -38.80 10.60 80.58
C GLY C 207 -37.42 10.93 80.06
N SER C 208 -36.42 10.54 80.85
CA SER C 208 -35.04 10.82 80.49
C SER C 208 -34.64 10.07 79.21
N GLY C 209 -34.68 8.75 79.25
CA GLY C 209 -34.30 7.95 78.10
C GLY C 209 -34.59 6.48 78.27
N THR C 210 -35.12 5.84 77.21
CA THR C 210 -35.51 4.43 77.20
C THR C 210 -36.49 4.11 78.32
N ALA C 211 -37.14 5.12 78.86
CA ALA C 211 -38.14 4.95 79.92
C ALA C 211 -39.10 6.13 79.87
N PHE C 212 -40.36 5.85 79.55
CA PHE C 212 -41.37 6.88 79.40
C PHE C 212 -42.61 6.52 80.19
N THR C 213 -43.30 7.54 80.68
CA THR C 213 -44.46 7.34 81.54
C THR C 213 -45.58 8.28 81.10
N LEU C 214 -46.79 7.98 81.58
CA LEU C 214 -47.97 8.77 81.29
C LEU C 214 -48.37 9.57 82.51
N THR C 215 -48.59 10.87 82.31
CA THR C 215 -49.00 11.78 83.39
C THR C 215 -50.31 12.44 82.99
N ILE C 216 -51.43 11.88 83.45
CA ILE C 216 -52.74 12.49 83.29
C ILE C 216 -53.28 12.74 84.70
N SER C 217 -53.41 14.01 85.06
CA SER C 217 -54.01 14.40 86.32
C SER C 217 -55.37 15.06 86.07
N ARG C 218 -56.11 15.26 87.15
CA ARG C 218 -57.54 15.57 87.09
C ARG C 218 -58.25 14.57 86.18
N LEU C 219 -58.07 13.29 86.51
CA LEU C 219 -58.58 12.21 85.68
C LEU C 219 -60.11 12.25 85.61
N GLU C 220 -60.64 11.91 84.45
CA GLU C 220 -62.08 11.87 84.22
C GLU C 220 -62.39 10.72 83.29
N ALA C 221 -63.62 10.68 82.78
CA ALA C 221 -64.08 9.59 81.92
C ALA C 221 -63.65 9.85 80.48
N GLU C 222 -64.21 9.06 79.56
CA GLU C 222 -63.95 9.20 78.12
C GLU C 222 -62.47 9.00 77.79
N ASP C 223 -61.82 8.10 78.52
CA ASP C 223 -60.42 7.76 78.23
C ASP C 223 -60.15 6.26 78.37
N VAL C 224 -61.19 5.44 78.38
CA VAL C 224 -61.03 4.00 78.49
C VAL C 224 -60.67 3.44 77.12
N GLY C 225 -59.85 2.40 77.11
CA GLY C 225 -59.49 1.76 75.86
C GLY C 225 -58.05 1.27 75.91
N VAL C 226 -57.40 1.34 74.75
CA VAL C 226 -56.05 0.84 74.57
C VAL C 226 -55.14 2.03 74.23
N TYR C 227 -53.92 2.00 74.73
CA TYR C 227 -52.95 3.05 74.52
C TYR C 227 -51.74 2.52 73.74
N TYR C 228 -51.14 3.40 72.95
CA TYR C 228 -50.04 3.04 72.06
C TYR C 228 -48.80 3.89 72.36
N CYS C 229 -47.65 3.33 71.99
CA CYS C 229 -46.35 3.97 72.17
C CYS C 229 -45.56 3.77 70.88
N MET C 230 -45.49 4.81 70.06
CA MET C 230 -44.95 4.70 68.71
C MET C 230 -43.59 5.40 68.63
N GLN C 231 -42.65 4.76 67.95
CA GLN C 231 -41.35 5.32 67.64
C GLN C 231 -41.32 5.77 66.18
N HIS C 232 -40.52 6.80 65.90
CA HIS C 232 -40.41 7.32 64.54
C HIS C 232 -38.95 7.69 64.23
N LEU C 233 -38.01 6.84 64.65
CA LEU C 233 -36.61 7.15 64.41
C LEU C 233 -36.24 6.97 62.95
N GLU C 234 -36.75 5.94 62.30
CA GLU C 234 -36.33 5.60 60.95
C GLU C 234 -37.53 4.97 60.22
N TYR C 235 -37.24 4.31 59.10
CA TYR C 235 -38.30 3.71 58.29
C TYR C 235 -39.17 2.71 59.05
N PRO C 236 -38.63 1.72 59.77
CA PRO C 236 -39.53 0.74 60.40
C PRO C 236 -40.11 1.28 61.70
N LEU C 237 -41.44 1.39 61.73
CA LEU C 237 -42.17 1.92 62.86
C LEU C 237 -42.71 0.79 63.73
N THR C 238 -43.07 1.13 64.96
CA THR C 238 -43.61 0.14 65.89
C THR C 238 -44.48 0.85 66.92
N PHE C 239 -45.31 0.06 67.59
CA PHE C 239 -46.26 0.55 68.58
C PHE C 239 -46.41 -0.47 69.70
N GLY C 240 -47.13 -0.06 70.74
CA GLY C 240 -47.37 -0.95 71.86
C GLY C 240 -48.31 -2.08 71.49
N ALA C 241 -48.05 -3.26 72.06
CA ALA C 241 -48.88 -4.43 71.83
C ALA C 241 -50.30 -4.18 72.33
N GLY C 242 -50.44 -3.64 73.53
CA GLY C 242 -51.76 -3.32 74.05
C GLY C 242 -51.77 -2.89 75.51
N THR C 243 -52.56 -1.86 75.80
CA THR C 243 -52.80 -1.46 77.18
C THR C 243 -54.23 -1.83 77.59
N LYS C 244 -54.36 -2.36 78.80
CA LYS C 244 -55.62 -2.90 79.29
C LYS C 244 -56.02 -2.22 80.59
N LEU C 245 -55.95 -0.90 80.60
CA LEU C 245 -56.35 -0.09 81.75
C LEU C 245 -57.78 0.40 81.53
N GLU C 246 -58.68 0.00 82.42
CA GLU C 246 -60.07 0.39 82.37
C GLU C 246 -60.47 1.03 83.70
N LEU C 247 -61.76 1.39 83.80
CA LEU C 247 -62.28 2.01 85.01
C LEU C 247 -62.67 0.96 86.04
N LYS D 29 -29.69 52.43 79.74
CA LYS D 29 -29.45 51.68 78.51
C LYS D 29 -28.10 51.00 78.54
N VAL D 30 -27.14 51.62 79.22
CA VAL D 30 -25.80 51.04 79.34
C VAL D 30 -25.85 49.73 80.12
N SER D 31 -26.60 49.72 81.22
CA SER D 31 -26.73 48.50 82.01
C SER D 31 -27.43 47.40 81.23
N LYS D 32 -28.46 47.76 80.46
CA LYS D 32 -29.18 46.77 79.66
C LYS D 32 -28.29 46.18 78.57
N ALA D 33 -27.38 46.99 78.01
CA ALA D 33 -26.48 46.48 76.97
C ALA D 33 -25.55 45.41 77.53
N ALA D 34 -25.04 45.61 78.74
CA ALA D 34 -24.16 44.64 79.38
C ALA D 34 -24.90 43.62 80.23
N ALA D 35 -26.23 43.71 80.30
CA ALA D 35 -27.00 42.75 81.10
C ALA D 35 -26.86 41.34 80.55
N ASP D 36 -26.91 41.18 79.23
CA ASP D 36 -26.80 39.87 78.60
C ASP D 36 -25.33 39.56 78.31
N LEU D 37 -24.57 39.37 79.39
CA LEU D 37 -23.16 39.05 79.26
C LEU D 37 -22.94 37.65 78.71
N MET D 38 -23.91 36.75 78.88
CA MET D 38 -23.82 35.36 78.39
C MET D 38 -24.58 35.18 77.09
N ALA D 39 -24.56 36.19 76.22
CA ALA D 39 -25.32 36.15 74.97
C ALA D 39 -24.56 35.31 73.94
N TYR D 40 -25.00 35.38 72.69
CA TYR D 40 -24.45 34.58 71.60
C TYR D 40 -23.85 35.50 70.55
N CYS D 41 -23.49 34.91 69.40
CA CYS D 41 -22.86 35.56 68.26
C CYS D 41 -21.45 36.04 68.56
N GLU D 42 -20.85 35.62 69.66
CA GLU D 42 -19.46 35.94 69.98
C GLU D 42 -18.59 34.69 70.01
N ALA D 43 -18.95 33.71 70.84
CA ALA D 43 -18.21 32.45 70.92
C ALA D 43 -19.10 31.41 71.57
N HIS D 44 -19.43 30.35 70.82
CA HIS D 44 -20.30 29.29 71.33
C HIS D 44 -20.22 28.11 70.37
N ALA D 45 -20.78 26.99 70.80
CA ALA D 45 -20.85 25.76 69.99
C ALA D 45 -22.30 25.30 70.00
N LYS D 46 -23.10 25.84 69.08
CA LYS D 46 -24.51 25.50 68.97
C LYS D 46 -25.08 26.01 67.66
N GLU D 47 -25.78 25.14 66.93
CA GLU D 47 -26.37 25.53 65.65
C GLU D 47 -27.52 24.60 65.27
N VAL E 51 -16.09 45.37 71.24
CA VAL E 51 -16.26 43.92 71.33
C VAL E 51 -15.16 43.21 70.54
N GLY E 52 -15.04 43.57 69.26
CA GLY E 52 -14.04 42.97 68.41
C GLY E 52 -14.43 43.12 66.96
N ARG E 53 -13.55 42.61 66.09
CA ARG E 53 -13.76 42.69 64.64
C ARG E 53 -14.32 41.34 64.17
N ILE E 54 -15.60 41.13 64.44
CA ILE E 54 -16.31 39.95 63.96
C ILE E 54 -16.80 40.21 62.53
N GLN E 55 -15.99 39.85 61.55
CA GLN E 55 -16.25 40.21 60.16
C GLN E 55 -17.55 39.59 59.65
N MET E 56 -17.61 38.26 59.55
CA MET E 56 -18.76 37.57 59.00
C MET E 56 -18.55 36.06 59.15
N ARG E 57 -19.66 35.33 59.09
CA ARG E 57 -19.62 33.87 59.11
C ARG E 57 -20.88 33.36 58.42
N THR E 58 -20.76 32.98 57.16
CA THR E 58 -21.90 32.50 56.37
C THR E 58 -22.02 31.00 56.56
N ARG E 59 -22.73 30.59 57.61
CA ARG E 59 -22.92 29.17 57.88
C ARG E 59 -23.73 28.49 56.78
N ARG E 60 -24.77 29.17 56.28
CA ARG E 60 -25.63 28.58 55.27
C ARG E 60 -26.22 29.68 54.40
N THR E 61 -26.66 29.30 53.22
CA THR E 61 -27.31 30.21 52.27
C THR E 61 -28.65 29.60 51.86
N LEU E 62 -29.73 30.36 52.06
CA LEU E 62 -31.07 29.89 51.73
C LEU E 62 -31.36 30.24 50.28
N ARG E 63 -31.15 29.29 49.38
CA ARG E 63 -31.41 29.50 47.96
C ARG E 63 -32.91 29.33 47.68
N GLY E 64 -33.27 29.27 46.40
CA GLY E 64 -34.65 29.03 46.03
C GLY E 64 -35.39 30.27 45.57
N HIS E 65 -35.15 31.40 46.23
CA HIS E 65 -35.80 32.65 45.85
C HIS E 65 -35.34 33.09 44.48
N LEU E 66 -36.26 33.73 43.74
CA LEU E 66 -35.99 34.17 42.38
C LEU E 66 -36.09 35.68 42.20
N ALA E 67 -37.05 36.33 42.84
CA ALA E 67 -37.22 37.77 42.73
C ALA E 67 -36.64 38.48 43.95
N LYS E 68 -36.69 39.81 43.92
CA LYS E 68 -36.12 40.60 45.00
C LYS E 68 -36.89 40.41 46.31
N ILE E 69 -36.18 40.55 47.42
CA ILE E 69 -36.73 40.33 48.75
C ILE E 69 -36.70 41.65 49.50
N TYR E 70 -37.85 42.05 50.07
CA TYR E 70 -37.94 43.24 50.90
C TYR E 70 -38.50 42.94 52.28
N ALA E 71 -38.57 41.67 52.67
CA ALA E 71 -39.21 41.30 53.92
C ALA E 71 -38.51 40.10 54.54
N MET E 72 -38.33 40.15 55.86
CA MET E 72 -37.76 39.02 56.61
C MET E 72 -38.04 39.23 58.08
N HIS E 73 -38.64 38.23 58.73
CA HIS E 73 -38.94 38.28 60.15
C HIS E 73 -38.61 36.94 60.78
N TRP E 74 -38.34 36.96 62.08
CA TRP E 74 -38.00 35.77 62.84
C TRP E 74 -38.97 35.60 63.99
N GLY E 75 -39.33 34.34 64.28
CA GLY E 75 -40.25 34.04 65.36
C GLY E 75 -39.58 34.03 66.72
N THR E 76 -40.40 33.78 67.73
CA THR E 76 -39.91 33.75 69.12
C THR E 76 -39.19 32.46 69.46
N ASP E 77 -39.30 31.43 68.63
CA ASP E 77 -38.63 30.16 68.90
C ASP E 77 -37.16 30.18 68.48
N SER E 78 -36.70 31.25 67.83
CA SER E 78 -35.32 31.38 67.37
C SER E 78 -34.94 30.25 66.41
N ARG E 79 -35.92 29.72 65.68
CA ARG E 79 -35.67 28.62 64.75
C ARG E 79 -36.36 28.79 63.40
N LEU E 80 -37.33 29.69 63.26
CA LEU E 80 -38.09 29.83 62.03
C LEU E 80 -37.90 31.22 61.43
N LEU E 81 -37.87 31.29 60.10
CA LEU E 81 -37.71 32.54 59.39
C LEU E 81 -38.77 32.62 58.29
N VAL E 82 -39.28 33.83 58.07
CA VAL E 82 -40.29 34.08 57.04
C VAL E 82 -39.76 35.18 56.13
N SER E 83 -39.90 34.98 54.82
CA SER E 83 -39.44 35.95 53.84
C SER E 83 -40.46 36.08 52.73
N ALA E 84 -40.44 37.23 52.06
CA ALA E 84 -41.34 37.53 50.95
C ALA E 84 -40.53 37.89 49.71
N SER E 85 -41.16 37.73 48.56
CA SER E 85 -40.51 38.00 47.28
C SER E 85 -41.55 38.47 46.29
N GLN E 86 -41.06 38.98 45.15
CA GLN E 86 -41.93 39.56 44.13
C GLN E 86 -42.48 38.52 43.16
N ASP E 87 -42.15 37.24 43.34
CA ASP E 87 -42.75 36.18 42.55
C ASP E 87 -44.10 35.73 43.08
N GLY E 88 -44.66 36.46 44.03
CA GLY E 88 -45.94 36.12 44.63
C GLY E 88 -45.89 34.82 45.40
N LYS E 89 -44.77 34.58 46.11
CA LYS E 89 -44.59 33.34 46.86
C LYS E 89 -43.92 33.70 48.19
N LEU E 90 -44.73 33.76 49.25
CA LEU E 90 -44.18 33.95 50.59
C LEU E 90 -43.66 32.62 51.12
N ILE E 91 -42.40 32.62 51.56
CA ILE E 91 -41.73 31.38 51.91
C ILE E 91 -41.23 31.44 53.35
N ILE E 92 -41.53 30.42 54.13
CA ILE E 92 -41.07 30.31 55.51
C ILE E 92 -39.87 29.37 55.55
N TRP E 93 -38.80 29.81 56.20
CA TRP E 93 -37.55 29.06 56.30
C TRP E 93 -37.28 28.65 57.74
N ASP E 94 -36.17 27.93 57.92
CA ASP E 94 -35.66 27.59 59.23
C ASP E 94 -34.16 27.33 59.11
N SER E 95 -33.37 28.04 59.89
CA SER E 95 -31.91 27.96 59.77
C SER E 95 -31.34 26.65 60.31
N TYR E 96 -32.12 25.88 61.05
CA TYR E 96 -31.59 24.64 61.63
C TYR E 96 -31.49 23.52 60.59
N THR E 97 -32.36 23.52 59.58
CA THR E 97 -32.42 22.40 58.64
C THR E 97 -32.30 22.89 57.21
N THR E 98 -32.67 24.15 56.97
CA THR E 98 -32.64 24.77 55.64
C THR E 98 -33.54 24.03 54.65
N ASN E 99 -34.83 24.07 54.93
CA ASN E 99 -35.84 23.55 54.02
C ASN E 99 -37.05 24.49 54.03
N LYS E 100 -37.86 24.38 52.98
CA LYS E 100 -39.06 25.21 52.83
C LYS E 100 -40.20 24.56 53.60
N VAL E 101 -40.42 25.00 54.84
CA VAL E 101 -41.47 24.41 55.66
C VAL E 101 -42.85 24.80 55.13
N HIS E 102 -43.03 26.08 54.79
CA HIS E 102 -44.27 26.52 54.17
C HIS E 102 -43.95 27.46 53.01
N ALA E 103 -44.71 27.34 51.93
CA ALA E 103 -44.63 28.24 50.77
C ALA E 103 -46.05 28.63 50.38
N ILE E 104 -46.54 29.71 50.98
CA ILE E 104 -47.90 30.19 50.71
C ILE E 104 -47.83 31.24 49.60
N PRO E 105 -48.51 31.02 48.48
CA PRO E 105 -48.53 32.04 47.42
C PRO E 105 -49.18 33.32 47.89
N LEU E 106 -48.75 34.43 47.29
CA LEU E 106 -49.14 35.77 47.69
C LEU E 106 -50.11 36.34 46.66
N ARG E 107 -51.23 36.88 47.14
CA ARG E 107 -52.23 37.47 46.24
C ARG E 107 -51.72 38.71 45.54
N SER E 108 -50.74 39.42 46.12
CA SER E 108 -50.15 40.60 45.50
C SER E 108 -48.64 40.38 45.45
N SER E 109 -48.07 40.44 44.24
CA SER E 109 -46.64 40.20 44.07
C SER E 109 -45.78 41.33 44.62
N TRP E 110 -46.37 42.48 44.95
CA TRP E 110 -45.62 43.63 45.42
C TRP E 110 -45.49 43.68 46.94
N VAL E 111 -45.55 42.54 47.61
CA VAL E 111 -45.51 42.51 49.07
C VAL E 111 -44.15 42.99 49.55
N MET E 112 -44.16 43.92 50.51
CA MET E 112 -42.96 44.56 51.00
C MET E 112 -42.70 44.33 52.50
N THR E 113 -43.45 43.45 53.15
CA THR E 113 -43.29 43.26 54.58
C THR E 113 -43.71 41.85 54.98
N CYS E 114 -43.28 41.46 56.17
CA CYS E 114 -43.57 40.14 56.73
C CYS E 114 -43.75 40.26 58.23
N ALA E 115 -44.40 39.25 58.82
CA ALA E 115 -44.60 39.19 60.25
C ALA E 115 -44.80 37.75 60.67
N TYR E 116 -44.33 37.43 61.87
CA TYR E 116 -44.50 36.11 62.47
C TYR E 116 -45.14 36.25 63.83
N ALA E 117 -46.18 35.46 64.09
CA ALA E 117 -46.86 35.51 65.37
C ALA E 117 -45.93 35.02 66.48
N PRO E 118 -46.08 35.55 67.69
CA PRO E 118 -45.24 35.09 68.81
C PRO E 118 -45.40 33.61 69.10
N SER E 119 -46.59 33.05 68.90
CA SER E 119 -46.83 31.63 69.09
C SER E 119 -46.59 30.81 67.83
N GLY E 120 -46.17 31.43 66.74
CA GLY E 120 -45.91 30.72 65.50
C GLY E 120 -47.14 30.12 64.87
N ASN E 121 -48.24 30.87 64.83
CA ASN E 121 -49.49 30.40 64.26
C ASN E 121 -50.05 31.28 63.16
N TYR E 122 -49.53 32.49 62.96
CA TYR E 122 -50.03 33.41 61.96
C TYR E 122 -48.88 34.08 61.24
N VAL E 123 -49.13 34.47 60.00
CA VAL E 123 -48.18 35.20 59.17
C VAL E 123 -48.94 36.23 58.35
N ALA E 124 -48.32 37.40 58.15
CA ALA E 124 -48.97 38.51 57.49
C ALA E 124 -48.10 39.05 56.38
N CYS E 125 -48.75 39.72 55.42
CA CYS E 125 -48.06 40.35 54.30
C CYS E 125 -48.69 41.70 54.02
N GLY E 126 -47.90 42.61 53.45
CA GLY E 126 -48.38 43.92 53.10
C GLY E 126 -48.25 44.22 51.62
N GLY E 127 -47.45 45.23 51.28
CA GLY E 127 -47.16 45.54 49.90
C GLY E 127 -47.96 46.71 49.35
N LEU E 128 -47.74 46.96 48.06
CA LEU E 128 -48.44 48.04 47.38
C LEU E 128 -49.83 47.59 46.95
N ASP E 129 -50.61 47.07 47.91
CA ASP E 129 -51.94 46.58 47.63
C ASP E 129 -52.97 46.99 48.69
N ASN E 130 -52.52 47.52 49.83
CA ASN E 130 -53.35 48.17 50.84
C ASN E 130 -54.24 47.20 51.61
N ILE E 131 -53.93 45.91 51.60
CA ILE E 131 -54.63 44.94 52.43
C ILE E 131 -53.62 44.02 53.09
N CYS E 132 -53.87 43.68 54.36
CA CYS E 132 -53.03 42.76 55.12
C CYS E 132 -53.68 41.39 55.07
N SER E 133 -53.07 40.47 54.32
CA SER E 133 -53.59 39.12 54.18
C SER E 133 -53.01 38.27 55.31
N ILE E 134 -53.84 37.97 56.31
CA ILE E 134 -53.44 37.16 57.45
C ILE E 134 -53.62 35.69 57.11
N TYR E 135 -52.57 34.91 57.30
CA TYR E 135 -52.59 33.48 57.03
C TYR E 135 -52.37 32.73 58.34
N ASN E 136 -53.22 31.74 58.61
CA ASN E 136 -53.09 30.90 59.79
C ASN E 136 -52.28 29.67 59.43
N LEU E 137 -51.10 29.53 60.07
CA LEU E 137 -50.23 28.41 59.76
C LEU E 137 -50.82 27.08 60.25
N LYS E 138 -51.39 27.07 61.44
CA LYS E 138 -51.94 25.86 62.05
C LYS E 138 -53.38 25.71 61.60
N THR E 139 -53.61 24.81 60.64
CA THR E 139 -54.94 24.53 60.13
C THR E 139 -55.16 23.03 60.06
N ARG E 140 -56.41 22.60 60.27
CA ARG E 140 -56.75 21.19 60.16
C ARG E 140 -56.56 20.70 58.73
N GLU E 141 -56.90 21.54 57.74
CA GLU E 141 -56.72 21.16 56.34
C GLU E 141 -55.25 21.08 55.96
N GLY E 142 -54.36 21.65 56.76
CA GLY E 142 -52.93 21.56 56.50
C GLY E 142 -52.33 22.68 55.67
N ASN E 143 -52.91 22.97 54.53
CA ASN E 143 -52.40 24.03 53.67
C ASN E 143 -52.62 25.40 54.31
N VAL E 144 -51.78 26.35 53.89
CA VAL E 144 -51.86 27.70 54.43
C VAL E 144 -52.91 28.48 53.65
N ARG E 145 -53.89 29.04 54.37
CA ARG E 145 -54.98 29.77 53.77
C ARG E 145 -55.11 31.13 54.43
N VAL E 146 -55.75 32.07 53.72
CA VAL E 146 -55.94 33.41 54.25
C VAL E 146 -57.02 33.38 55.33
N SER E 147 -56.83 34.18 56.37
CA SER E 147 -57.80 34.28 57.45
C SER E 147 -58.73 35.49 57.26
N ARG E 148 -58.16 36.68 57.18
CA ARG E 148 -58.94 37.90 56.97
C ARG E 148 -58.07 38.92 56.25
N GLU E 149 -58.69 39.68 55.36
CA GLU E 149 -58.02 40.74 54.61
C GLU E 149 -58.39 42.08 55.25
N LEU E 150 -57.39 42.79 55.76
CA LEU E 150 -57.61 44.06 56.46
C LEU E 150 -57.54 45.19 55.44
N ALA E 151 -58.71 45.71 55.07
CA ALA E 151 -58.82 46.73 54.04
C ALA E 151 -59.34 48.03 54.64
N GLY E 152 -59.01 49.14 53.99
CA GLY E 152 -59.43 50.45 54.44
C GLY E 152 -58.28 51.40 54.71
N HIS E 153 -57.15 51.17 54.05
CA HIS E 153 -55.96 51.98 54.23
C HIS E 153 -55.80 53.06 53.17
N THR E 154 -55.98 52.70 51.89
CA THR E 154 -55.74 53.59 50.75
C THR E 154 -54.31 54.14 50.78
N GLY E 155 -53.36 53.28 51.16
CA GLY E 155 -51.96 53.65 51.18
C GLY E 155 -51.09 52.42 51.14
N TYR E 156 -49.91 52.57 50.54
CA TYR E 156 -49.02 51.43 50.35
C TYR E 156 -48.55 50.87 51.68
N LEU E 157 -48.42 49.56 51.74
CA LEU E 157 -48.13 48.83 52.97
C LEU E 157 -46.69 48.34 52.95
N SER E 158 -45.94 48.62 54.02
CA SER E 158 -44.58 48.15 54.12
C SER E 158 -44.18 47.69 55.52
N CYS E 159 -45.10 47.69 56.49
CA CYS E 159 -44.78 47.19 57.83
C CYS E 159 -46.07 46.88 58.57
N CYS E 160 -46.28 45.61 58.91
CA CYS E 160 -47.42 45.19 59.75
C CYS E 160 -46.92 44.15 60.73
N ARG E 161 -46.47 44.59 61.90
CA ARG E 161 -45.99 43.68 62.91
C ARG E 161 -47.14 43.06 63.69
N PHE E 162 -46.92 41.86 64.21
CA PHE E 162 -47.92 41.14 64.98
C PHE E 162 -47.78 41.49 66.46
N LEU E 163 -48.70 42.32 66.96
CA LEU E 163 -48.70 42.65 68.38
C LEU E 163 -48.94 41.40 69.23
N ASP E 164 -49.88 40.56 68.80
CA ASP E 164 -50.19 39.31 69.49
C ASP E 164 -50.87 38.40 68.47
N ASP E 165 -51.45 37.31 68.97
CA ASP E 165 -52.18 36.39 68.10
C ASP E 165 -53.50 36.98 67.59
N ASN E 166 -53.93 38.11 68.13
CA ASN E 166 -55.22 38.70 67.78
C ASN E 166 -55.11 40.13 67.27
N GLN E 167 -54.09 40.89 67.68
CA GLN E 167 -53.97 42.30 67.32
C GLN E 167 -52.81 42.50 66.34
N ILE E 168 -53.00 43.42 65.40
CA ILE E 168 -52.01 43.75 64.39
C ILE E 168 -51.80 45.26 64.42
N VAL E 169 -50.55 45.69 64.22
CA VAL E 169 -50.18 47.10 64.34
C VAL E 169 -49.86 47.64 62.95
N THR E 170 -50.55 47.11 61.95
CA THR E 170 -50.37 47.48 60.53
C THR E 170 -50.22 48.99 60.35
N SER E 171 -49.12 49.39 59.71
CA SER E 171 -48.85 50.78 59.38
C SER E 171 -48.73 50.91 57.87
N SER E 172 -49.44 51.88 57.31
CA SER E 172 -49.54 52.07 55.87
C SER E 172 -48.83 53.34 55.43
N GLY E 173 -48.76 53.53 54.12
CA GLY E 173 -48.11 54.66 53.50
C GLY E 173 -48.99 55.87 53.26
N ASP E 174 -50.21 55.88 53.80
CA ASP E 174 -51.11 57.02 53.68
C ASP E 174 -51.01 57.98 54.87
N THR E 175 -49.82 58.07 55.49
CA THR E 175 -49.50 58.95 56.60
C THR E 175 -50.20 58.54 57.89
N THR E 176 -51.03 57.49 57.87
CA THR E 176 -51.77 57.04 59.04
C THR E 176 -51.47 55.58 59.32
N CYS E 177 -51.30 55.24 60.59
CA CYS E 177 -51.17 53.87 61.03
C CYS E 177 -52.53 53.34 61.50
N ALA E 178 -52.55 52.08 61.91
CA ALA E 178 -53.80 51.48 62.35
C ALA E 178 -53.51 50.31 63.27
N LEU E 179 -54.48 49.99 64.12
CA LEU E 179 -54.46 48.81 64.97
C LEU E 179 -55.64 47.92 64.61
N TRP E 180 -55.36 46.67 64.28
CA TRP E 180 -56.37 45.78 63.74
C TRP E 180 -56.75 44.68 64.74
N ASP E 181 -57.92 44.11 64.52
CA ASP E 181 -58.44 43.01 65.34
C ASP E 181 -58.83 41.87 64.42
N ILE E 182 -58.38 40.66 64.75
CA ILE E 182 -58.67 39.49 63.92
C ILE E 182 -60.14 39.13 63.99
N GLU E 183 -60.76 39.28 65.17
CA GLU E 183 -62.13 38.83 65.35
C GLU E 183 -63.10 39.60 64.44
N THR E 184 -62.93 40.92 64.35
CA THR E 184 -63.85 41.75 63.57
C THR E 184 -63.26 42.24 62.25
N GLY E 185 -61.94 42.27 62.11
CA GLY E 185 -61.34 42.76 60.89
C GLY E 185 -61.54 44.24 60.65
N GLN E 186 -61.49 45.05 61.71
CA GLN E 186 -61.68 46.49 61.61
C GLN E 186 -60.60 47.20 62.43
N GLN E 187 -60.32 48.43 62.03
CA GLN E 187 -59.28 49.23 62.70
C GLN E 187 -59.79 49.63 64.08
N THR E 188 -59.27 48.97 65.12
CA THR E 188 -59.62 49.35 66.48
C THR E 188 -59.11 50.76 66.81
N THR E 189 -57.91 51.09 66.35
CA THR E 189 -57.34 52.41 66.55
C THR E 189 -56.97 53.01 65.20
N THR E 190 -56.98 54.34 65.15
CA THR E 190 -56.86 55.11 63.91
C THR E 190 -55.72 56.11 64.01
N PHE E 191 -54.54 55.62 64.38
CA PHE E 191 -53.34 56.45 64.53
C PHE E 191 -53.21 57.47 63.41
N THR E 192 -53.21 58.75 63.77
CA THR E 192 -53.10 59.83 62.80
C THR E 192 -52.37 61.00 63.44
N GLY E 193 -51.61 61.72 62.62
CA GLY E 193 -50.86 62.86 63.09
C GLY E 193 -49.48 62.96 62.49
N HIS E 194 -49.11 61.97 61.68
CA HIS E 194 -47.81 61.99 61.03
C HIS E 194 -47.76 63.06 59.93
N THR E 195 -46.55 63.35 59.48
CA THR E 195 -46.36 64.31 58.40
C THR E 195 -46.05 63.65 57.06
N GLY E 196 -45.69 62.37 57.06
CA GLY E 196 -45.38 61.65 55.83
C GLY E 196 -45.69 60.18 55.98
N ASP E 197 -45.45 59.44 54.89
CA ASP E 197 -45.71 58.01 54.89
C ASP E 197 -44.73 57.28 55.79
N VAL E 198 -45.25 56.32 56.56
CA VAL E 198 -44.46 55.50 57.47
C VAL E 198 -44.48 54.06 56.96
N MET E 199 -43.30 53.43 56.96
CA MET E 199 -43.17 52.11 56.36
C MET E 199 -42.38 51.12 57.21
N SER E 200 -42.07 51.43 58.46
CA SER E 200 -41.29 50.52 59.29
C SER E 200 -41.62 50.76 60.75
N LEU E 201 -42.02 49.70 61.45
CA LEU E 201 -42.31 49.75 62.87
C LEU E 201 -41.48 48.70 63.60
N SER E 202 -41.54 48.75 64.93
CA SER E 202 -40.88 47.77 65.78
C SER E 202 -41.62 47.71 67.11
N LEU E 203 -41.80 46.50 67.62
CA LEU E 203 -42.58 46.28 68.83
C LEU E 203 -41.66 46.10 70.04
N ALA E 204 -42.27 45.84 71.19
CA ALA E 204 -41.56 45.66 72.44
C ALA E 204 -41.99 44.37 73.11
N PRO E 205 -41.12 43.74 73.90
CA PRO E 205 -41.49 42.47 74.53
C PRO E 205 -42.68 42.55 75.46
N ASP E 206 -42.87 43.68 76.15
CA ASP E 206 -43.99 43.82 77.08
C ASP E 206 -45.33 43.97 76.38
N THR E 207 -45.33 44.17 75.06
CA THR E 207 -46.57 44.33 74.27
C THR E 207 -47.43 45.45 74.85
N ARG E 208 -46.81 46.60 75.09
CA ARG E 208 -47.53 47.76 75.60
C ARG E 208 -47.09 49.08 74.97
N LEU E 209 -46.17 49.06 74.00
CA LEU E 209 -45.70 50.29 73.38
C LEU E 209 -45.07 49.97 72.03
N PHE E 210 -45.22 50.91 71.10
CA PHE E 210 -44.60 50.79 69.79
C PHE E 210 -44.33 52.19 69.25
N VAL E 211 -43.43 52.27 68.28
CA VAL E 211 -43.00 53.54 67.69
C VAL E 211 -43.23 53.46 66.20
N SER E 212 -43.84 54.51 65.64
CA SER E 212 -44.11 54.62 64.20
C SER E 212 -43.26 55.75 63.64
N GLY E 213 -42.32 55.41 62.77
CA GLY E 213 -41.42 56.42 62.22
C GLY E 213 -41.58 56.61 60.73
N ALA E 214 -42.09 57.78 60.34
CA ALA E 214 -42.24 58.12 58.93
C ALA E 214 -40.93 58.69 58.39
N CYS E 215 -40.83 58.71 57.06
CA CYS E 215 -39.62 59.20 56.42
C CYS E 215 -39.66 60.71 56.25
N ASP E 216 -39.93 61.43 57.34
CA ASP E 216 -39.91 62.88 57.35
C ASP E 216 -39.36 63.41 58.67
N ALA E 217 -38.43 62.68 59.29
CA ALA E 217 -37.88 63.02 60.60
C ALA E 217 -38.99 63.12 61.65
N SER E 218 -39.99 62.25 61.53
CA SER E 218 -41.10 62.25 62.49
C SER E 218 -40.74 61.47 63.75
N ALA E 219 -40.48 60.17 63.59
CA ALA E 219 -40.08 59.30 64.69
C ALA E 219 -41.06 59.39 65.86
N LYS E 220 -42.34 59.41 65.54
CA LYS E 220 -43.39 59.59 66.55
C LYS E 220 -43.59 58.29 67.33
N LEU E 221 -43.65 58.40 68.65
CA LEU E 221 -43.89 57.27 69.53
C LEU E 221 -45.34 57.26 69.93
N TRP E 222 -46.03 56.16 69.62
CA TRP E 222 -47.45 56.01 69.91
C TRP E 222 -47.65 55.03 71.05
N ASP E 223 -48.92 54.82 71.42
CA ASP E 223 -49.29 53.87 72.46
C ASP E 223 -50.39 52.96 71.92
N VAL E 224 -50.35 51.69 72.35
CA VAL E 224 -51.24 50.69 71.79
C VAL E 224 -52.70 50.98 72.18
N ARG E 225 -52.93 51.48 73.40
CA ARG E 225 -54.28 51.63 73.91
C ARG E 225 -54.86 53.02 73.63
N GLU E 226 -54.23 54.08 74.14
CA GLU E 226 -54.80 55.41 74.01
C GLU E 226 -54.64 55.96 72.61
N GLY E 227 -53.59 55.57 71.90
CA GLY E 227 -53.45 55.91 70.49
C GLY E 227 -53.08 57.33 70.17
N MET E 228 -52.24 57.97 70.99
CA MET E 228 -51.75 59.31 70.71
C MET E 228 -50.23 59.33 70.81
N CYS E 229 -49.63 60.31 70.14
CA CYS E 229 -48.18 60.46 70.10
C CYS E 229 -47.68 60.90 71.45
N ARG E 230 -47.17 59.96 72.24
CA ARG E 230 -46.65 60.29 73.56
C ARG E 230 -45.30 60.98 73.47
N GLN E 231 -44.44 60.53 72.56
CA GLN E 231 -43.10 61.11 72.40
C GLN E 231 -42.81 61.30 70.92
N THR E 232 -42.04 62.34 70.61
CA THR E 232 -41.65 62.64 69.24
C THR E 232 -40.18 63.04 69.22
N PHE E 233 -39.44 62.55 68.22
CA PHE E 233 -38.03 62.86 68.05
C PHE E 233 -37.82 63.48 66.68
N THR E 234 -37.17 64.64 66.65
CA THR E 234 -36.96 65.38 65.42
C THR E 234 -35.51 65.85 65.37
N GLY E 235 -35.02 66.05 64.15
CA GLY E 235 -33.66 66.51 63.94
C GLY E 235 -32.91 65.71 62.89
N HIS E 236 -33.62 64.86 62.17
CA HIS E 236 -33.02 64.03 61.14
C HIS E 236 -32.96 64.79 59.82
N GLU E 237 -31.86 64.62 59.10
CA GLU E 237 -31.59 65.39 57.89
C GLU E 237 -32.00 64.67 56.62
N SER E 238 -32.62 63.49 56.71
CA SER E 238 -33.01 62.75 55.52
C SER E 238 -34.16 61.81 55.87
N ASP E 239 -34.80 61.30 54.82
CA ASP E 239 -35.90 60.37 55.00
C ASP E 239 -35.41 59.05 55.58
N ILE E 240 -36.17 58.50 56.51
CA ILE E 240 -35.78 57.26 57.21
C ILE E 240 -36.42 56.07 56.51
N ASN E 241 -35.76 54.92 56.61
CA ASN E 241 -36.26 53.70 56.00
C ASN E 241 -36.16 52.47 56.90
N ALA E 242 -35.41 52.53 58.00
CA ALA E 242 -35.22 51.39 58.89
C ALA E 242 -35.61 51.78 60.31
N ILE E 243 -36.32 50.88 60.99
CA ILE E 243 -36.83 51.15 62.32
C ILE E 243 -36.61 49.91 63.18
N CYS E 244 -36.09 50.10 64.39
CA CYS E 244 -35.84 48.99 65.30
C CYS E 244 -36.15 49.41 66.73
N PHE E 245 -36.25 48.41 67.61
CA PHE E 245 -36.54 48.63 69.02
C PHE E 245 -35.56 47.84 69.87
N PHE E 246 -35.22 48.39 71.03
CA PHE E 246 -34.28 47.73 71.93
C PHE E 246 -34.95 46.53 72.58
N PRO E 247 -34.20 45.44 72.82
CA PRO E 247 -34.79 44.30 73.56
C PRO E 247 -35.26 44.67 74.95
N ASN E 248 -34.56 45.59 75.63
CA ASN E 248 -34.96 45.99 76.97
C ASN E 248 -36.22 46.84 76.96
N GLY E 249 -36.53 47.50 75.84
CA GLY E 249 -37.70 48.33 75.74
C GLY E 249 -37.54 49.75 76.22
N ASN E 250 -36.31 50.25 76.31
CA ASN E 250 -36.04 51.62 76.75
C ASN E 250 -35.07 52.32 75.82
N ALA E 251 -35.03 51.92 74.55
CA ALA E 251 -34.20 52.57 73.55
C ALA E 251 -34.85 52.39 72.19
N PHE E 252 -34.45 53.23 71.24
CA PHE E 252 -35.12 53.27 69.95
C PHE E 252 -34.18 53.91 68.93
N ALA E 253 -33.97 53.21 67.81
CA ALA E 253 -33.02 53.65 66.79
C ALA E 253 -33.72 53.72 65.44
N THR E 254 -33.10 54.47 64.52
CA THR E 254 -33.63 54.66 63.18
C THR E 254 -32.53 54.46 62.15
N GLY E 255 -32.94 54.09 60.94
CA GLY E 255 -32.04 53.98 59.81
C GLY E 255 -32.56 54.72 58.60
N SER E 256 -31.84 55.73 58.15
CA SER E 256 -32.28 56.60 57.07
C SER E 256 -31.43 56.37 55.82
N ASP E 257 -31.89 56.96 54.72
CA ASP E 257 -31.15 56.93 53.46
C ASP E 257 -30.07 58.01 53.39
N ASP E 258 -29.23 58.10 54.42
CA ASP E 258 -28.12 59.03 54.42
C ASP E 258 -26.90 58.47 55.14
N ALA E 259 -26.86 57.17 55.41
CA ALA E 259 -25.84 56.49 56.20
C ALA E 259 -25.78 56.98 57.64
N THR E 260 -26.76 57.76 58.08
CA THR E 260 -26.79 58.27 59.45
C THR E 260 -27.75 57.44 60.29
N CYS E 261 -27.27 56.26 60.69
CA CYS E 261 -28.01 55.41 61.61
C CYS E 261 -27.81 55.91 63.03
N ARG E 262 -28.88 56.38 63.66
CA ARG E 262 -28.81 56.98 64.98
C ARG E 262 -29.85 56.34 65.90
N LEU E 263 -29.60 56.46 67.20
CA LEU E 263 -30.48 55.92 68.23
C LEU E 263 -30.86 57.01 69.21
N PHE E 264 -32.03 56.88 69.81
CA PHE E 264 -32.54 57.82 70.79
C PHE E 264 -32.97 57.07 72.05
N ASP E 265 -33.53 57.81 72.99
CA ASP E 265 -33.97 57.26 74.27
C ASP E 265 -35.45 57.57 74.47
N LEU E 266 -36.18 56.61 75.05
CA LEU E 266 -37.61 56.80 75.28
C LEU E 266 -37.86 57.79 76.41
N ARG E 267 -37.12 57.65 77.52
CA ARG E 267 -37.36 58.49 78.68
C ARG E 267 -36.96 59.94 78.40
N ALA E 268 -35.81 60.15 77.77
CA ALA E 268 -35.31 61.48 77.46
C ALA E 268 -35.19 61.63 75.95
N ASP E 269 -35.81 62.67 75.40
CA ASP E 269 -35.84 62.90 73.96
C ASP E 269 -34.63 63.73 73.57
N GLN E 270 -33.54 63.04 73.20
CA GLN E 270 -32.35 63.71 72.70
C GLN E 270 -31.59 62.73 71.83
N GLU E 271 -30.67 63.27 71.02
CA GLU E 271 -29.88 62.46 70.10
C GLU E 271 -28.70 61.86 70.84
N LEU E 272 -28.63 60.52 70.86
CA LEU E 272 -27.50 59.81 71.41
C LEU E 272 -26.39 59.74 70.35
N MET E 273 -25.41 58.87 70.55
CA MET E 273 -24.34 58.69 69.58
C MET E 273 -24.92 58.37 68.21
N THR E 274 -24.44 59.07 67.18
CA THR E 274 -25.01 58.98 65.84
C THR E 274 -24.30 57.96 64.96
N TYR E 275 -23.27 57.28 65.48
CA TYR E 275 -22.48 56.31 64.72
C TYR E 275 -22.13 56.86 63.34
N SER E 276 -21.34 57.94 63.34
CA SER E 276 -20.99 58.62 62.10
C SER E 276 -20.23 57.70 61.17
N HIS E 277 -20.61 57.71 59.89
CA HIS E 277 -19.96 56.90 58.89
C HIS E 277 -18.63 57.52 58.47
N ASP E 278 -17.70 56.67 58.03
CA ASP E 278 -16.39 57.15 57.61
C ASP E 278 -16.42 57.66 56.18
N ASN E 279 -16.74 56.76 55.23
CA ASN E 279 -16.76 57.13 53.81
C ASN E 279 -17.96 56.52 53.10
N ILE E 280 -19.07 56.35 53.81
CA ILE E 280 -20.28 55.75 53.25
C ILE E 280 -21.22 56.86 52.83
N ILE E 281 -21.66 56.81 51.57
CA ILE E 281 -22.58 57.82 51.01
C ILE E 281 -23.92 57.23 50.64
N CYS E 282 -24.10 55.91 50.76
CA CYS E 282 -25.36 55.27 50.39
C CYS E 282 -26.34 55.39 51.56
N GLY E 283 -27.47 54.68 51.46
CA GLY E 283 -28.50 54.71 52.46
C GLY E 283 -28.59 53.41 53.26
N ILE E 284 -29.58 53.40 54.16
CA ILE E 284 -29.83 52.26 55.04
C ILE E 284 -31.27 51.81 54.82
N THR E 285 -31.47 50.51 54.63
CA THR E 285 -32.79 49.95 54.39
C THR E 285 -33.35 49.19 55.57
N SER E 286 -32.53 48.45 56.31
CA SER E 286 -33.00 47.67 57.45
C SER E 286 -32.03 47.83 58.61
N VAL E 287 -32.55 47.64 59.82
CA VAL E 287 -31.76 47.76 61.04
C VAL E 287 -32.38 46.84 62.09
N SER E 288 -31.53 46.30 62.96
CA SER E 288 -31.99 45.37 63.99
C SER E 288 -31.04 45.42 65.17
N PHE E 289 -31.52 44.92 66.31
CA PHE E 289 -30.75 44.85 67.54
C PHE E 289 -30.61 43.40 67.98
N SER E 290 -29.40 43.03 68.40
CA SER E 290 -29.18 41.70 68.96
C SER E 290 -29.74 41.65 70.39
N LYS E 291 -30.00 40.41 70.84
CA LYS E 291 -30.54 40.22 72.18
C LYS E 291 -29.55 40.65 73.27
N SER E 292 -28.26 40.72 72.94
CA SER E 292 -27.28 41.20 73.91
C SER E 292 -27.54 42.66 74.26
N GLY E 293 -27.90 43.48 73.27
CA GLY E 293 -28.11 44.89 73.47
C GLY E 293 -26.89 45.76 73.30
N ARG E 294 -25.72 45.17 73.09
CA ARG E 294 -24.47 45.90 72.88
C ARG E 294 -23.95 45.70 71.46
N LEU E 295 -24.85 45.61 70.50
CA LEU E 295 -24.47 45.39 69.11
C LEU E 295 -25.51 46.00 68.19
N LEU E 296 -25.06 46.84 67.26
CA LEU E 296 -25.92 47.47 66.27
C LEU E 296 -25.64 46.88 64.90
N LEU E 297 -26.70 46.46 64.21
CA LEU E 297 -26.59 45.88 62.88
C LEU E 297 -27.54 46.63 61.95
N ALA E 298 -27.01 47.10 60.82
CA ALA E 298 -27.81 47.84 59.85
C ALA E 298 -27.49 47.34 58.45
N GLY E 299 -28.49 47.41 57.57
CA GLY E 299 -28.33 46.98 56.19
C GLY E 299 -28.24 48.16 55.25
N TYR E 300 -27.12 48.28 54.55
CA TYR E 300 -26.83 49.43 53.71
C TYR E 300 -27.12 49.15 52.25
N ASP E 301 -27.17 50.23 51.47
CA ASP E 301 -27.42 50.16 50.04
C ASP E 301 -26.18 49.80 49.24
N ASP E 302 -24.99 49.86 49.84
CA ASP E 302 -23.75 49.59 49.11
C ASP E 302 -23.40 48.10 49.13
N PHE E 303 -24.37 47.27 48.78
CA PHE E 303 -24.20 45.83 48.56
C PHE E 303 -23.57 45.13 49.76
N ASN E 304 -23.74 45.67 50.96
CA ASN E 304 -23.10 45.09 52.15
C ASN E 304 -23.83 45.56 53.40
N CYS E 305 -23.40 45.02 54.54
CA CYS E 305 -23.93 45.38 55.85
C CYS E 305 -22.76 45.71 56.78
N ASN E 306 -23.05 46.49 57.81
CA ASN E 306 -22.05 46.88 58.79
C ASN E 306 -22.60 46.67 60.20
N VAL E 307 -21.69 46.43 61.14
CA VAL E 307 -22.03 46.16 62.53
C VAL E 307 -21.20 47.06 63.42
N TRP E 308 -21.83 47.69 64.40
CA TRP E 308 -21.16 48.57 65.34
C TRP E 308 -21.35 48.05 66.77
N ASP E 309 -20.88 48.84 67.74
CA ASP E 309 -21.03 48.55 69.15
C ASP E 309 -21.97 49.56 69.79
N ALA E 310 -22.35 49.26 71.04
CA ALA E 310 -23.27 50.14 71.75
C ALA E 310 -22.64 51.51 72.02
N LEU E 311 -21.37 51.55 72.42
CA LEU E 311 -20.69 52.79 72.76
C LEU E 311 -19.51 53.11 71.86
N LYS E 312 -18.86 52.11 71.27
CA LYS E 312 -17.70 52.38 70.42
C LYS E 312 -18.10 53.16 69.17
N ALA E 313 -19.28 52.86 68.61
CA ALA E 313 -19.76 53.51 67.39
C ALA E 313 -18.76 53.39 66.25
N ASP E 314 -18.16 52.21 66.13
CA ASP E 314 -17.20 51.92 65.07
C ASP E 314 -17.53 50.58 64.44
N ARG E 315 -17.13 50.42 63.18
CA ARG E 315 -17.43 49.19 62.44
C ARG E 315 -16.78 48.00 63.12
N ALA E 316 -17.58 46.94 63.30
CA ALA E 316 -17.12 45.72 63.94
C ALA E 316 -17.25 44.50 63.03
N GLY E 317 -17.44 44.69 61.74
CA GLY E 317 -17.59 43.58 60.81
C GLY E 317 -18.43 43.93 59.60
N VAL E 318 -18.08 43.35 58.46
CA VAL E 318 -18.78 43.59 57.20
C VAL E 318 -19.41 42.28 56.74
N LEU E 319 -20.71 42.31 56.45
CA LEU E 319 -21.46 41.14 56.01
C LEU E 319 -21.61 41.11 54.50
N ALA E 320 -20.59 41.55 53.77
CA ALA E 320 -20.64 41.62 52.31
C ALA E 320 -20.58 40.20 51.75
N GLY E 321 -21.74 39.64 51.43
CA GLY E 321 -21.82 38.34 50.79
C GLY E 321 -22.95 38.27 49.78
N HIS E 322 -23.51 39.43 49.45
CA HIS E 322 -24.67 39.54 48.58
C HIS E 322 -24.34 40.47 47.41
N ASP E 323 -24.69 40.04 46.19
CA ASP E 323 -24.43 40.83 45.00
C ASP E 323 -25.60 41.74 44.66
N ASN E 324 -26.06 42.50 45.65
CA ASN E 324 -27.15 43.46 45.52
C ASN E 324 -27.29 44.18 46.85
N ARG E 325 -28.10 45.23 46.86
CA ARG E 325 -28.35 45.97 48.09
C ARG E 325 -29.16 45.13 49.05
N VAL E 326 -28.92 45.32 50.34
CA VAL E 326 -29.59 44.56 51.38
C VAL E 326 -30.83 45.32 51.83
N SER E 327 -31.97 44.64 51.84
CA SER E 327 -33.24 45.25 52.22
C SER E 327 -33.89 44.60 53.44
N CYS E 328 -33.27 43.58 54.02
CA CYS E 328 -33.84 42.88 55.17
C CYS E 328 -32.76 42.67 56.22
N LEU E 329 -33.20 42.67 57.49
CA LEU E 329 -32.31 42.41 58.61
C LEU E 329 -33.15 42.01 59.82
N GLY E 330 -32.65 41.05 60.59
CA GLY E 330 -33.33 40.59 61.78
C GLY E 330 -32.46 39.72 62.64
N VAL E 331 -32.67 39.78 63.95
CA VAL E 331 -31.94 38.96 64.91
C VAL E 331 -32.95 38.16 65.72
N THR E 332 -32.57 36.93 66.07
CA THR E 332 -33.46 36.07 66.84
C THR E 332 -33.70 36.66 68.23
N ASP E 333 -34.88 36.35 68.78
CA ASP E 333 -35.20 36.82 70.12
C ASP E 333 -34.26 36.25 71.17
N ASP E 334 -33.80 35.03 71.00
CA ASP E 334 -32.79 34.47 71.92
C ASP E 334 -31.45 35.17 71.75
N GLY E 335 -31.05 35.46 70.52
CA GLY E 335 -29.80 36.13 70.23
C GLY E 335 -28.80 35.32 69.45
N MET E 336 -29.12 34.09 69.06
CA MET E 336 -28.20 33.24 68.30
C MET E 336 -28.47 33.37 66.81
N ALA E 337 -27.40 33.60 66.05
CA ALA E 337 -27.43 33.70 64.59
C ALA E 337 -28.17 34.94 64.10
N VAL E 338 -27.75 35.46 62.95
CA VAL E 338 -28.37 36.63 62.33
C VAL E 338 -28.71 36.26 60.89
N ALA E 339 -29.71 36.94 60.33
CA ALA E 339 -30.17 36.68 58.98
C ALA E 339 -30.16 37.98 58.18
N THR E 340 -30.04 37.83 56.85
CA THR E 340 -29.96 38.98 55.97
C THR E 340 -30.67 38.65 54.66
N GLY E 341 -31.55 39.56 54.23
CA GLY E 341 -32.20 39.44 52.95
C GLY E 341 -31.81 40.59 52.05
N SER E 342 -31.73 40.31 50.75
CA SER E 342 -31.33 41.34 49.78
C SER E 342 -32.13 41.20 48.49
N TRP E 343 -31.75 41.98 47.47
CA TRP E 343 -32.48 42.02 46.21
C TRP E 343 -32.04 40.95 45.22
N ASP E 344 -30.95 40.23 45.49
CA ASP E 344 -30.46 39.21 44.60
C ASP E 344 -31.12 37.85 44.84
N SER E 345 -32.25 37.83 45.55
CA SER E 345 -33.02 36.61 45.79
C SER E 345 -32.19 35.56 46.52
N PHE E 346 -31.32 36.01 47.42
CA PHE E 346 -30.48 35.12 48.21
C PHE E 346 -30.62 35.47 49.68
N LEU E 347 -30.85 34.46 50.50
CA LEU E 347 -30.94 34.61 51.95
C LEU E 347 -29.80 33.84 52.59
N LYS E 348 -29.14 34.46 53.57
CA LYS E 348 -28.01 33.86 54.24
C LYS E 348 -28.15 34.06 55.75
N ILE E 349 -27.52 33.18 56.51
CA ILE E 349 -27.56 33.20 57.96
C ILE E 349 -26.14 33.47 58.48
N TRP E 350 -26.00 34.49 59.31
CA TRP E 350 -24.73 34.85 59.93
C TRP E 350 -24.77 34.45 61.40
N ASN E 351 -24.01 33.42 61.76
CA ASN E 351 -23.96 32.93 63.13
C ASN E 351 -22.53 32.92 63.65
N SER F 6 -34.50 9.56 60.96
CA SER F 6 -34.33 10.48 59.84
C SER F 6 -35.51 10.41 58.89
N ALA F 7 -36.52 9.61 59.25
CA ALA F 7 -37.69 9.46 58.38
C ALA F 7 -38.43 10.78 58.21
N GLU F 8 -38.65 11.51 59.31
CA GLU F 8 -39.31 12.80 59.22
C GLU F 8 -38.39 13.84 58.58
N ASP F 9 -37.10 13.80 58.91
CA ASP F 9 -36.15 14.74 58.31
C ASP F 9 -36.05 14.54 56.81
N LYS F 10 -36.01 13.28 56.36
CA LYS F 10 -36.00 13.02 54.93
C LYS F 10 -37.29 13.50 54.27
N ALA F 11 -38.43 13.27 54.91
CA ALA F 11 -39.69 13.78 54.38
C ALA F 11 -39.72 15.30 54.34
N ALA F 12 -39.21 15.94 55.41
CA ALA F 12 -39.13 17.39 55.42
C ALA F 12 -38.18 17.90 54.34
N VAL F 13 -37.05 17.21 54.16
CA VAL F 13 -36.11 17.59 53.09
C VAL F 13 -36.76 17.38 51.73
N GLU F 14 -37.45 16.25 51.55
CA GLU F 14 -38.15 15.99 50.30
C GLU F 14 -39.28 16.98 50.07
N ARG F 15 -39.88 17.50 51.15
CA ARG F 15 -40.92 18.52 51.01
C ARG F 15 -40.36 19.78 50.38
N SER F 16 -39.16 20.20 50.79
CA SER F 16 -38.52 21.36 50.19
C SER F 16 -38.24 21.14 48.71
N LYS F 17 -37.77 19.93 48.36
CA LYS F 17 -37.51 19.61 46.95
C LYS F 17 -38.80 19.66 46.13
N MET F 18 -39.89 19.15 46.69
CA MET F 18 -41.19 19.23 46.01
C MET F 18 -41.62 20.68 45.83
N ILE F 19 -41.41 21.51 46.85
CA ILE F 19 -41.74 22.92 46.74
C ILE F 19 -40.80 23.62 45.74
N ASP F 20 -39.53 23.22 45.74
CA ASP F 20 -38.57 23.80 44.80
C ASP F 20 -38.98 23.54 43.37
N ARG F 21 -39.51 22.35 43.08
CA ARG F 21 -40.02 22.06 41.75
C ARG F 21 -41.19 22.97 41.41
N ASN F 22 -42.07 23.24 42.39
CA ASN F 22 -43.17 24.16 42.16
C ASN F 22 -42.67 25.58 41.90
N LEU F 23 -41.63 25.99 42.63
CA LEU F 23 -41.05 27.31 42.42
C LEU F 23 -40.47 27.44 41.02
N ARG F 24 -39.79 26.40 40.53
CA ARG F 24 -39.25 26.44 39.18
C ARG F 24 -40.37 26.53 38.15
N GLU F 25 -41.44 25.77 38.33
CA GLU F 25 -42.59 25.87 37.44
C GLU F 25 -43.24 27.23 37.52
N ASP F 26 -43.42 27.74 38.75
CA ASP F 26 -43.98 29.09 38.91
C ASP F 26 -43.00 30.15 38.42
N GLY F 27 -41.71 29.96 38.67
CA GLY F 27 -40.72 30.92 38.21
C GLY F 27 -40.61 30.96 36.70
N GLU F 28 -40.74 29.80 36.04
CA GLU F 28 -40.68 29.76 34.58
C GLU F 28 -41.83 30.56 33.98
N LYS F 29 -43.03 30.44 34.54
CA LYS F 29 -44.16 31.25 34.07
C LYS F 29 -43.91 32.73 34.33
N ALA F 30 -43.34 33.06 35.51
CA ALA F 30 -43.05 34.46 35.82
C ALA F 30 -41.92 34.99 34.94
N ALA F 31 -40.95 34.14 34.62
CA ALA F 31 -39.82 34.58 33.80
C ALA F 31 -40.26 35.00 32.41
N LYS F 32 -41.14 34.22 31.78
CA LYS F 32 -41.64 34.56 30.45
C LYS F 32 -42.68 35.66 30.49
N GLU F 33 -43.29 35.92 31.66
CA GLU F 33 -44.26 36.99 31.79
C GLU F 33 -43.54 38.34 31.75
N VAL F 34 -44.09 39.26 30.95
CA VAL F 34 -43.49 40.58 30.77
C VAL F 34 -44.24 41.58 31.64
N LYS F 35 -43.50 42.34 32.44
CA LYS F 35 -44.08 43.32 33.34
C LYS F 35 -44.23 44.66 32.64
N LEU F 36 -45.40 45.28 32.80
CA LEU F 36 -45.70 46.56 32.18
C LEU F 36 -46.08 47.57 33.25
N LEU F 37 -45.46 48.75 33.20
CA LEU F 37 -45.72 49.83 34.14
C LEU F 37 -46.58 50.87 33.44
N LEU F 38 -47.77 51.12 33.97
CA LEU F 38 -48.69 52.10 33.41
C LEU F 38 -48.83 53.26 34.38
N LEU F 39 -48.65 54.48 33.88
CA LEU F 39 -48.70 55.67 34.72
C LEU F 39 -49.19 56.84 33.87
N GLY F 40 -49.59 57.91 34.56
CA GLY F 40 -50.05 59.10 33.89
C GLY F 40 -50.41 60.16 34.91
N ALA F 41 -50.83 61.31 34.38
CA ALA F 41 -51.23 62.43 35.22
C ALA F 41 -52.70 62.32 35.57
N GLY F 42 -53.27 63.37 36.17
CA GLY F 42 -54.67 63.37 36.54
C GLY F 42 -55.59 63.41 35.33
N GLU F 43 -56.31 62.30 35.10
CA GLU F 43 -57.21 62.17 33.96
C GLU F 43 -56.49 62.43 32.64
N SER F 44 -55.26 61.92 32.53
CA SER F 44 -54.44 62.09 31.34
C SER F 44 -54.60 60.94 30.36
N GLY F 45 -55.73 60.24 30.38
CA GLY F 45 -55.95 59.13 29.50
C GLY F 45 -55.35 57.81 29.95
N LYS F 46 -54.79 57.76 31.15
CA LYS F 46 -54.21 56.52 31.65
C LYS F 46 -55.25 55.43 31.90
N ASN F 47 -56.52 55.81 32.06
CA ASN F 47 -57.59 54.83 32.25
C ASN F 47 -58.27 54.43 30.95
N THR F 48 -58.09 55.21 29.87
CA THR F 48 -58.69 54.87 28.59
C THR F 48 -57.95 53.75 27.88
N ILE F 49 -56.64 53.66 28.08
CA ILE F 49 -55.85 52.63 27.40
C ILE F 49 -56.19 51.24 27.91
N VAL F 50 -56.37 51.10 29.22
CA VAL F 50 -56.60 49.78 29.81
C VAL F 50 -57.92 49.18 29.34
N LYS F 51 -58.83 50.00 28.83
CA LYS F 51 -60.10 49.54 28.31
C LYS F 51 -60.01 49.04 26.87
N GLN F 52 -58.83 49.12 26.25
CA GLN F 52 -58.67 48.70 24.86
C GLN F 52 -58.40 47.20 24.75
N MET F 53 -57.33 46.72 25.38
CA MET F 53 -56.97 45.31 25.32
C MET F 53 -57.64 44.49 26.42
N LYS F 54 -58.96 44.64 26.53
CA LYS F 54 -59.73 43.86 27.51
C LYS F 54 -60.14 42.51 26.92
N ILE F 55 -60.89 42.53 25.81
CA ILE F 55 -61.27 41.29 25.14
C ILE F 55 -60.06 40.65 24.49
N ILE F 56 -59.22 41.45 23.85
CA ILE F 56 -58.04 40.95 23.16
C ILE F 56 -56.78 41.26 23.97
N GLY F 183 -52.34 51.27 46.07
CA GLY F 183 -53.49 51.09 45.20
C GLY F 183 -53.11 50.81 43.76
N ILE F 184 -52.58 49.62 43.53
CA ILE F 184 -52.15 49.20 42.19
C ILE F 184 -53.11 48.13 41.69
N VAL F 185 -53.76 48.41 40.56
CA VAL F 185 -54.63 47.44 39.90
C VAL F 185 -53.79 46.67 38.88
N GLU F 186 -54.17 45.42 38.63
CA GLU F 186 -53.41 44.55 37.74
C GLU F 186 -54.35 43.89 36.75
N THR F 187 -54.03 44.01 35.46
CA THR F 187 -54.81 43.40 34.39
C THR F 187 -53.93 42.47 33.58
N HIS F 188 -54.52 41.37 33.12
CA HIS F 188 -53.80 40.37 32.36
C HIS F 188 -54.47 40.16 31.00
N PHE F 189 -53.65 40.07 29.96
CA PHE F 189 -54.14 39.75 28.62
C PHE F 189 -53.00 39.09 27.85
N THR F 190 -53.38 38.35 26.81
CA THR F 190 -52.44 37.60 25.99
C THR F 190 -52.44 38.17 24.58
N ASP F 191 -51.25 38.44 24.05
CA ASP F 191 -51.10 38.98 22.70
C ASP F 191 -49.84 38.37 22.09
N LYS F 192 -50.03 37.42 21.16
CA LYS F 192 -48.94 36.76 20.45
C LYS F 192 -47.96 36.08 21.42
N ASP F 193 -48.51 35.14 22.19
CA ASP F 193 -47.74 34.31 23.11
C ASP F 193 -46.93 35.15 24.10
N LEU F 194 -47.54 36.23 24.60
CA LEU F 194 -46.93 37.08 25.60
C LEU F 194 -47.94 37.37 26.69
N TYR F 195 -47.50 37.27 27.94
CA TYR F 195 -48.36 37.48 29.11
C TYR F 195 -48.02 38.84 29.71
N PHE F 196 -48.77 39.87 29.30
CA PHE F 196 -48.55 41.21 29.81
C PHE F 196 -49.23 41.39 31.17
N LYS F 197 -48.79 42.41 31.89
CA LYS F 197 -49.36 42.73 33.20
C LYS F 197 -49.10 44.19 33.51
N MET F 198 -50.16 45.00 33.54
CA MET F 198 -50.04 46.42 33.84
C MET F 198 -50.14 46.65 35.34
N PHE F 199 -49.40 47.66 35.81
CA PHE F 199 -49.40 48.06 37.22
C PHE F 199 -49.68 49.55 37.28
N ASP F 200 -50.91 49.91 37.62
CA ASP F 200 -51.36 51.29 37.58
C ASP F 200 -50.81 52.08 38.76
N VAL F 201 -50.90 53.41 38.63
CA VAL F 201 -50.45 54.31 39.69
C VAL F 201 -51.47 55.38 40.04
N GLY F 202 -52.52 55.57 39.25
CA GLY F 202 -53.47 56.64 39.54
C GLY F 202 -54.21 56.44 40.84
N ALA F 203 -54.52 55.20 41.18
CA ALA F 203 -55.25 54.90 42.41
C ALA F 203 -54.37 54.94 43.65
N GLN F 204 -53.06 55.10 43.50
CA GLN F 204 -52.12 55.15 44.62
C GLN F 204 -51.54 56.54 44.72
N ARG F 205 -51.65 57.15 45.89
CA ARG F 205 -51.14 58.50 46.15
C ARG F 205 -50.16 58.45 47.30
N SER F 206 -48.86 58.45 46.98
CA SER F 206 -47.80 58.41 47.98
C SER F 206 -46.57 59.07 47.37
N GLU F 207 -45.43 58.92 48.06
CA GLU F 207 -44.16 59.44 47.57
C GLU F 207 -43.69 58.57 46.42
N ARG F 208 -44.06 58.95 45.18
CA ARG F 208 -43.80 58.11 44.02
C ARG F 208 -42.32 57.87 43.82
N LYS F 209 -41.50 58.90 43.99
CA LYS F 209 -40.07 58.81 43.70
C LYS F 209 -39.29 57.94 44.67
N LYS F 210 -39.91 57.23 45.63
CA LYS F 210 -39.14 56.44 46.58
C LYS F 210 -39.68 55.04 46.83
N TRP F 211 -40.85 54.69 46.30
CA TRP F 211 -41.32 53.30 46.31
C TRP F 211 -41.21 52.62 44.95
N ILE F 212 -40.78 53.36 43.92
CA ILE F 212 -40.67 52.78 42.57
C ILE F 212 -39.46 51.88 42.41
N HIS F 213 -38.63 51.75 43.45
CA HIS F 213 -37.47 50.86 43.36
C HIS F 213 -37.89 49.41 43.18
N CYS F 214 -39.07 49.04 43.67
CA CYS F 214 -39.59 47.69 43.47
C CYS F 214 -39.91 47.38 42.02
N PHE F 215 -40.07 48.40 41.18
CA PHE F 215 -40.40 48.21 39.77
C PHE F 215 -39.17 48.14 38.88
N GLU F 216 -37.98 48.12 39.46
CA GLU F 216 -36.77 47.94 38.68
C GLU F 216 -36.78 46.57 38.00
N GLY F 217 -36.44 46.54 36.72
CA GLY F 217 -36.49 45.33 35.93
C GLY F 217 -37.74 45.18 35.09
N VAL F 218 -38.67 46.12 35.17
CA VAL F 218 -39.86 46.09 34.32
C VAL F 218 -39.44 46.31 32.88
N THR F 219 -39.92 45.45 31.99
CA THR F 219 -39.45 45.46 30.60
C THR F 219 -39.85 46.76 29.90
N ALA F 220 -41.11 47.16 30.01
CA ALA F 220 -41.59 48.35 29.33
C ALA F 220 -42.47 49.17 30.27
N ILE F 221 -42.33 50.48 30.19
CA ILE F 221 -43.06 51.42 31.02
C ILE F 221 -43.94 52.24 30.08
N ILE F 222 -45.24 51.95 30.08
CA ILE F 222 -46.18 52.66 29.22
C ILE F 222 -46.57 53.97 29.89
N PHE F 223 -46.24 55.08 29.23
CA PHE F 223 -46.62 56.41 29.71
C PHE F 223 -47.74 56.92 28.80
N CYS F 224 -48.84 57.36 29.41
CA CYS F 224 -50.02 57.80 28.67
C CYS F 224 -50.26 59.28 28.96
N VAL F 225 -50.27 60.09 27.91
CA VAL F 225 -50.57 61.51 28.00
C VAL F 225 -51.59 61.85 26.93
N ALA F 226 -52.61 62.62 27.30
CA ALA F 226 -53.68 63.00 26.40
C ALA F 226 -53.37 64.37 25.80
N LEU F 227 -53.43 64.48 24.48
CA LEU F 227 -53.19 65.73 23.77
C LEU F 227 -54.47 66.56 23.70
N SER F 228 -55.08 66.75 24.87
CA SER F 228 -56.32 67.52 24.96
C SER F 228 -56.37 68.43 26.18
N ASP F 229 -55.27 68.58 26.91
CA ASP F 229 -55.28 69.35 28.14
C ASP F 229 -54.06 70.26 28.26
N TYR F 230 -53.63 70.87 27.15
CA TYR F 230 -52.51 71.81 27.23
C TYR F 230 -52.98 73.19 27.62
N ASP F 231 -53.78 73.28 28.68
CA ASP F 231 -54.27 74.52 29.25
C ASP F 231 -54.99 74.20 30.56
N LEU F 232 -54.92 75.14 31.50
CA LEU F 232 -55.54 74.99 32.81
C LEU F 232 -55.39 76.30 33.58
N VAL F 233 -56.34 76.56 34.47
CA VAL F 233 -56.24 77.67 35.40
C VAL F 233 -55.34 77.20 36.53
N LEU F 234 -54.04 77.53 36.43
CA LEU F 234 -53.02 77.00 37.34
C LEU F 234 -53.05 75.48 37.35
N ALA F 235 -53.13 74.88 38.54
CA ALA F 235 -53.24 73.44 38.66
C ALA F 235 -54.18 72.99 39.76
N GLU F 236 -54.86 73.92 40.45
CA GLU F 236 -55.73 73.64 41.60
C GLU F 236 -54.92 73.17 42.80
N ASP F 237 -53.61 72.96 42.60
CA ASP F 237 -52.69 72.69 43.70
C ASP F 237 -51.37 73.46 43.58
N GLU F 238 -50.97 73.90 42.39
CA GLU F 238 -49.76 74.66 42.18
C GLU F 238 -49.97 75.57 40.97
N GLU F 239 -48.88 76.10 40.42
CA GLU F 239 -48.94 76.96 39.23
C GLU F 239 -48.24 76.24 38.09
N MET F 240 -48.99 75.40 37.38
CA MET F 240 -48.47 74.66 36.24
C MET F 240 -49.60 74.01 35.45
N ASN F 241 -49.59 74.18 34.14
CA ASN F 241 -50.60 73.54 33.30
C ASN F 241 -50.35 72.04 33.21
N ARG F 242 -51.37 71.32 32.74
CA ARG F 242 -51.28 69.86 32.69
C ARG F 242 -50.20 69.40 31.74
N MET F 243 -49.98 70.12 30.64
CA MET F 243 -49.00 69.73 29.64
C MET F 243 -47.60 69.70 30.21
N HIS F 244 -47.20 70.77 30.91
CA HIS F 244 -45.88 70.80 31.52
C HIS F 244 -45.81 69.90 32.74
N ALA F 245 -46.92 69.78 33.47
CA ALA F 245 -46.97 68.87 34.61
C ALA F 245 -46.76 67.43 34.15
N SER F 246 -47.41 67.05 33.06
CA SER F 246 -47.18 65.72 32.48
C SER F 246 -45.74 65.57 32.00
N MET F 247 -45.20 66.62 31.38
CA MET F 247 -43.80 66.63 30.97
C MET F 247 -42.84 66.65 32.14
N LYS F 248 -43.29 67.08 33.32
CA LYS F 248 -42.49 67.02 34.53
C LYS F 248 -42.48 65.63 35.16
N LEU F 249 -43.40 64.76 34.76
CA LEU F 249 -43.42 63.38 35.19
C LEU F 249 -42.77 62.43 34.18
N PHE F 250 -42.93 62.70 32.89
CA PHE F 250 -42.27 61.90 31.87
C PHE F 250 -40.75 62.00 31.98
N ASP F 251 -40.24 63.21 32.20
CA ASP F 251 -38.80 63.40 32.35
C ASP F 251 -38.29 62.78 33.64
N SER F 252 -39.04 62.93 34.74
CA SER F 252 -38.62 62.39 36.02
C SER F 252 -38.58 60.86 36.00
N ILE F 253 -39.58 60.24 35.35
CA ILE F 253 -39.65 58.78 35.34
C ILE F 253 -38.56 58.18 34.46
N CYS F 254 -37.98 58.95 33.55
CA CYS F 254 -36.90 58.47 32.70
C CYS F 254 -35.54 58.99 33.12
N ASN F 255 -35.45 59.62 34.29
CA ASN F 255 -34.18 60.12 34.81
C ASN F 255 -33.78 59.53 36.14
N ASN F 256 -34.72 58.97 36.91
CA ASN F 256 -34.37 58.31 38.16
C ASN F 256 -33.52 57.07 37.89
N LYS F 257 -32.59 56.80 38.80
CA LYS F 257 -31.64 55.72 38.59
C LYS F 257 -32.24 54.36 38.93
N TRP F 258 -33.43 54.09 38.41
CA TRP F 258 -34.08 52.79 38.55
C TRP F 258 -34.55 52.22 37.22
N PHE F 259 -35.01 53.06 36.30
CA PHE F 259 -35.64 52.62 35.07
C PHE F 259 -34.82 52.90 33.82
N THR F 260 -33.59 53.39 33.97
CA THR F 260 -32.79 53.75 32.80
C THR F 260 -32.04 52.55 32.25
N GLU F 261 -32.75 51.46 31.98
CA GLU F 261 -32.08 50.32 31.36
C GLU F 261 -32.80 49.79 30.12
N THR F 262 -34.13 49.69 30.15
CA THR F 262 -34.82 49.03 29.05
C THR F 262 -35.39 49.99 28.01
N SER F 263 -36.36 50.81 28.41
CA SER F 263 -37.05 51.72 27.49
C SER F 263 -38.11 52.48 28.29
N ILE F 264 -38.74 53.45 27.61
CA ILE F 264 -39.90 54.14 28.13
C ILE F 264 -40.93 54.28 27.00
N ILE F 265 -41.99 53.48 27.06
CA ILE F 265 -43.02 53.49 26.02
C ILE F 265 -43.98 54.65 26.28
N LEU F 266 -44.25 55.43 25.25
CA LEU F 266 -45.17 56.56 25.36
C LEU F 266 -46.42 56.32 24.50
N PHE F 267 -47.57 56.70 25.03
CA PHE F 267 -48.83 56.63 24.32
C PHE F 267 -49.43 58.02 24.20
N LEU F 268 -49.93 58.34 23.02
CA LEU F 268 -50.47 59.67 22.70
C LEU F 268 -51.99 59.56 22.67
N ASN F 269 -52.63 59.74 23.83
CA ASN F 269 -54.06 59.64 23.93
C ASN F 269 -54.74 60.93 23.46
N LYS F 270 -56.07 60.86 23.34
CA LYS F 270 -56.89 61.98 22.87
C LYS F 270 -56.41 62.48 21.52
N LYS F 271 -56.07 61.54 20.64
CA LYS F 271 -55.63 61.91 19.29
C LYS F 271 -56.77 62.47 18.46
N ASP F 272 -57.97 61.90 18.60
CA ASP F 272 -59.11 62.38 17.82
C ASP F 272 -59.51 63.78 18.22
N LEU F 273 -59.60 64.04 19.53
CA LEU F 273 -60.02 65.35 20.01
C LEU F 273 -58.93 66.40 19.83
N PHE F 274 -57.69 65.99 19.56
CA PHE F 274 -56.61 66.95 19.37
C PHE F 274 -56.87 67.86 18.18
N GLU F 275 -57.44 67.30 17.10
CA GLU F 275 -57.75 68.10 15.93
C GLU F 275 -58.82 69.14 16.21
N GLU F 276 -59.81 68.81 17.05
CA GLU F 276 -60.86 69.74 17.44
C GLU F 276 -60.37 70.81 18.41
N LYS F 277 -59.06 70.92 18.61
CA LYS F 277 -58.49 72.01 19.40
C LYS F 277 -57.29 72.65 18.74
N ILE F 278 -56.73 72.08 17.67
CA ILE F 278 -55.56 72.65 17.03
C ILE F 278 -55.94 73.82 16.12
N LYS F 279 -57.13 73.79 15.51
CA LYS F 279 -57.57 74.93 14.72
C LYS F 279 -58.14 76.04 15.60
N ARG F 280 -58.52 75.70 16.84
CA ARG F 280 -58.71 76.72 17.87
C ARG F 280 -57.36 77.11 18.45
N SER F 281 -57.37 77.78 19.62
CA SER F 281 -56.18 78.32 20.28
C SER F 281 -54.99 77.38 20.16
N PRO F 282 -53.88 77.85 19.57
CA PRO F 282 -52.80 76.95 19.17
C PRO F 282 -51.93 76.54 20.35
N LEU F 283 -50.86 75.82 20.03
CA LEU F 283 -49.91 75.34 21.03
C LEU F 283 -49.08 76.45 21.65
N THR F 284 -49.16 77.67 21.12
CA THR F 284 -48.42 78.79 21.70
C THR F 284 -48.85 79.08 23.13
N ILE F 285 -50.04 78.65 23.54
CA ILE F 285 -50.49 78.84 24.91
C ILE F 285 -49.57 78.10 25.87
N CYS F 286 -49.25 76.85 25.55
CA CYS F 286 -48.36 76.03 26.39
C CYS F 286 -46.90 76.22 25.96
N TYR F 287 -46.66 76.19 24.66
CA TYR F 287 -45.29 76.25 24.14
C TYR F 287 -45.07 77.57 23.42
N PRO F 288 -44.48 78.56 24.08
CA PRO F 288 -44.29 79.89 23.46
C PRO F 288 -43.42 79.85 22.21
N GLU F 289 -42.45 78.94 22.19
CA GLU F 289 -41.45 78.91 21.12
C GLU F 289 -41.95 78.16 19.89
N TYR F 290 -43.22 77.77 19.88
CA TYR F 290 -43.79 77.06 18.75
C TYR F 290 -43.83 77.97 17.53
N THR F 291 -43.13 77.58 16.47
CA THR F 291 -43.09 78.33 15.22
C THR F 291 -43.31 77.33 14.08
N GLY F 292 -44.52 77.29 13.54
CA GLY F 292 -44.82 76.36 12.48
C GLY F 292 -46.23 76.57 11.96
N SER F 293 -46.72 75.56 11.25
CA SER F 293 -48.05 75.61 10.66
C SER F 293 -49.10 75.33 11.74
N ASN F 294 -50.36 75.22 11.34
CA ASN F 294 -51.47 74.99 12.23
C ASN F 294 -52.30 73.79 11.77
N THR F 295 -51.61 72.70 11.41
CA THR F 295 -52.25 71.48 10.94
C THR F 295 -51.75 70.31 11.76
N TYR F 296 -52.31 69.13 11.49
CA TYR F 296 -51.94 67.94 12.24
C TYR F 296 -50.52 67.50 11.92
N GLU F 297 -50.09 67.64 10.66
CA GLU F 297 -48.77 67.17 10.26
C GLU F 297 -47.67 67.92 11.00
N GLU F 298 -47.76 69.26 11.03
CA GLU F 298 -46.76 70.04 11.75
C GLU F 298 -46.83 69.80 13.25
N ALA F 299 -48.05 69.72 13.80
CA ALA F 299 -48.20 69.52 15.23
C ALA F 299 -47.66 68.17 15.69
N ALA F 300 -47.90 67.12 14.89
CA ALA F 300 -47.52 65.77 15.29
C ALA F 300 -46.01 65.66 15.48
N ALA F 301 -45.24 66.28 14.57
CA ALA F 301 -43.78 66.24 14.69
C ALA F 301 -43.32 66.95 15.97
N TYR F 302 -44.02 68.00 16.37
CA TYR F 302 -43.65 68.73 17.58
C TYR F 302 -43.84 67.86 18.82
N ILE F 303 -44.91 67.06 18.86
CA ILE F 303 -45.24 66.29 20.07
C ILE F 303 -44.09 65.36 20.44
N GLN F 304 -43.45 64.76 19.43
CA GLN F 304 -42.30 63.91 19.70
C GLN F 304 -41.17 64.70 20.35
N CYS F 305 -40.92 65.91 19.86
CA CYS F 305 -39.85 66.73 20.42
C CYS F 305 -40.14 67.11 21.87
N GLN F 306 -41.41 67.35 22.20
CA GLN F 306 -41.76 67.74 23.56
C GLN F 306 -41.51 66.62 24.56
N PHE F 307 -41.74 65.37 24.15
CA PHE F 307 -41.69 64.24 25.07
C PHE F 307 -40.47 63.35 24.83
N GLU F 308 -40.24 62.91 23.59
CA GLU F 308 -39.11 62.02 23.33
C GLU F 308 -37.78 62.70 23.61
N ASP F 309 -37.68 63.99 23.33
CA ASP F 309 -36.45 64.75 23.60
C ASP F 309 -36.45 65.24 25.05
N LEU F 310 -36.59 64.28 25.96
CA LEU F 310 -36.54 64.55 27.39
C LEU F 310 -35.57 63.62 28.09
N ASN F 311 -34.60 63.07 27.36
CA ASN F 311 -33.62 62.13 27.89
C ASN F 311 -32.23 62.76 27.76
N ARG F 312 -31.57 62.97 28.91
CA ARG F 312 -30.19 63.42 28.92
C ARG F 312 -29.27 62.26 28.53
N ARG F 313 -29.82 61.05 28.52
CA ARG F 313 -29.08 59.87 28.12
C ARG F 313 -29.87 59.13 27.05
N LYS F 314 -29.23 58.83 25.93
CA LYS F 314 -29.88 58.14 24.82
C LYS F 314 -29.14 56.88 24.39
N ASP F 315 -28.02 56.54 25.05
CA ASP F 315 -27.26 55.35 24.65
C ASP F 315 -28.02 54.07 24.96
N THR F 316 -28.76 54.05 26.06
CA THR F 316 -29.47 52.85 26.51
C THR F 316 -30.98 52.99 26.48
N LYS F 317 -31.51 54.16 26.84
CA LYS F 317 -32.95 54.35 26.90
C LYS F 317 -33.49 54.85 25.57
N GLU F 318 -34.70 54.39 25.24
CA GLU F 318 -35.38 54.79 24.02
C GLU F 318 -36.83 55.11 24.34
N ILE F 319 -37.42 56.00 23.55
CA ILE F 319 -38.81 56.40 23.70
C ILE F 319 -39.57 55.94 22.46
N TYR F 320 -40.65 55.19 22.68
CA TYR F 320 -41.48 54.68 21.59
C TYR F 320 -42.76 55.51 21.54
N THR F 321 -42.68 56.62 20.80
CA THR F 321 -43.82 57.52 20.66
C THR F 321 -44.71 57.05 19.50
N HIS F 322 -45.99 56.84 19.80
CA HIS F 322 -46.94 56.40 18.79
C HIS F 322 -48.34 56.72 19.28
N PHE F 323 -49.22 57.10 18.36
CA PHE F 323 -50.51 57.66 18.70
C PHE F 323 -51.44 56.57 19.24
N THR F 324 -52.70 56.91 19.45
CA THR F 324 -53.69 55.96 19.97
C THR F 324 -54.94 56.01 19.10
N CYS F 325 -55.60 54.85 18.99
CA CYS F 325 -56.83 54.71 18.25
C CYS F 325 -58.00 54.56 19.22
N SER F 326 -59.07 55.32 19.00
CA SER F 326 -60.19 55.32 19.93
C SER F 326 -60.92 53.98 19.92
N THR F 327 -61.24 53.46 18.73
CA THR F 327 -62.05 52.26 18.58
C THR F 327 -61.40 51.31 17.58
N ASP F 328 -60.10 51.07 17.74
CA ASP F 328 -59.38 50.14 16.88
C ASP F 328 -58.42 49.32 17.73
N THR F 329 -58.00 48.18 17.19
CA THR F 329 -57.11 47.27 17.87
C THR F 329 -55.63 47.55 17.59
N LYS F 330 -55.33 48.61 16.83
CA LYS F 330 -53.94 48.94 16.53
C LYS F 330 -53.17 49.39 17.76
N ASN F 331 -53.87 49.81 18.82
CA ASN F 331 -53.19 50.23 20.04
C ASN F 331 -52.43 49.06 20.69
N VAL F 332 -53.06 47.89 20.74
CA VAL F 332 -52.39 46.73 21.34
C VAL F 332 -51.33 46.17 20.38
N GLN F 333 -51.48 46.42 19.09
CA GLN F 333 -50.45 46.00 18.14
C GLN F 333 -49.13 46.72 18.38
N PHE F 334 -49.21 48.02 18.70
CA PHE F 334 -48.00 48.77 19.03
C PHE F 334 -47.38 48.28 20.33
N VAL F 335 -48.20 47.74 21.24
CA VAL F 335 -47.67 47.21 22.49
C VAL F 335 -46.77 46.02 22.23
N PHE F 336 -47.21 45.09 21.37
CA PHE F 336 -46.50 43.83 21.19
C PHE F 336 -45.11 44.04 20.61
N ASP F 337 -45.02 44.76 19.49
CA ASP F 337 -43.73 44.89 18.81
C ASP F 337 -42.77 45.80 19.57
N ALA F 338 -43.30 46.86 20.20
CA ALA F 338 -42.45 47.73 21.00
C ALA F 338 -41.89 46.99 22.21
N VAL F 339 -42.72 46.18 22.87
CA VAL F 339 -42.24 45.36 23.97
C VAL F 339 -41.29 44.29 23.45
N THR F 340 -41.58 43.73 22.27
CA THR F 340 -40.66 42.78 21.66
C THR F 340 -39.34 43.45 21.31
N ASP F 341 -39.39 44.68 20.79
CA ASP F 341 -38.16 45.37 20.40
C ASP F 341 -37.24 45.60 21.58
N VAL F 342 -37.79 46.06 22.72
CA VAL F 342 -36.95 46.28 23.89
C VAL F 342 -36.50 44.95 24.49
N ILE F 343 -37.33 43.91 24.40
CA ILE F 343 -36.92 42.58 24.87
C ILE F 343 -35.73 42.09 24.07
N ILE F 344 -35.78 42.24 22.74
CA ILE F 344 -34.67 41.81 21.90
C ILE F 344 -33.42 42.61 22.22
N LYS F 345 -33.57 43.93 22.32
CA LYS F 345 -32.43 44.79 22.64
C LYS F 345 -31.87 44.48 24.02
N ASN F 346 -32.73 44.04 24.95
CA ASN F 346 -32.24 43.67 26.29
C ASN F 346 -31.28 42.50 26.21
N ASN F 347 -31.62 41.48 25.43
CA ASN F 347 -30.70 40.36 25.22
C ASN F 347 -29.47 40.81 24.42
N LEU F 348 -29.68 41.67 23.42
CA LEU F 348 -28.55 42.18 22.64
C LEU F 348 -27.63 43.03 23.50
N LYS F 349 -28.19 43.87 24.38
CA LYS F 349 -27.36 44.70 25.25
C LYS F 349 -26.50 43.84 26.17
N GLU F 350 -27.09 42.77 26.71
CA GLU F 350 -26.30 41.82 27.49
C GLU F 350 -25.36 41.04 26.57
N CYS F 351 -24.32 40.48 27.17
CA CYS F 351 -23.30 39.67 26.50
C CYS F 351 -22.48 40.47 25.49
N GLY F 352 -22.60 41.80 25.49
CA GLY F 352 -21.80 42.64 24.62
C GLY F 352 -22.02 42.39 23.13
N LEU F 353 -23.30 42.32 22.72
CA LEU F 353 -23.62 42.07 21.32
C LEU F 353 -24.34 43.22 20.64
N TYR F 354 -24.96 44.13 21.39
CA TYR F 354 -25.66 45.26 20.80
C TYR F 354 -24.69 46.37 20.40
C01 BK0 G . -17.45 22.83 -8.50
C02 BK0 G . -17.21 23.48 -9.71
C03 BK0 G . -16.79 22.73 -10.78
C05 BK0 G . -16.82 20.79 -9.54
C06 BK0 G . -17.26 21.47 -8.41
C07 BK0 G . -16.59 19.29 -9.46
C10 BK0 G . -17.08 17.07 -8.29
C11 BK0 G . -17.24 16.23 -9.39
C12 BK0 G . -17.07 14.87 -9.24
C13 BK0 G . -16.75 14.33 -8.00
C14 BK0 G . -16.61 15.17 -6.91
C15 BK0 G . -16.78 16.54 -7.05
N04 BK0 G . -16.59 21.42 -10.68
N09 BK0 G . -17.26 18.51 -8.43
O08 BK0 G . -15.87 18.76 -10.24
CL16 BK0 G . -17.26 13.79 -10.65
N SEP H . 39.35 -52.96 -34.94
CA SEP H . 38.36 -53.90 -35.48
CB SEP H . 37.56 -54.54 -34.36
OG SEP H . 36.49 -55.32 -34.88
C SEP H . 37.43 -53.21 -36.47
O SEP H . 37.87 -52.55 -37.41
OXT SEP H . 36.21 -53.31 -36.36
P SEP H . 36.24 -56.61 -33.95
O1P SEP H . 37.39 -57.70 -34.26
O2P SEP H . 34.80 -57.24 -34.27
O3P SEP H . 36.32 -56.18 -32.40
N SEP I . 53.82 -33.65 -44.80
CA SEP I . 54.96 -32.77 -44.56
CB SEP I . 54.74 -31.40 -45.20
OG SEP I . 55.81 -30.52 -44.91
C SEP I . 55.24 -32.60 -43.07
O SEP I . 54.99 -33.51 -42.28
OXT SEP I . 55.70 -31.56 -42.62
P SEP I . 56.58 -30.11 -46.25
O1P SEP I . 57.57 -31.30 -46.68
O2P SEP I . 57.44 -28.77 -46.00
O3P SEP I . 55.52 -29.85 -47.43
#